data_5GW6
# 
_entry.id   5GW6 
# 
_audit_conform.dict_name       mmcif_pdbx.dic 
_audit_conform.dict_version    5.380 
_audit_conform.dict_location   http://mmcif.pdb.org/dictionaries/ascii/mmcif_pdbx.dic 
# 
loop_
_database_2.database_id 
_database_2.database_code 
_database_2.pdbx_database_accession 
_database_2.pdbx_DOI 
PDB   5GW6         pdb_00005gw6 10.2210/pdb5gw6/pdb 
WWPDB D_1300001574 ?            ?                   
# 
_pdbx_database_PDB_obs_spr.id               SPRSDE 
_pdbx_database_PDB_obs_spr.date             2016-10-19 
_pdbx_database_PDB_obs_spr.pdb_id           5GW6 
_pdbx_database_PDB_obs_spr.replace_pdb_id   5ABI 
_pdbx_database_PDB_obs_spr.details          ? 
# 
_pdbx_database_status.status_code                     REL 
_pdbx_database_status.status_code_sf                  REL 
_pdbx_database_status.status_code_mr                  ? 
_pdbx_database_status.entry_id                        5GW6 
_pdbx_database_status.recvd_initial_deposition_date   2016-09-08 
_pdbx_database_status.SG_entry                        N 
_pdbx_database_status.deposit_site                    PDBJ 
_pdbx_database_status.process_site                    PDBJ 
_pdbx_database_status.status_code_cs                  ? 
_pdbx_database_status.methods_development_category    ? 
_pdbx_database_status.pdb_format_compatible           Y 
_pdbx_database_status.status_code_nmr_data            ? 
# 
_audit_author.name           'Brown, C.J.' 
_audit_author.pdbx_ordinal   1 
# 
_citation.abstract                  ? 
_citation.abstract_id_CAS           ? 
_citation.book_id_ISBN              ? 
_citation.book_publisher            ? 
_citation.book_publisher_city       ? 
_citation.book_title                ? 
_citation.coordinate_linkage        ? 
_citation.country                   UK 
_citation.database_id_Medline       ? 
_citation.details                   ? 
_citation.id                        primary 
_citation.journal_abbrev            Structure 
_citation.journal_id_ASTM           STRUE6 
_citation.journal_id_CSD            2005 
_citation.journal_id_ISSN           1878-4186 
_citation.journal_full              ? 
_citation.journal_issue             ? 
_citation.journal_volume            25 
_citation.language                  ? 
_citation.page_first                188 
_citation.page_last                 194 
_citation.title                     'Water-Bridge Mediates Recognition of mRNA Cap in eIF4E' 
_citation.year                      2017 
_citation.database_id_CSD           ? 
_citation.pdbx_database_id_DOI      10.1016/j.str.2016.11.006 
_citation.pdbx_database_id_PubMed   27916520 
_citation.unpublished_flag          ? 
# 
loop_
_citation_author.citation_id 
_citation_author.name 
_citation_author.ordinal 
_citation_author.identifier_ORCID 
primary 'Lama, D.'      1 ? 
primary 'Pradhan, M.R.' 2 ? 
primary 'Brown, C.J.'   3 ? 
primary 'Eapen, R.S.'   4 ? 
primary 'Joseph, T.L.'  5 ? 
primary 'Kwoh, C.K.'    6 ? 
primary 'Lane, D.P.'    7 ? 
primary 'Verma, C.S.'   8 ? 
# 
_cell.angle_alpha                  90.00 
_cell.angle_alpha_esd              ? 
_cell.angle_beta                   90.00 
_cell.angle_beta_esd               ? 
_cell.angle_gamma                  90.00 
_cell.angle_gamma_esd              ? 
_cell.entry_id                     5GW6 
_cell.details                      ? 
_cell.formula_units_Z              ? 
_cell.length_a                     121.695 
_cell.length_a_esd                 ? 
_cell.length_b                     128.024 
_cell.length_b_esd                 ? 
_cell.length_c                     38.469 
_cell.length_c_esd                 ? 
_cell.volume                       ? 
_cell.volume_esd                   ? 
_cell.Z_PDB                        8 
_cell.reciprocal_angle_alpha       ? 
_cell.reciprocal_angle_beta        ? 
_cell.reciprocal_angle_gamma       ? 
_cell.reciprocal_angle_alpha_esd   ? 
_cell.reciprocal_angle_beta_esd    ? 
_cell.reciprocal_angle_gamma_esd   ? 
_cell.reciprocal_length_a          ? 
_cell.reciprocal_length_b          ? 
_cell.reciprocal_length_c          ? 
_cell.reciprocal_length_a_esd      ? 
_cell.reciprocal_length_b_esd      ? 
_cell.reciprocal_length_c_esd      ? 
_cell.pdbx_unique_axis             ? 
# 
_symmetry.entry_id                         5GW6 
_symmetry.cell_setting                     ? 
_symmetry.Int_Tables_number                20 
_symmetry.space_group_name_Hall            ? 
_symmetry.space_group_name_H-M             'C 2 2 21' 
_symmetry.pdbx_full_space_group_name_H-M   ? 
# 
loop_
_entity.id 
_entity.type 
_entity.src_method 
_entity.pdbx_description 
_entity.formula_weight 
_entity.pdbx_number_of_molecules 
_entity.pdbx_ec 
_entity.pdbx_mutation 
_entity.pdbx_fragment 
_entity.details 
1 polymer     man 'Eukaryotic translation initiation factor 4E' 22703.631 1   ? 'E105A, K106A, K108A' ? ? 
2 non-polymer syn GLYCEROL                                      92.094    3   ? ?                     ? ? 
3 water       nat water                                         18.015    101 ? ?                     ? ? 
# 
_entity_name_com.entity_id   1 
_entity_name_com.name        'eIF4E,eIF-4F 25 kDa subunit,mRNA cap-binding protein' 
# 
_entity_poly.entity_id                      1 
_entity_poly.type                           'polypeptide(L)' 
_entity_poly.nstd_linkage                   no 
_entity_poly.nstd_monomer                   no 
_entity_poly.pdbx_seq_one_letter_code       
;MESNQEVANPEHYIKHPLQNRWALWFFKNDKSKTWQANLRLISKFDTVEDFWALYNHIQLSSNLMPGCDYSLFKDGIEPM
WEDAANARGGRWLITLNKQQRRSDLDRFWLETLLCLIGESFDDYSDDVCGAVVNVRAKGDKIAIWTTECENREAVTHIGR
VYKERLGLPPKIVIGYQSHADTATKSGSTTKNRFVV
;
_entity_poly.pdbx_seq_one_letter_code_can   
;MESNQEVANPEHYIKHPLQNRWALWFFKNDKSKTWQANLRLISKFDTVEDFWALYNHIQLSSNLMPGCDYSLFKDGIEPM
WEDAANARGGRWLITLNKQQRRSDLDRFWLETLLCLIGESFDDYSDDVCGAVVNVRAKGDKIAIWTTECENREAVTHIGR
VYKERLGLPPKIVIGYQSHADTATKSGSTTKNRFVV
;
_entity_poly.pdbx_strand_id                 A 
_entity_poly.pdbx_target_identifier         ? 
# 
loop_
_entity_poly_seq.entity_id 
_entity_poly_seq.num 
_entity_poly_seq.mon_id 
_entity_poly_seq.hetero 
1 1   MET n 
1 2   GLU n 
1 3   SER n 
1 4   ASN n 
1 5   GLN n 
1 6   GLU n 
1 7   VAL n 
1 8   ALA n 
1 9   ASN n 
1 10  PRO n 
1 11  GLU n 
1 12  HIS n 
1 13  TYR n 
1 14  ILE n 
1 15  LYS n 
1 16  HIS n 
1 17  PRO n 
1 18  LEU n 
1 19  GLN n 
1 20  ASN n 
1 21  ARG n 
1 22  TRP n 
1 23  ALA n 
1 24  LEU n 
1 25  TRP n 
1 26  PHE n 
1 27  PHE n 
1 28  LYS n 
1 29  ASN n 
1 30  ASP n 
1 31  LYS n 
1 32  SER n 
1 33  LYS n 
1 34  THR n 
1 35  TRP n 
1 36  GLN n 
1 37  ALA n 
1 38  ASN n 
1 39  LEU n 
1 40  ARG n 
1 41  LEU n 
1 42  ILE n 
1 43  SER n 
1 44  LYS n 
1 45  PHE n 
1 46  ASP n 
1 47  THR n 
1 48  VAL n 
1 49  GLU n 
1 50  ASP n 
1 51  PHE n 
1 52  TRP n 
1 53  ALA n 
1 54  LEU n 
1 55  TYR n 
1 56  ASN n 
1 57  HIS n 
1 58  ILE n 
1 59  GLN n 
1 60  LEU n 
1 61  SER n 
1 62  SER n 
1 63  ASN n 
1 64  LEU n 
1 65  MET n 
1 66  PRO n 
1 67  GLY n 
1 68  CYS n 
1 69  ASP n 
1 70  TYR n 
1 71  SER n 
1 72  LEU n 
1 73  PHE n 
1 74  LYS n 
1 75  ASP n 
1 76  GLY n 
1 77  ILE n 
1 78  GLU n 
1 79  PRO n 
1 80  MET n 
1 81  TRP n 
1 82  GLU n 
1 83  ASP n 
1 84  ALA n 
1 85  ALA n 
1 86  ASN n 
1 87  ALA n 
1 88  ARG n 
1 89  GLY n 
1 90  GLY n 
1 91  ARG n 
1 92  TRP n 
1 93  LEU n 
1 94  ILE n 
1 95  THR n 
1 96  LEU n 
1 97  ASN n 
1 98  LYS n 
1 99  GLN n 
1 100 GLN n 
1 101 ARG n 
1 102 ARG n 
1 103 SER n 
1 104 ASP n 
1 105 LEU n 
1 106 ASP n 
1 107 ARG n 
1 108 PHE n 
1 109 TRP n 
1 110 LEU n 
1 111 GLU n 
1 112 THR n 
1 113 LEU n 
1 114 LEU n 
1 115 CYS n 
1 116 LEU n 
1 117 ILE n 
1 118 GLY n 
1 119 GLU n 
1 120 SER n 
1 121 PHE n 
1 122 ASP n 
1 123 ASP n 
1 124 TYR n 
1 125 SER n 
1 126 ASP n 
1 127 ASP n 
1 128 VAL n 
1 129 CYS n 
1 130 GLY n 
1 131 ALA n 
1 132 VAL n 
1 133 VAL n 
1 134 ASN n 
1 135 VAL n 
1 136 ARG n 
1 137 ALA n 
1 138 LYS n 
1 139 GLY n 
1 140 ASP n 
1 141 LYS n 
1 142 ILE n 
1 143 ALA n 
1 144 ILE n 
1 145 TRP n 
1 146 THR n 
1 147 THR n 
1 148 GLU n 
1 149 CYS n 
1 150 GLU n 
1 151 ASN n 
1 152 ARG n 
1 153 GLU n 
1 154 ALA n 
1 155 VAL n 
1 156 THR n 
1 157 HIS n 
1 158 ILE n 
1 159 GLY n 
1 160 ARG n 
1 161 VAL n 
1 162 TYR n 
1 163 LYS n 
1 164 GLU n 
1 165 ARG n 
1 166 LEU n 
1 167 GLY n 
1 168 LEU n 
1 169 PRO n 
1 170 PRO n 
1 171 LYS n 
1 172 ILE n 
1 173 VAL n 
1 174 ILE n 
1 175 GLY n 
1 176 TYR n 
1 177 GLN n 
1 178 SER n 
1 179 HIS n 
1 180 ALA n 
1 181 ASP n 
1 182 THR n 
1 183 ALA n 
1 184 THR n 
1 185 LYS n 
1 186 SER n 
1 187 GLY n 
1 188 SER n 
1 189 THR n 
1 190 THR n 
1 191 LYS n 
1 192 ASN n 
1 193 ARG n 
1 194 PHE n 
1 195 VAL n 
1 196 VAL n 
# 
_entity_src_gen.entity_id                          1 
_entity_src_gen.pdbx_src_id                        1 
_entity_src_gen.pdbx_alt_source_flag               sample 
_entity_src_gen.pdbx_seq_type                      'Biological sequence' 
_entity_src_gen.pdbx_beg_seq_num                   1 
_entity_src_gen.pdbx_end_seq_num                   196 
_entity_src_gen.gene_src_common_name               Human 
_entity_src_gen.gene_src_genus                     ? 
_entity_src_gen.pdbx_gene_src_gene                 'EIF4E, EIF4EL1, EIF4F' 
_entity_src_gen.gene_src_species                   ? 
_entity_src_gen.gene_src_strain                    ? 
_entity_src_gen.gene_src_tissue                    ? 
_entity_src_gen.gene_src_tissue_fraction           ? 
_entity_src_gen.gene_src_details                   ? 
_entity_src_gen.pdbx_gene_src_fragment             ? 
_entity_src_gen.pdbx_gene_src_scientific_name      'Homo sapiens' 
_entity_src_gen.pdbx_gene_src_ncbi_taxonomy_id     9606 
_entity_src_gen.pdbx_gene_src_variant              ? 
_entity_src_gen.pdbx_gene_src_cell_line            ? 
_entity_src_gen.pdbx_gene_src_atcc                 ? 
_entity_src_gen.pdbx_gene_src_organ                ? 
_entity_src_gen.pdbx_gene_src_organelle            ? 
_entity_src_gen.pdbx_gene_src_cell                 ? 
_entity_src_gen.pdbx_gene_src_cellular_location    ? 
_entity_src_gen.host_org_common_name               ? 
_entity_src_gen.pdbx_host_org_scientific_name      'Escherichia coli BL21(DE3)' 
_entity_src_gen.pdbx_host_org_ncbi_taxonomy_id     469008 
_entity_src_gen.host_org_genus                     ? 
_entity_src_gen.pdbx_host_org_gene                 ? 
_entity_src_gen.pdbx_host_org_organ                ? 
_entity_src_gen.host_org_species                   ? 
_entity_src_gen.pdbx_host_org_tissue               ? 
_entity_src_gen.pdbx_host_org_tissue_fraction      ? 
_entity_src_gen.pdbx_host_org_strain               'BL21(DE3)' 
_entity_src_gen.pdbx_host_org_variant              ? 
_entity_src_gen.pdbx_host_org_cell_line            ? 
_entity_src_gen.pdbx_host_org_atcc                 ? 
_entity_src_gen.pdbx_host_org_culture_collection   ? 
_entity_src_gen.pdbx_host_org_cell                 ? 
_entity_src_gen.pdbx_host_org_organelle            ? 
_entity_src_gen.pdbx_host_org_cellular_location    ? 
_entity_src_gen.pdbx_host_org_vector_type          ? 
_entity_src_gen.pdbx_host_org_vector               ? 
_entity_src_gen.host_org_details                   ? 
_entity_src_gen.expression_system_id               ? 
_entity_src_gen.plasmid_name                       pET11d 
_entity_src_gen.plasmid_details                    ? 
_entity_src_gen.pdbx_description                   ? 
# 
_struct_ref.id                         1 
_struct_ref.db_name                    UNP 
_struct_ref.db_code                    IF4E_HUMAN 
_struct_ref.pdbx_db_accession          P06730 
_struct_ref.pdbx_db_isoform            ? 
_struct_ref.entity_id                  1 
_struct_ref.pdbx_seq_one_letter_code   
;ESNQEVANPEHYIKHPLQNRWALWFFKNDKSKTWQANLRLISKFDTVEDFWALYNHIQLSSNLMPGCDYSLFKDGIEPMW
EDEKNKRGGRWLITLNKQQRRSDLDRFWLETLLCLIGESFDDYSDDVCGAVVNVRAKGDKIAIWTTECENREAVTHIGRV
YKERLGLPPKIVIGYQSHADTATKSGSTTKNRFVV
;
_struct_ref.pdbx_align_begin           23 
# 
_struct_ref_seq.align_id                      1 
_struct_ref_seq.ref_id                        1 
_struct_ref_seq.pdbx_PDB_id_code              5GW6 
_struct_ref_seq.pdbx_strand_id                A 
_struct_ref_seq.seq_align_beg                 2 
_struct_ref_seq.pdbx_seq_align_beg_ins_code   ? 
_struct_ref_seq.seq_align_end                 196 
_struct_ref_seq.pdbx_seq_align_end_ins_code   ? 
_struct_ref_seq.pdbx_db_accession             P06730 
_struct_ref_seq.db_align_beg                  23 
_struct_ref_seq.pdbx_db_align_beg_ins_code    ? 
_struct_ref_seq.db_align_end                  217 
_struct_ref_seq.pdbx_db_align_end_ins_code    ? 
_struct_ref_seq.pdbx_auth_seq_align_beg       23 
_struct_ref_seq.pdbx_auth_seq_align_end       217 
# 
loop_
_struct_ref_seq_dif.align_id 
_struct_ref_seq_dif.pdbx_pdb_id_code 
_struct_ref_seq_dif.mon_id 
_struct_ref_seq_dif.pdbx_pdb_strand_id 
_struct_ref_seq_dif.seq_num 
_struct_ref_seq_dif.pdbx_pdb_ins_code 
_struct_ref_seq_dif.pdbx_seq_db_name 
_struct_ref_seq_dif.pdbx_seq_db_accession_code 
_struct_ref_seq_dif.db_mon_id 
_struct_ref_seq_dif.pdbx_seq_db_seq_num 
_struct_ref_seq_dif.details 
_struct_ref_seq_dif.pdbx_auth_seq_num 
_struct_ref_seq_dif.pdbx_ordinal 
1 5GW6 MET A 1  ? UNP P06730 ?   ?   'initiating methionine' 22  1 
1 5GW6 ALA A 84 ? UNP P06730 GLU 105 'engineered mutation'   105 2 
1 5GW6 ALA A 85 ? UNP P06730 LYS 106 'engineered mutation'   106 3 
1 5GW6 ALA A 87 ? UNP P06730 LYS 108 'engineered mutation'   108 4 
# 
loop_
_chem_comp.id 
_chem_comp.type 
_chem_comp.mon_nstd_flag 
_chem_comp.name 
_chem_comp.pdbx_synonyms 
_chem_comp.formula 
_chem_comp.formula_weight 
ALA 'L-peptide linking' y ALANINE         ?                               'C3 H7 N O2'     89.093  
ARG 'L-peptide linking' y ARGININE        ?                               'C6 H15 N4 O2 1' 175.209 
ASN 'L-peptide linking' y ASPARAGINE      ?                               'C4 H8 N2 O3'    132.118 
ASP 'L-peptide linking' y 'ASPARTIC ACID' ?                               'C4 H7 N O4'     133.103 
CYS 'L-peptide linking' y CYSTEINE        ?                               'C3 H7 N O2 S'   121.158 
GLN 'L-peptide linking' y GLUTAMINE       ?                               'C5 H10 N2 O3'   146.144 
GLU 'L-peptide linking' y 'GLUTAMIC ACID' ?                               'C5 H9 N O4'     147.129 
GLY 'peptide linking'   y GLYCINE         ?                               'C2 H5 N O2'     75.067  
GOL non-polymer         . GLYCEROL        'GLYCERIN; PROPANE-1,2,3-TRIOL' 'C3 H8 O3'       92.094  
HIS 'L-peptide linking' y HISTIDINE       ?                               'C6 H10 N3 O2 1' 156.162 
HOH non-polymer         . WATER           ?                               'H2 O'           18.015  
ILE 'L-peptide linking' y ISOLEUCINE      ?                               'C6 H13 N O2'    131.173 
LEU 'L-peptide linking' y LEUCINE         ?                               'C6 H13 N O2'    131.173 
LYS 'L-peptide linking' y LYSINE          ?                               'C6 H15 N2 O2 1' 147.195 
MET 'L-peptide linking' y METHIONINE      ?                               'C5 H11 N O2 S'  149.211 
PHE 'L-peptide linking' y PHENYLALANINE   ?                               'C9 H11 N O2'    165.189 
PRO 'L-peptide linking' y PROLINE         ?                               'C5 H9 N O2'     115.130 
SER 'L-peptide linking' y SERINE          ?                               'C3 H7 N O3'     105.093 
THR 'L-peptide linking' y THREONINE       ?                               'C4 H9 N O3'     119.119 
TRP 'L-peptide linking' y TRYPTOPHAN      ?                               'C11 H12 N2 O2'  204.225 
TYR 'L-peptide linking' y TYROSINE        ?                               'C9 H11 N O3'    181.189 
VAL 'L-peptide linking' y VALINE          ?                               'C5 H11 N O2'    117.146 
# 
_exptl.absorpt_coefficient_mu     ? 
_exptl.absorpt_correction_T_max   ? 
_exptl.absorpt_correction_T_min   ? 
_exptl.absorpt_correction_type    ? 
_exptl.absorpt_process_details    ? 
_exptl.entry_id                   5GW6 
_exptl.crystals_number            1 
_exptl.details                    ? 
_exptl.method                     'X-RAY DIFFRACTION' 
_exptl.method_details             ? 
# 
_exptl_crystal.colour                      ? 
_exptl_crystal.density_diffrn              ? 
_exptl_crystal.density_Matthews            3.0 
_exptl_crystal.density_method              ? 
_exptl_crystal.density_percent_sol         58.98 
_exptl_crystal.description                 'Long needle' 
_exptl_crystal.F_000                       ? 
_exptl_crystal.id                          1 
_exptl_crystal.preparation                 ? 
_exptl_crystal.size_max                    ? 
_exptl_crystal.size_mid                    ? 
_exptl_crystal.size_min                    ? 
_exptl_crystal.size_rad                    ? 
_exptl_crystal.colour_lustre               ? 
_exptl_crystal.colour_modifier             ? 
_exptl_crystal.colour_primary              ? 
_exptl_crystal.density_meas                ? 
_exptl_crystal.density_meas_esd            ? 
_exptl_crystal.density_meas_gt             ? 
_exptl_crystal.density_meas_lt             ? 
_exptl_crystal.density_meas_temp           ? 
_exptl_crystal.density_meas_temp_esd       ? 
_exptl_crystal.density_meas_temp_gt        ? 
_exptl_crystal.density_meas_temp_lt        ? 
_exptl_crystal.pdbx_crystal_image_url      ? 
_exptl_crystal.pdbx_crystal_image_format   ? 
_exptl_crystal.pdbx_mosaicity              ? 
_exptl_crystal.pdbx_mosaicity_esd          ? 
# 
_exptl_crystal_grow.apparatus       ? 
_exptl_crystal_grow.atmosphere      ? 
_exptl_crystal_grow.crystal_id      1 
_exptl_crystal_grow.details         ? 
_exptl_crystal_grow.method          'VAPOR DIFFUSION, HANGING DROP' 
_exptl_crystal_grow.method_ref      ? 
_exptl_crystal_grow.pH              5.0 
_exptl_crystal_grow.pressure        ? 
_exptl_crystal_grow.pressure_esd    ? 
_exptl_crystal_grow.seeding         ? 
_exptl_crystal_grow.seeding_ref     ? 
_exptl_crystal_grow.temp            289 
_exptl_crystal_grow.temp_details    ? 
_exptl_crystal_grow.temp_esd        ? 
_exptl_crystal_grow.time            ? 
_exptl_crystal_grow.pdbx_details    '20% PEG 5000 MME, 100MM TRIS BIS PH 5.0, 0.05M AMMONIUM SULPHATE' 
_exptl_crystal_grow.pdbx_pH_range   ? 
# 
_diffrn.ambient_environment    ? 
_diffrn.ambient_temp           100 
_diffrn.ambient_temp_details   ? 
_diffrn.ambient_temp_esd       ? 
_diffrn.crystal_id             1 
_diffrn.crystal_support        ? 
_diffrn.crystal_treatment      ? 
_diffrn.details                ? 
_diffrn.id                     1 
_diffrn.ambient_pressure       ? 
_diffrn.ambient_pressure_esd   ? 
_diffrn.ambient_pressure_gt    ? 
_diffrn.ambient_pressure_lt    ? 
_diffrn.ambient_temp_gt        ? 
_diffrn.ambient_temp_lt        ? 
# 
_diffrn_detector.details                      ? 
_diffrn_detector.detector                     CCD 
_diffrn_detector.diffrn_id                    1 
_diffrn_detector.type                         'ADSC QUANTUM 315' 
_diffrn_detector.area_resol_mean              ? 
_diffrn_detector.dtime                        ? 
_diffrn_detector.pdbx_frames_total            ? 
_diffrn_detector.pdbx_collection_time_total   ? 
_diffrn_detector.pdbx_collection_date         2015-08-06 
# 
_diffrn_radiation.collimation                      ? 
_diffrn_radiation.diffrn_id                        1 
_diffrn_radiation.filter_edge                      ? 
_diffrn_radiation.inhomogeneity                    ? 
_diffrn_radiation.monochromator                    'SI 111' 
_diffrn_radiation.polarisn_norm                    ? 
_diffrn_radiation.polarisn_ratio                   ? 
_diffrn_radiation.probe                            ? 
_diffrn_radiation.type                             ? 
_diffrn_radiation.xray_symbol                      ? 
_diffrn_radiation.wavelength_id                    1 
_diffrn_radiation.pdbx_monochromatic_or_laue_m_l   M 
_diffrn_radiation.pdbx_wavelength_list             ? 
_diffrn_radiation.pdbx_wavelength                  ? 
_diffrn_radiation.pdbx_diffrn_protocol             'SINGLE WAVELENGTH' 
_diffrn_radiation.pdbx_analyzer                    ? 
_diffrn_radiation.pdbx_scattering_type             x-ray 
# 
_diffrn_radiation_wavelength.id           1 
_diffrn_radiation_wavelength.wavelength   0.987 
_diffrn_radiation_wavelength.wt           1.0 
# 
_diffrn_source.current                     ? 
_diffrn_source.details                     ? 
_diffrn_source.diffrn_id                   1 
_diffrn_source.power                       ? 
_diffrn_source.size                        ? 
_diffrn_source.source                      SYNCHROTRON 
_diffrn_source.target                      ? 
_diffrn_source.type                        'NSRRC BEAMLINE BL13B1' 
_diffrn_source.voltage                     ? 
_diffrn_source.take-off_angle              ? 
_diffrn_source.pdbx_wavelength_list        0.987 
_diffrn_source.pdbx_wavelength             ? 
_diffrn_source.pdbx_synchrotron_beamline   BL13B1 
_diffrn_source.pdbx_synchrotron_site       NSRRC 
# 
_reflns.B_iso_Wilson_estimate            ? 
_reflns.entry_id                         5GW6 
_reflns.data_reduction_details           ? 
_reflns.data_reduction_method            ? 
_reflns.d_resolution_high                1.97 
_reflns.d_resolution_low                 20 
_reflns.details                          ? 
_reflns.limit_h_max                      ? 
_reflns.limit_h_min                      ? 
_reflns.limit_k_max                      ? 
_reflns.limit_k_min                      ? 
_reflns.limit_l_max                      ? 
_reflns.limit_l_min                      ? 
_reflns.number_all                       ? 
_reflns.number_obs                       21660 
_reflns.observed_criterion               ? 
_reflns.observed_criterion_F_max         ? 
_reflns.observed_criterion_F_min         ? 
_reflns.observed_criterion_I_max         ? 
_reflns.observed_criterion_I_min         ? 
_reflns.observed_criterion_sigma_F       ? 
_reflns.observed_criterion_sigma_I       ? 
_reflns.percent_possible_obs             99.7 
_reflns.R_free_details                   ? 
_reflns.Rmerge_F_all                     ? 
_reflns.Rmerge_F_obs                     ? 
_reflns.Friedel_coverage                 ? 
_reflns.number_gt                        ? 
_reflns.threshold_expression             ? 
_reflns.pdbx_redundancy                  4.5 
_reflns.pdbx_Rmerge_I_obs                0.09 
_reflns.pdbx_Rmerge_I_all                ? 
_reflns.pdbx_Rsym_value                  ? 
_reflns.pdbx_netI_over_av_sigmaI         ? 
_reflns.pdbx_netI_over_sigmaI            15.2 
_reflns.pdbx_res_netI_over_av_sigmaI_2   ? 
_reflns.pdbx_res_netI_over_sigmaI_2      ? 
_reflns.pdbx_chi_squared                 ? 
_reflns.pdbx_scaling_rejects             ? 
_reflns.pdbx_d_res_high_opt              ? 
_reflns.pdbx_d_res_low_opt               ? 
_reflns.pdbx_d_res_opt_method            ? 
_reflns.phase_calculation_details        ? 
_reflns.pdbx_Rrim_I_all                  ? 
_reflns.pdbx_Rpim_I_all                  ? 
_reflns.pdbx_d_opt                       ? 
_reflns.pdbx_number_measured_all         ? 
_reflns.pdbx_diffrn_id                   1 
_reflns.pdbx_ordinal                     1 
_reflns.pdbx_CC_half                     ? 
_reflns.pdbx_R_split                     ? 
# 
_reflns_shell.d_res_high                  1.97 
_reflns_shell.d_res_low                   2.04 
_reflns_shell.meanI_over_sigI_all         ? 
_reflns_shell.meanI_over_sigI_obs         4.5 
_reflns_shell.number_measured_all         ? 
_reflns_shell.number_measured_obs         ? 
_reflns_shell.number_possible             ? 
_reflns_shell.number_unique_all           ? 
_reflns_shell.number_unique_obs           ? 
_reflns_shell.percent_possible_all        100 
_reflns_shell.percent_possible_obs        ? 
_reflns_shell.Rmerge_F_all                ? 
_reflns_shell.Rmerge_F_obs                ? 
_reflns_shell.Rmerge_I_all                ? 
_reflns_shell.Rmerge_I_obs                0.32 
_reflns_shell.meanI_over_sigI_gt          ? 
_reflns_shell.meanI_over_uI_all           ? 
_reflns_shell.meanI_over_uI_gt            ? 
_reflns_shell.number_measured_gt          ? 
_reflns_shell.number_unique_gt            ? 
_reflns_shell.percent_possible_gt         ? 
_reflns_shell.Rmerge_F_gt                 ? 
_reflns_shell.Rmerge_I_gt                 ? 
_reflns_shell.pdbx_redundancy             4.4 
_reflns_shell.pdbx_Rsym_value             ? 
_reflns_shell.pdbx_chi_squared            ? 
_reflns_shell.pdbx_netI_over_sigmaI_all   ? 
_reflns_shell.pdbx_netI_over_sigmaI_obs   ? 
_reflns_shell.pdbx_Rrim_I_all             ? 
_reflns_shell.pdbx_Rpim_I_all             ? 
_reflns_shell.pdbx_rejects                ? 
_reflns_shell.pdbx_ordinal                1 
_reflns_shell.pdbx_diffrn_id              1 
_reflns_shell.pdbx_CC_half                ? 
_reflns_shell.pdbx_R_split                ? 
# 
_refine.aniso_B[1][1]                            1.84 
_refine.aniso_B[1][2]                            0.00 
_refine.aniso_B[1][3]                            -0.00 
_refine.aniso_B[2][2]                            -0.47 
_refine.aniso_B[2][3]                            0.00 
_refine.aniso_B[3][3]                            -1.38 
_refine.B_iso_max                                ? 
_refine.B_iso_mean                               20.829 
_refine.B_iso_min                                ? 
_refine.correlation_coeff_Fo_to_Fc               0.933 
_refine.correlation_coeff_Fo_to_Fc_free          0.918 
_refine.details                                  'HYDROGENS HAVE BEEN ADDED IN THE RIDING POSITIONS' 
_refine.diff_density_max                         ? 
_refine.diff_density_max_esd                     ? 
_refine.diff_density_min                         ? 
_refine.diff_density_min_esd                     ? 
_refine.diff_density_rms                         ? 
_refine.diff_density_rms_esd                     ? 
_refine.entry_id                                 5GW6 
_refine.pdbx_refine_id                           'X-RAY DIFFRACTION' 
_refine.ls_abs_structure_details                 ? 
_refine.ls_abs_structure_Flack                   ? 
_refine.ls_abs_structure_Flack_esd               ? 
_refine.ls_abs_structure_Rogers                  ? 
_refine.ls_abs_structure_Rogers_esd              ? 
_refine.ls_d_res_high                            1.97 
_refine.ls_d_res_low                             20 
_refine.ls_extinction_coef                       ? 
_refine.ls_extinction_coef_esd                   ? 
_refine.ls_extinction_expression                 ? 
_refine.ls_extinction_method                     ? 
_refine.ls_goodness_of_fit_all                   ? 
_refine.ls_goodness_of_fit_all_esd               ? 
_refine.ls_goodness_of_fit_obs                   ? 
_refine.ls_goodness_of_fit_obs_esd               ? 
_refine.ls_hydrogen_treatment                    ? 
_refine.ls_matrix_type                           ? 
_refine.ls_number_constraints                    ? 
_refine.ls_number_parameters                     ? 
_refine.ls_number_reflns_all                     ? 
_refine.ls_number_reflns_obs                     20519 
_refine.ls_number_reflns_R_free                  1105 
_refine.ls_number_reflns_R_work                  ? 
_refine.ls_number_restraints                     ? 
_refine.ls_percent_reflns_obs                    99.23 
_refine.ls_percent_reflns_R_free                 5.1 
_refine.ls_R_factor_all                          ? 
_refine.ls_R_factor_obs                          0.19833 
_refine.ls_R_factor_R_free                       0.22758 
_refine.ls_R_factor_R_free_error                 ? 
_refine.ls_R_factor_R_free_error_details         ? 
_refine.ls_R_factor_R_work                       0.19673 
_refine.ls_R_Fsqd_factor_obs                     ? 
_refine.ls_R_I_factor_obs                        ? 
_refine.ls_redundancy_reflns_all                 ? 
_refine.ls_redundancy_reflns_obs                 ? 
_refine.ls_restrained_S_all                      ? 
_refine.ls_restrained_S_obs                      ? 
_refine.ls_shift_over_esd_max                    ? 
_refine.ls_shift_over_esd_mean                   ? 
_refine.ls_structure_factor_coef                 ? 
_refine.ls_weighting_details                     ? 
_refine.ls_weighting_scheme                      ? 
_refine.ls_wR_factor_all                         ? 
_refine.ls_wR_factor_obs                         ? 
_refine.ls_wR_factor_R_free                      ? 
_refine.ls_wR_factor_R_work                      ? 
_refine.occupancy_max                            ? 
_refine.occupancy_min                            ? 
_refine.solvent_model_details                    ? 
_refine.solvent_model_param_bsol                 ? 
_refine.solvent_model_param_ksol                 ? 
_refine.ls_R_factor_gt                           ? 
_refine.ls_goodness_of_fit_gt                    ? 
_refine.ls_goodness_of_fit_ref                   ? 
_refine.ls_shift_over_su_max                     ? 
_refine.ls_shift_over_su_max_lt                  ? 
_refine.ls_shift_over_su_mean                    ? 
_refine.ls_shift_over_su_mean_lt                 ? 
_refine.pdbx_ls_sigma_I                          ? 
_refine.pdbx_ls_sigma_F                          ? 
_refine.pdbx_ls_sigma_Fsqd                       ? 
_refine.pdbx_data_cutoff_high_absF               ? 
_refine.pdbx_data_cutoff_high_rms_absF           ? 
_refine.pdbx_data_cutoff_low_absF                ? 
_refine.pdbx_isotropic_thermal_model             ? 
_refine.pdbx_ls_cross_valid_method               THROUGHOUT 
_refine.pdbx_method_to_determine_struct          'MOLECULAR REPLACEMENT' 
_refine.pdbx_starting_model                      2W97 
_refine.pdbx_stereochemistry_target_values       ? 
_refine.pdbx_R_Free_selection_details            RANDOM 
_refine.pdbx_stereochem_target_val_spec_case     ? 
_refine.pdbx_overall_ESU_R                       0.134 
_refine.pdbx_overall_ESU_R_Free                  0.128 
_refine.pdbx_solvent_vdw_probe_radii             1.20 
_refine.pdbx_solvent_ion_probe_radii             0.80 
_refine.pdbx_solvent_shrinkage_radii             0.80 
_refine.pdbx_real_space_R                        ? 
_refine.pdbx_density_correlation                 ? 
_refine.pdbx_pd_number_of_powder_patterns        ? 
_refine.pdbx_pd_number_of_points                 ? 
_refine.pdbx_pd_meas_number_of_points            ? 
_refine.pdbx_pd_proc_ls_prof_R_factor            ? 
_refine.pdbx_pd_proc_ls_prof_wR_factor           ? 
_refine.pdbx_pd_Marquardt_correlation_coeff      ? 
_refine.pdbx_pd_Fsqrd_R_factor                   ? 
_refine.pdbx_pd_ls_matrix_band_width             ? 
_refine.pdbx_overall_phase_error                 ? 
_refine.pdbx_overall_SU_R_free_Cruickshank_DPI   ? 
_refine.pdbx_overall_SU_R_free_Blow_DPI          ? 
_refine.pdbx_overall_SU_R_Blow_DPI               ? 
_refine.pdbx_TLS_residual_ADP_flag               ? 
_refine.pdbx_diffrn_id                           1 
_refine.overall_SU_B                             3.374 
_refine.overall_SU_ML                            0.094 
_refine.overall_SU_R_Cruickshank_DPI             ? 
_refine.overall_SU_R_free                        ? 
_refine.overall_FOM_free_R_set                   ? 
_refine.overall_FOM_work_R_set                   ? 
_refine.pdbx_average_fsc_overall                 ? 
_refine.pdbx_average_fsc_work                    ? 
_refine.pdbx_average_fsc_free                    ? 
# 
_refine_hist.pdbx_refine_id                   'X-RAY DIFFRACTION' 
_refine_hist.cycle_id                         1 
_refine_hist.pdbx_number_atoms_protein        1497 
_refine_hist.pdbx_number_atoms_nucleic_acid   0 
_refine_hist.pdbx_number_atoms_ligand         18 
_refine_hist.number_atoms_solvent             101 
_refine_hist.number_atoms_total               1616 
_refine_hist.d_res_high                       1.97 
_refine_hist.d_res_low                        20 
# 
loop_
_refine_ls_restr.pdbx_refine_id 
_refine_ls_restr.criterion 
_refine_ls_restr.dev_ideal 
_refine_ls_restr.dev_ideal_target 
_refine_ls_restr.number 
_refine_ls_restr.rejects 
_refine_ls_restr.type 
_refine_ls_restr.weight 
_refine_ls_restr.pdbx_restraint_function 
'X-RAY DIFFRACTION' ? 0.013  0.019  1550 ? r_bond_refined_d             ? ? 
'X-RAY DIFFRACTION' ? 0.003  0.020  1454 ? r_bond_other_d               ? ? 
'X-RAY DIFFRACTION' ? 1.582  1.931  2095 ? r_angle_refined_deg          ? ? 
'X-RAY DIFFRACTION' ? 0.985  3.000  3330 ? r_angle_other_deg            ? ? 
'X-RAY DIFFRACTION' ? 6.891  5.000  180  ? r_dihedral_angle_1_deg       ? ? 
'X-RAY DIFFRACTION' ? 33.145 23.544 79   ? r_dihedral_angle_2_deg       ? ? 
'X-RAY DIFFRACTION' ? 11.526 15.000 262  ? r_dihedral_angle_3_deg       ? ? 
'X-RAY DIFFRACTION' ? 14.304 15.000 12   ? r_dihedral_angle_4_deg       ? ? 
'X-RAY DIFFRACTION' ? 0.093  0.200  223  ? r_chiral_restr               ? ? 
'X-RAY DIFFRACTION' ? 0.007  0.020  1735 ? r_gen_planes_refined         ? ? 
'X-RAY DIFFRACTION' ? 0.002  0.020  387  ? r_gen_planes_other           ? ? 
'X-RAY DIFFRACTION' ? ?      ?      ?    ? r_nbd_refined                ? ? 
'X-RAY DIFFRACTION' ? ?      ?      ?    ? r_nbd_other                  ? ? 
'X-RAY DIFFRACTION' ? ?      ?      ?    ? r_nbtor_refined              ? ? 
'X-RAY DIFFRACTION' ? ?      ?      ?    ? r_nbtor_other                ? ? 
'X-RAY DIFFRACTION' ? ?      ?      ?    ? r_xyhbond_nbd_refined        ? ? 
'X-RAY DIFFRACTION' ? ?      ?      ?    ? r_xyhbond_nbd_other          ? ? 
'X-RAY DIFFRACTION' ? ?      ?      ?    ? r_metal_ion_refined          ? ? 
'X-RAY DIFFRACTION' ? ?      ?      ?    ? r_metal_ion_other            ? ? 
'X-RAY DIFFRACTION' ? ?      ?      ?    ? r_symmetry_vdw_refined       ? ? 
'X-RAY DIFFRACTION' ? ?      ?      ?    ? r_symmetry_vdw_other         ? ? 
'X-RAY DIFFRACTION' ? ?      ?      ?    ? r_symmetry_hbond_refined     ? ? 
'X-RAY DIFFRACTION' ? ?      ?      ?    ? r_symmetry_hbond_other       ? ? 
'X-RAY DIFFRACTION' ? ?      ?      ?    ? r_symmetry_metal_ion_refined ? ? 
'X-RAY DIFFRACTION' ? ?      ?      ?    ? r_symmetry_metal_ion_other   ? ? 
'X-RAY DIFFRACTION' ? 1.826  1.803  726  ? r_mcbond_it                  ? ? 
'X-RAY DIFFRACTION' ? 1.826  1.802  725  ? r_mcbond_other               ? ? 
'X-RAY DIFFRACTION' ? 2.950  2.687  904  ? r_mcangle_it                 ? ? 
'X-RAY DIFFRACTION' ? 2.949  2.687  905  ? r_mcangle_other              ? ? 
'X-RAY DIFFRACTION' ? 2.604  2.188  822  ? r_scbond_it                  ? ? 
'X-RAY DIFFRACTION' ? 2.597  2.188  822  ? r_scbond_other               ? ? 
'X-RAY DIFFRACTION' ? ?      ?      ?    ? r_scangle_it                 ? ? 
'X-RAY DIFFRACTION' ? 4.142  3.147  1191 ? r_scangle_other              ? ? 
'X-RAY DIFFRACTION' ? 6.466  15.699 1846 ? r_long_range_B_refined       ? ? 
'X-RAY DIFFRACTION' ? 6.463  15.699 1846 ? r_long_range_B_other         ? ? 
'X-RAY DIFFRACTION' ? ?      ?      ?    ? r_rigid_bond_restr           ? ? 
'X-RAY DIFFRACTION' ? ?      ?      ?    ? r_sphericity_free            ? ? 
'X-RAY DIFFRACTION' ? ?      ?      ?    ? r_sphericity_bonded          ? ? 
# 
_refine_ls_shell.pdbx_refine_id                   'X-RAY DIFFRACTION' 
_refine_ls_shell.d_res_high                       1.971 
_refine_ls_shell.d_res_low                        2.022 
_refine_ls_shell.number_reflns_all                ? 
_refine_ls_shell.number_reflns_obs                ? 
_refine_ls_shell.number_reflns_R_free             69 
_refine_ls_shell.number_reflns_R_work             1489 
_refine_ls_shell.percent_reflns_obs               97.31 
_refine_ls_shell.percent_reflns_R_free            ? 
_refine_ls_shell.R_factor_all                     ? 
_refine_ls_shell.R_factor_obs                     ? 
_refine_ls_shell.R_factor_R_free                  0.265 
_refine_ls_shell.R_factor_R_free_error            ? 
_refine_ls_shell.R_factor_R_work                  0.191 
_refine_ls_shell.redundancy_reflns_all            ? 
_refine_ls_shell.redundancy_reflns_obs            ? 
_refine_ls_shell.wR_factor_all                    ? 
_refine_ls_shell.wR_factor_obs                    ? 
_refine_ls_shell.wR_factor_R_free                 ? 
_refine_ls_shell.wR_factor_R_work                 ? 
_refine_ls_shell.pdbx_total_number_of_bins_used   20 
_refine_ls_shell.pdbx_phase_error                 ? 
_refine_ls_shell.pdbx_fsc_work                    ? 
_refine_ls_shell.pdbx_fsc_free                    ? 
# 
_struct.entry_id                     5GW6 
_struct.title                        'Water-Bridge Mediates Recognition of mRNA Cap in eIF4E' 
_struct.pdbx_model_details           ? 
_struct.pdbx_formula_weight          ? 
_struct.pdbx_formula_weight_method   ? 
_struct.pdbx_model_type_details      ? 
_struct.pdbx_CASP_flag               N 
# 
_struct_keywords.entry_id        5GW6 
_struct_keywords.text            'Cap-dependent, Translation, Cap-free' 
_struct_keywords.pdbx_keywords   TRANSLATION 
# 
loop_
_struct_asym.id 
_struct_asym.pdbx_blank_PDB_chainid_flag 
_struct_asym.pdbx_modified 
_struct_asym.entity_id 
_struct_asym.details 
A N N 1 ? 
B N N 2 ? 
C N N 2 ? 
D N N 2 ? 
E N N 3 ? 
# 
loop_
_struct_conf.conf_type_id 
_struct_conf.id 
_struct_conf.pdbx_PDB_helix_id 
_struct_conf.beg_label_comp_id 
_struct_conf.beg_label_asym_id 
_struct_conf.beg_label_seq_id 
_struct_conf.pdbx_beg_PDB_ins_code 
_struct_conf.end_label_comp_id 
_struct_conf.end_label_asym_id 
_struct_conf.end_label_seq_id 
_struct_conf.pdbx_end_PDB_ins_code 
_struct_conf.beg_auth_comp_id 
_struct_conf.beg_auth_asym_id 
_struct_conf.beg_auth_seq_id 
_struct_conf.end_auth_comp_id 
_struct_conf.end_auth_asym_id 
_struct_conf.end_auth_seq_id 
_struct_conf.pdbx_PDB_helix_class 
_struct_conf.details 
_struct_conf.pdbx_PDB_helix_length 
HELX_P HELX_P1 AA1 VAL A 48  ? ILE A 58  ? VAL A 69  ILE A 79  1 ? 11 
HELX_P HELX_P2 AA2 LEU A 60  ? LEU A 64  ? LEU A 81  LEU A 85  5 ? 5  
HELX_P HELX_P3 AA3 ASN A 97  ? ASP A 104 ? ASN A 118 ASP A 125 1 ? 8  
HELX_P HELX_P4 AA4 ASP A 104 ? GLY A 118 ? ASP A 125 GLY A 139 1 ? 15 
HELX_P HELX_P5 AA5 PHE A 121 ? ASP A 126 ? PHE A 142 ASP A 147 5 ? 6  
HELX_P HELX_P6 AA6 ASN A 151 ? GLY A 167 ? ASN A 172 GLY A 188 1 ? 17 
HELX_P HELX_P7 AA7 HIS A 179 ? LYS A 185 ? HIS A 200 LYS A 206 1 ? 7  
# 
_struct_conf_type.id          HELX_P 
_struct_conf_type.criteria    ? 
_struct_conf_type.reference   ? 
# 
_struct_sheet.id               AA1 
_struct_sheet.type             ? 
_struct_sheet.number_strands   8 
_struct_sheet.details          ? 
# 
loop_
_struct_sheet_order.sheet_id 
_struct_sheet_order.range_id_1 
_struct_sheet_order.range_id_2 
_struct_sheet_order.offset 
_struct_sheet_order.sense 
AA1 1 2 ? anti-parallel 
AA1 2 3 ? anti-parallel 
AA1 3 4 ? anti-parallel 
AA1 4 5 ? anti-parallel 
AA1 5 6 ? anti-parallel 
AA1 6 7 ? anti-parallel 
AA1 7 8 ? anti-parallel 
# 
loop_
_struct_sheet_range.sheet_id 
_struct_sheet_range.id 
_struct_sheet_range.beg_label_comp_id 
_struct_sheet_range.beg_label_asym_id 
_struct_sheet_range.beg_label_seq_id 
_struct_sheet_range.pdbx_beg_PDB_ins_code 
_struct_sheet_range.end_label_comp_id 
_struct_sheet_range.end_label_asym_id 
_struct_sheet_range.end_label_seq_id 
_struct_sheet_range.pdbx_end_PDB_ins_code 
_struct_sheet_range.beg_auth_comp_id 
_struct_sheet_range.beg_auth_asym_id 
_struct_sheet_range.beg_auth_seq_id 
_struct_sheet_range.end_auth_comp_id 
_struct_sheet_range.end_auth_asym_id 
_struct_sheet_range.end_auth_seq_id 
AA1 1 LEU A 39  ? THR A 47  ? LEU A 60  THR A 68  
AA1 2 PRO A 17  ? LYS A 28  ? PRO A 38  LYS A 49  
AA1 3 CYS A 68  ? LYS A 74  ? CYS A 89  LYS A 95  
AA1 4 VAL A 128 ? ASN A 134 ? VAL A 149 ASN A 155 
AA1 5 ASP A 140 ? THR A 146 ? ASP A 161 THR A 167 
AA1 6 GLY A 90  ? LEU A 96  ? GLY A 111 LEU A 117 
AA1 7 ILE A 174 ? SER A 178 ? ILE A 195 SER A 199 
AA1 8 PHE A 194 ? VAL A 196 ? PHE A 215 VAL A 217 
# 
loop_
_pdbx_struct_sheet_hbond.sheet_id 
_pdbx_struct_sheet_hbond.range_id_1 
_pdbx_struct_sheet_hbond.range_id_2 
_pdbx_struct_sheet_hbond.range_1_label_atom_id 
_pdbx_struct_sheet_hbond.range_1_label_comp_id 
_pdbx_struct_sheet_hbond.range_1_label_asym_id 
_pdbx_struct_sheet_hbond.range_1_label_seq_id 
_pdbx_struct_sheet_hbond.range_1_PDB_ins_code 
_pdbx_struct_sheet_hbond.range_1_auth_atom_id 
_pdbx_struct_sheet_hbond.range_1_auth_comp_id 
_pdbx_struct_sheet_hbond.range_1_auth_asym_id 
_pdbx_struct_sheet_hbond.range_1_auth_seq_id 
_pdbx_struct_sheet_hbond.range_2_label_atom_id 
_pdbx_struct_sheet_hbond.range_2_label_comp_id 
_pdbx_struct_sheet_hbond.range_2_label_asym_id 
_pdbx_struct_sheet_hbond.range_2_label_seq_id 
_pdbx_struct_sheet_hbond.range_2_PDB_ins_code 
_pdbx_struct_sheet_hbond.range_2_auth_atom_id 
_pdbx_struct_sheet_hbond.range_2_auth_comp_id 
_pdbx_struct_sheet_hbond.range_2_auth_asym_id 
_pdbx_struct_sheet_hbond.range_2_auth_seq_id 
AA1 1 2 O ILE A 42  ? O ILE A 63  N LEU A 24  ? N LEU A 45  
AA1 2 3 N TRP A 25  ? N TRP A 46  O SER A 71  ? O SER A 92  
AA1 3 4 N LEU A 72  ? N LEU A 93  O ALA A 131 ? O ALA A 152 
AA1 4 5 N CYS A 129 ? N CYS A 150 O TRP A 145 ? O TRP A 166 
AA1 5 6 O ILE A 142 ? O ILE A 163 N ILE A 94  ? N ILE A 115 
AA1 6 7 N LEU A 93  ? N LEU A 114 O GLY A 175 ? O GLY A 196 
AA1 7 8 N ILE A 174 ? N ILE A 195 O VAL A 196 ? O VAL A 217 
# 
loop_
_struct_site.id 
_struct_site.pdbx_evidence_code 
_struct_site.pdbx_auth_asym_id 
_struct_site.pdbx_auth_comp_id 
_struct_site.pdbx_auth_seq_id 
_struct_site.pdbx_auth_ins_code 
_struct_site.pdbx_num_residues 
_struct_site.details 
AC1 Software A GOL 301 ? 7 'binding site for residue GOL A 301' 
AC2 Software A GOL 302 ? 5 'binding site for residue GOL A 302' 
AC3 Software A GOL 303 ? 6 'binding site for residue GOL A 303' 
# 
loop_
_struct_site_gen.id 
_struct_site_gen.site_id 
_struct_site_gen.pdbx_num_res 
_struct_site_gen.label_comp_id 
_struct_site_gen.label_asym_id 
_struct_site_gen.label_seq_id 
_struct_site_gen.pdbx_auth_ins_code 
_struct_site_gen.auth_comp_id 
_struct_site_gen.auth_asym_id 
_struct_site_gen.auth_seq_id 
_struct_site_gen.label_atom_id 
_struct_site_gen.label_alt_id 
_struct_site_gen.symmetry 
_struct_site_gen.details 
1  AC1 7 TRP A 81  ? TRP A 102 . ? 1_555 ? 
2  AC1 7 ARG A 91  ? ARG A 112 . ? 1_555 ? 
3  AC1 7 TRP A 145 ? TRP A 166 . ? 1_555 ? 
4  AC1 7 HIS A 179 ? HIS A 200 . ? 1_555 ? 
5  AC1 7 THR A 182 ? THR A 203 . ? 1_555 ? 
6  AC1 7 ALA A 183 ? ALA A 204 . ? 1_555 ? 
7  AC1 7 HOH E .   ? HOH A 406 . ? 1_555 ? 
8  AC2 5 ILE A 94  ? ILE A 115 . ? 1_555 ? 
9  AC2 5 THR A 95  ? THR A 116 . ? 1_555 ? 
10 AC2 5 GLN A 100 ? GLN A 121 . ? 1_555 ? 
11 AC2 5 HOH E .   ? HOH A 429 . ? 1_555 ? 
12 AC2 5 HOH E .   ? HOH A 436 . ? 1_555 ? 
13 AC3 6 PHE A 27  ? PHE A 48  . ? 1_555 ? 
14 AC3 6 TRP A 35  ? TRP A 56  . ? 1_555 ? 
15 AC3 6 ASP A 69  ? ASP A 90  . ? 1_555 ? 
16 AC3 6 PRO A 79  ? PRO A 100 . ? 1_555 ? 
17 AC3 6 HOH E .   ? HOH A 420 . ? 1_555 ? 
18 AC3 6 HOH E .   ? HOH A 465 . ? 1_555 ? 
# 
_atom_sites.entry_id                    5GW6 
_atom_sites.fract_transf_matrix[1][1]   0.00711097 
_atom_sites.fract_transf_matrix[1][2]   0.00234915 
_atom_sites.fract_transf_matrix[1][3]   0.00338152 
_atom_sites.fract_transf_matrix[2][1]   -0.00138677 
_atom_sites.fract_transf_matrix[2][2]   0.00736524 
_atom_sites.fract_transf_matrix[2][3]   -0.00220042 
_atom_sites.fract_transf_matrix[3][1]   -0.01218072 
_atom_sites.fract_transf_matrix[3][2]   0.00443804 
_atom_sites.fract_transf_matrix[3][3]   0.02253162 
_atom_sites.fract_transf_vector[1]      1.361650 
_atom_sites.fract_transf_vector[2]      0.148451 
_atom_sites.fract_transf_vector[3]      0.096912 
# 
loop_
_atom_type.symbol 
C 
N 
O 
S 
# 
loop_
_atom_site.group_PDB 
_atom_site.id 
_atom_site.type_symbol 
_atom_site.label_atom_id 
_atom_site.label_alt_id 
_atom_site.label_comp_id 
_atom_site.label_asym_id 
_atom_site.label_entity_id 
_atom_site.label_seq_id 
_atom_site.pdbx_PDB_ins_code 
_atom_site.Cartn_x 
_atom_site.Cartn_y 
_atom_site.Cartn_z 
_atom_site.occupancy 
_atom_site.B_iso_or_equiv 
_atom_site.pdbx_formal_charge 
_atom_site.auth_seq_id 
_atom_site.auth_comp_id 
_atom_site.auth_asym_id 
_atom_site.auth_atom_id 
_atom_site.pdbx_PDB_model_num 
ATOM   1    N N   . GLU A 1 11  ? -30.597 0.536   2.782   1.00 49.71  ? 32  GLU A N   1 
ATOM   2    C CA  . GLU A 1 11  ? -31.692 -0.175  2.044   1.00 47.52  ? 32  GLU A CA  1 
ATOM   3    C C   . GLU A 1 11  ? -31.358 -0.005  0.568   1.00 45.72  ? 32  GLU A C   1 
ATOM   4    O O   . GLU A 1 11  ? -30.376 -0.561  0.084   1.00 45.82  ? 32  GLU A O   1 
ATOM   5    C CB  . GLU A 1 11  ? -33.079 0.422   2.364   1.00 46.87  ? 32  GLU A CB  1 
ATOM   6    C CG  . GLU A 1 11  ? -33.670 0.126   3.714   1.00 46.87  ? 32  GLU A CG  1 
ATOM   7    C CD  . GLU A 1 11  ? -32.783 0.474   4.873   1.00 50.94  ? 32  GLU A CD  1 
ATOM   8    O OE1 . GLU A 1 11  ? -31.878 1.312   4.714   1.00 55.27  ? 32  GLU A OE1 1 
ATOM   9    O OE2 . GLU A 1 11  ? -32.995 -0.078  5.964   1.00 55.41  ? 32  GLU A OE2 1 
ATOM   10   N N   . HIS A 1 12  ? -32.153 0.799   -0.133  1.00 44.61  ? 33  HIS A N   1 
ATOM   11   C CA  . HIS A 1 12  ? -31.791 1.361   -1.408  1.00 42.76  ? 33  HIS A CA  1 
ATOM   12   C C   . HIS A 1 12  ? -31.175 2.757   -1.214  1.00 34.88  ? 33  HIS A C   1 
ATOM   13   O O   . HIS A 1 12  ? -31.024 3.492   -2.188  1.00 34.44  ? 33  HIS A O   1 
ATOM   14   C CB  . HIS A 1 12  ? -33.054 1.450   -2.288  1.00 51.06  ? 33  HIS A CB  1 
ATOM   15   C CG  . HIS A 1 12  ? -33.850 0.176   -2.318  1.00 60.26  ? 33  HIS A CG  1 
ATOM   16   N ND1 . HIS A 1 12  ? -33.517 -0.883  -3.136  1.00 66.82  ? 33  HIS A ND1 1 
ATOM   17   C CD2 . HIS A 1 12  ? -34.927 -0.227  -1.599  1.00 61.15  ? 33  HIS A CD2 1 
ATOM   18   C CE1 . HIS A 1 12  ? -34.368 -1.873  -2.938  1.00 68.90  ? 33  HIS A CE1 1 
ATOM   19   N NE2 . HIS A 1 12  ? -35.237 -1.497  -2.014  1.00 64.85  ? 33  HIS A NE2 1 
ATOM   20   N N   . TYR A 1 13  ? -30.813 3.141   0.013   1.00 27.97  ? 34  TYR A N   1 
ATOM   21   C CA  . TYR A 1 13  ? -30.291 4.503   0.215   1.00 26.50  ? 34  TYR A CA  1 
ATOM   22   C C   . TYR A 1 13  ? -29.099 4.716   1.146   1.00 23.06  ? 34  TYR A C   1 
ATOM   23   O O   . TYR A 1 13  ? -28.573 5.799   1.168   1.00 21.38  ? 34  TYR A O   1 
ATOM   24   C CB  . TYR A 1 13  ? -31.445 5.431   0.645   1.00 27.62  ? 34  TYR A CB  1 
ATOM   25   C CG  . TYR A 1 13  ? -32.020 5.098   1.970   1.00 28.56  ? 34  TYR A CG  1 
ATOM   26   C CD1 . TYR A 1 13  ? -31.433 5.570   3.125   1.00 30.55  ? 34  TYR A CD1 1 
ATOM   27   C CD2 . TYR A 1 13  ? -33.155 4.296   2.081   1.00 33.19  ? 34  TYR A CD2 1 
ATOM   28   C CE1 . TYR A 1 13  ? -31.958 5.267   4.363   1.00 35.56  ? 34  TYR A CE1 1 
ATOM   29   C CE2 . TYR A 1 13  ? -33.685 3.979   3.326   1.00 34.53  ? 34  TYR A CE2 1 
ATOM   30   C CZ  . TYR A 1 13  ? -33.078 4.462   4.448   1.00 36.11  ? 34  TYR A CZ  1 
ATOM   31   O OH  . TYR A 1 13  ? -33.596 4.171   5.675   1.00 49.35  ? 34  TYR A OH  1 
ATOM   32   N N   . ILE A 1 14  ? -28.696 3.721   1.919   1.00 20.39  ? 35  ILE A N   1 
ATOM   33   C CA  . ILE A 1 14  ? -27.607 3.867   2.864   1.00 20.79  ? 35  ILE A CA  1 
ATOM   34   C C   . ILE A 1 14  ? -26.336 3.530   2.087   1.00 18.84  ? 35  ILE A C   1 
ATOM   35   O O   . ILE A 1 14  ? -26.344 2.667   1.221   1.00 17.04  ? 35  ILE A O   1 
ATOM   36   C CB  . ILE A 1 14  ? -27.871 2.941   4.069   1.00 25.83  ? 35  ILE A CB  1 
ATOM   37   C CG1 . ILE A 1 14  ? -28.951 3.577   4.943   1.00 28.19  ? 35  ILE A CG1 1 
ATOM   38   C CG2 . ILE A 1 14  ? -26.633 2.645   4.869   1.00 28.90  ? 35  ILE A CG2 1 
ATOM   39   C CD1 . ILE A 1 14  ? -29.448 2.710   6.065   1.00 31.17  ? 35  ILE A CD1 1 
ATOM   40   N N   . LYS A 1 15  ? -25.273 4.266   2.336   1.00 17.73  ? 36  LYS A N   1 
ATOM   41   C CA  . LYS A 1 15  ? -23.966 3.932   1.765   1.00 17.75  ? 36  LYS A CA  1 
ATOM   42   C C   . LYS A 1 15  ? -23.488 2.652   2.417   1.00 18.51  ? 36  LYS A C   1 
ATOM   43   O O   . LYS A 1 15  ? -23.974 2.298   3.487   1.00 19.28  ? 36  LYS A O   1 
ATOM   44   C CB  . LYS A 1 15  ? -22.989 5.077   1.988   1.00 18.40  ? 36  LYS A CB  1 
ATOM   45   C CG  . LYS A 1 15  ? -23.321 6.242   1.075   1.00 19.27  ? 36  LYS A CG  1 
ATOM   46   C CD  . LYS A 1 15  ? -22.287 7.334   1.003   1.00 20.87  ? 36  LYS A CD  1 
ATOM   47   C CE  . LYS A 1 15  ? -22.040 7.978   2.338   1.00 21.79  ? 36  LYS A CE  1 
ATOM   48   N NZ  . LYS A 1 15  ? -21.301 9.266   2.181   1.00 21.68  ? 36  LYS A NZ  1 
ATOM   49   N N   . HIS A 1 16  ? -22.575 1.941   1.771   1.00 18.42  ? 37  HIS A N   1 
ATOM   50   C CA  . HIS A 1 16  ? -22.087 0.685   2.285   1.00 18.81  ? 37  HIS A CA  1 
ATOM   51   C C   . HIS A 1 16  ? -20.814 0.956   3.078   1.00 17.26  ? 37  HIS A C   1 
ATOM   52   O O   . HIS A 1 16  ? -19.791 1.284   2.502   1.00 15.28  ? 37  HIS A O   1 
ATOM   53   C CB  . HIS A 1 16  ? -21.843 -0.285  1.155   1.00 21.98  ? 37  HIS A CB  1 
ATOM   54   C CG  . HIS A 1 16  ? -23.094 -0.692  0.439   1.00 26.17  ? 37  HIS A CG  1 
ATOM   55   N ND1 . HIS A 1 16  ? -23.678 0.079   -0.547  1.00 29.40  ? 37  HIS A ND1 1 
ATOM   56   C CD2 . HIS A 1 16  ? -23.869 -1.799  0.556   1.00 29.87  ? 37  HIS A CD2 1 
ATOM   57   C CE1 . HIS A 1 16  ? -24.765 -0.526  -0.993  1.00 29.67  ? 37  HIS A CE1 1 
ATOM   58   N NE2 . HIS A 1 16  ? -24.900 -1.671  -0.346  1.00 29.22  ? 37  HIS A NE2 1 
ATOM   59   N N   . PRO A 1 17  ? -20.877 0.828   4.405   1.00 16.95  ? 38  PRO A N   1 
ATOM   60   C CA  . PRO A 1 17  ? -19.730 1.185   5.242   1.00 16.68  ? 38  PRO A CA  1 
ATOM   61   C C   . PRO A 1 17  ? -18.589 0.232   5.074   1.00 15.75  ? 38  PRO A C   1 
ATOM   62   O O   . PRO A 1 17  ? -18.790 -0.976  4.916   1.00 15.86  ? 38  PRO A O   1 
ATOM   63   C CB  . PRO A 1 17  ? -20.275 1.104   6.675   1.00 17.77  ? 38  PRO A CB  1 
ATOM   64   C CG  . PRO A 1 17  ? -21.432 0.137   6.585   1.00 19.00  ? 38  PRO A CG  1 
ATOM   65   C CD  . PRO A 1 17  ? -21.996 0.261   5.193   1.00 18.58  ? 38  PRO A CD  1 
ATOM   66   N N   . LEU A 1 18  ? -17.382 0.768   5.067   1.00 14.31  ? 39  LEU A N   1 
ATOM   67   C CA  . LEU A 1 18  ? -16.198 -0.062  5.213   1.00 13.57  ? 39  LEU A CA  1 
ATOM   68   C C   . LEU A 1 18  ? -15.974 -0.404  6.689   1.00 13.52  ? 39  LEU A C   1 
ATOM   69   O O   . LEU A 1 18  ? -16.364 0.360   7.582   1.00 13.03  ? 39  LEU A O   1 
ATOM   70   C CB  . LEU A 1 18  ? -14.978 0.668   4.641   1.00 13.35  ? 39  LEU A CB  1 
ATOM   71   C CG  . LEU A 1 18  ? -15.123 1.073   3.172   1.00 13.82  ? 39  LEU A CG  1 
ATOM   72   C CD1 . LEU A 1 18  ? -13.990 1.970   2.712   1.00 14.44  ? 39  LEU A CD1 1 
ATOM   73   C CD2 . LEU A 1 18  ? -15.215 -0.166  2.297   1.00 14.03  ? 39  LEU A CD2 1 
ATOM   74   N N   . GLN A 1 19  ? -15.301 -1.527  6.932   1.00 14.17  ? 40  GLN A N   1 
ATOM   75   C CA  . GLN A 1 19  ? -14.797 -1.884  8.284   1.00 15.37  ? 40  GLN A CA  1 
ATOM   76   C C   . GLN A 1 19  ? -13.946 -0.745  8.889   1.00 13.82  ? 40  GLN A C   1 
ATOM   77   O O   . GLN A 1 19  ? -14.107 -0.408  10.037  1.00 13.76  ? 40  GLN A O   1 
ATOM   78   C CB  . GLN A 1 19  ? -13.964 -3.169  8.235   1.00 17.90  ? 40  GLN A CB  1 
ATOM   79   C CG  . GLN A 1 19  ? -13.437 -3.651  9.599   1.00 21.14  ? 40  GLN A CG  1 
ATOM   80   C CD  . GLN A 1 19  ? -14.556 -3.959  10.571  1.00 24.73  ? 40  GLN A CD  1 
ATOM   81   O OE1 . GLN A 1 19  ? -15.596 -4.450  10.185  1.00 28.32  ? 40  GLN A OE1 1 
ATOM   82   N NE2 . GLN A 1 19  ? -14.358 -3.643  11.831  1.00 28.55  ? 40  GLN A NE2 1 
ATOM   83   N N   . ASN A 1 20  ? -13.060 -0.149  8.109   1.00 12.71  ? 41  ASN A N   1 
ATOM   84   C CA  . ASN A 1 20  ? -12.211 0.937   8.577   1.00 13.40  ? 41  ASN A CA  1 
ATOM   85   C C   . ASN A 1 20  ? -12.398 2.190   7.757   1.00 12.98  ? 41  ASN A C   1 
ATOM   86   O O   . ASN A 1 20  ? -12.844 2.133   6.614   1.00 12.52  ? 41  ASN A O   1 
ATOM   87   C CB  . ASN A 1 20  ? -10.733 0.537   8.498   1.00 15.01  ? 41  ASN A CB  1 
ATOM   88   C CG  . ASN A 1 20  ? -10.353 -0.473  9.561   1.00 15.78  ? 41  ASN A CG  1 
ATOM   89   O OD1 . ASN A 1 20  ? -10.336 -0.168  10.761  1.00 19.61  ? 41  ASN A OD1 1 
ATOM   90   N ND2 . ASN A 1 20  ? -10.135 -1.682  9.150   1.00 17.30  ? 41  ASN A ND2 1 
ATOM   91   N N   . ARG A 1 21  ? -12.036 3.304   8.372   1.00 13.49  ? 42  ARG A N   1 
ATOM   92   C CA  . ARG A 1 21  ? -11.910 4.594   7.713   1.00 14.30  ? 42  ARG A CA  1 
ATOM   93   C C   . ARG A 1 21  ? -10.460 4.693   7.240   1.00 13.34  ? 42  ARG A C   1 
ATOM   94   O O   . ARG A 1 21  ? -9.531  4.335   7.976   1.00 14.34  ? 42  ARG A O   1 
ATOM   95   C CB  . ARG A 1 21  ? -12.250 5.727   8.677   1.00 16.04  ? 42  ARG A CB  1 
ATOM   96   C CG  . ARG A 1 21  ? -12.141 7.147   8.102   1.00 18.17  ? 42  ARG A CG  1 
ATOM   97   C CD  . ARG A 1 21  ? -12.886 8.127   9.036   1.00 20.44  ? 42  ARG A CD  1 
ATOM   98   N NE  . ARG A 1 21  ? -12.948 9.485   8.495   1.00 22.42  ? 42  ARG A NE  1 
ATOM   99   C CZ  . ARG A 1 21  ? -12.327 10.564  8.982   1.00 24.74  ? 42  ARG A CZ  1 
ATOM   100  N NH1 . ARG A 1 21  ? -12.497 11.729  8.357   1.00 27.22  ? 42  ARG A NH1 1 
ATOM   101  N NH2 . ARG A 1 21  ? -11.552 10.527  10.076  1.00 25.22  ? 42  ARG A NH2 1 
ATOM   102  N N   . TRP A 1 22  ? -10.287 5.165   6.013   1.00 12.44  ? 43  TRP A N   1 
ATOM   103  C CA  . TRP A 1 22  ? -8.996  5.202   5.335   1.00 11.94  ? 43  TRP A CA  1 
ATOM   104  C C   . TRP A 1 22  ? -8.683  6.601   4.859   1.00 12.02  ? 43  TRP A C   1 
ATOM   105  O O   . TRP A 1 22  ? -9.597  7.402   4.555   1.00 12.33  ? 43  TRP A O   1 
ATOM   106  C CB  . TRP A 1 22  ? -8.987  4.254   4.150   1.00 12.13  ? 43  TRP A CB  1 
ATOM   107  C CG  . TRP A 1 22  ? -9.239  2.829   4.501   1.00 12.12  ? 43  TRP A CG  1 
ATOM   108  C CD1 . TRP A 1 22  ? -10.456 2.215   4.630   1.00 12.07  ? 43  TRP A CD1 1 
ATOM   109  C CD2 . TRP A 1 22  ? -8.252  1.834   4.756   1.00 11.65  ? 43  TRP A CD2 1 
ATOM   110  N NE1 . TRP A 1 22  ? -10.282 0.891   4.952   1.00 12.31  ? 43  TRP A NE1 1 
ATOM   111  C CE2 . TRP A 1 22  ? -8.933  0.639   5.053   1.00 12.13  ? 43  TRP A CE2 1 
ATOM   112  C CE3 . TRP A 1 22  ? -6.849  1.843   4.770   1.00 11.87  ? 43  TRP A CE3 1 
ATOM   113  C CZ2 . TRP A 1 22  ? -8.253  -0.553  5.359   1.00 12.45  ? 43  TRP A CZ2 1 
ATOM   114  C CZ3 . TRP A 1 22  ? -6.173  0.672   5.070   1.00 11.92  ? 43  TRP A CZ3 1 
ATOM   115  C CH2 . TRP A 1 22  ? -6.873  -0.518  5.337   1.00 12.18  ? 43  TRP A CH2 1 
ATOM   116  N N   . ALA A 1 23  ? -7.386  6.892   4.797   1.00 11.30  ? 44  ALA A N   1 
ATOM   117  C CA  . ALA A 1 23  ? -6.870  8.150   4.291   1.00 11.61  ? 44  ALA A CA  1 
ATOM   118  C C   . ALA A 1 23  ? -5.948  7.952   3.095   1.00 11.97  ? 44  ALA A C   1 
ATOM   119  O O   . ALA A 1 23  ? -4.969  7.180   3.156   1.00 11.28  ? 44  ALA A O   1 
ATOM   120  C CB  . ALA A 1 23  ? -6.125  8.884   5.387   1.00 12.39  ? 44  ALA A CB  1 
ATOM   121  N N   . LEU A 1 24  ? -6.206  8.711   2.034   1.00 12.14  ? 45  LEU A N   1 
ATOM   122  C CA  . LEU A 1 24  ? -5.423  8.620   0.815   1.00 12.86  ? 45  LEU A CA  1 
ATOM   123  C C   . LEU A 1 24  ? -4.515  9.843   0.756   1.00 12.37  ? 45  LEU A C   1 
ATOM   124  O O   . LEU A 1 24  ? -4.966  10.989  0.926   1.00 12.80  ? 45  LEU A O   1 
ATOM   125  C CB  . LEU A 1 24  ? -6.335  8.519   -0.422  1.00 13.27  ? 45  LEU A CB  1 
ATOM   126  C CG  . LEU A 1 24  ? -5.555  8.372   -1.736  1.00 14.06  ? 45  LEU A CG  1 
ATOM   127  C CD1 . LEU A 1 24  ? -5.054  6.965   -1.942  1.00 14.61  ? 45  LEU A CD1 1 
ATOM   128  C CD2 . LEU A 1 24  ? -6.401  8.812   -2.924  1.00 14.55  ? 45  LEU A CD2 1 
ATOM   129  N N   . TRP A 1 25  ? -3.230  9.579   0.580   1.00 12.12  ? 46  TRP A N   1 
ATOM   130  C CA  . TRP A 1 25  ? -2.206  10.599  0.614   1.00 12.76  ? 46  TRP A CA  1 
ATOM   131  C C   . TRP A 1 25  ? -1.532  10.637  -0.752  1.00 13.48  ? 46  TRP A C   1 
ATOM   132  O O   . TRP A 1 25  ? -1.480  9.639   -1.478  1.00 12.83  ? 46  TRP A O   1 
ATOM   133  C CB  . TRP A 1 25  ? -1.156  10.335  1.716   1.00 13.08  ? 46  TRP A CB  1 
ATOM   134  C CG  . TRP A 1 25  ? -1.646  10.376  3.104   1.00 14.27  ? 46  TRP A CG  1 
ATOM   135  C CD1 . TRP A 1 25  ? -2.265  9.371   3.775   1.00 14.94  ? 46  TRP A CD1 1 
ATOM   136  C CD2 . TRP A 1 25  ? -1.560  11.474  4.027   1.00 16.42  ? 46  TRP A CD2 1 
ATOM   137  N NE1 . TRP A 1 25  ? -2.561  9.761   5.043   1.00 15.16  ? 46  TRP A NE1 1 
ATOM   138  C CE2 . TRP A 1 25  ? -2.151  11.049  5.228   1.00 16.72  ? 46  TRP A CE2 1 
ATOM   139  C CE3 . TRP A 1 25  ? -1.016  12.769  3.960   1.00 18.39  ? 46  TRP A CE3 1 
ATOM   140  C CZ2 . TRP A 1 25  ? -2.256  11.879  6.357   1.00 18.58  ? 46  TRP A CZ2 1 
ATOM   141  C CZ3 . TRP A 1 25  ? -1.103  13.599  5.113   1.00 19.88  ? 46  TRP A CZ3 1 
ATOM   142  C CH2 . TRP A 1 25  ? -1.711  13.140  6.277   1.00 19.31  ? 46  TRP A CH2 1 
ATOM   143  N N   . PHE A 1 26  ? -1.023  11.818  -1.087  1.00 14.87  ? 47  PHE A N   1 
ATOM   144  C CA  . PHE A 1 26  ? -0.171  12.036  -2.235  1.00 15.34  ? 47  PHE A CA  1 
ATOM   145  C C   . PHE A 1 26  ? 1.174   12.560  -1.762  1.00 16.57  ? 47  PHE A C   1 
ATOM   146  O O   . PHE A 1 26  ? 1.251   13.472  -0.916  1.00 17.29  ? 47  PHE A O   1 
ATOM   147  C CB  . PHE A 1 26  ? -0.783  13.068  -3.158  1.00 15.91  ? 47  PHE A CB  1 
ATOM   148  C CG  . PHE A 1 26  ? 0.037   13.349  -4.369  1.00 15.72  ? 47  PHE A CG  1 
ATOM   149  C CD1 . PHE A 1 26  ? 0.062   12.448  -5.406  1.00 16.41  ? 47  PHE A CD1 1 
ATOM   150  C CD2 . PHE A 1 26  ? 0.805   14.503  -4.448  1.00 16.45  ? 47  PHE A CD2 1 
ATOM   151  C CE1 . PHE A 1 26  ? 0.816   12.695  -6.536  1.00 17.36  ? 47  PHE A CE1 1 
ATOM   152  C CE2 . PHE A 1 26  ? 1.554   14.770  -5.569  1.00 17.17  ? 47  PHE A CE2 1 
ATOM   153  C CZ  . PHE A 1 26  ? 1.555   13.864  -6.621  1.00 17.91  ? 47  PHE A CZ  1 
ATOM   154  N N   . PHE A 1 27  ? 2.230   12.023  -2.332  1.00 17.96  ? 48  PHE A N   1 
ATOM   155  C CA  . PHE A 1 27  ? 3.564   12.550  -2.079  1.00 21.20  ? 48  PHE A CA  1 
ATOM   156  C C   . PHE A 1 27  ? 4.274   12.939  -3.376  1.00 24.02  ? 48  PHE A C   1 
ATOM   157  O O   . PHE A 1 27  ? 4.188   12.224  -4.371  1.00 21.28  ? 48  PHE A O   1 
ATOM   158  C CB  . PHE A 1 27  ? 4.395   11.518  -1.350  1.00 23.62  ? 48  PHE A CB  1 
ATOM   159  C CG  . PHE A 1 27  ? 5.730   12.039  -0.937  1.00 26.57  ? 48  PHE A CG  1 
ATOM   160  C CD1 . PHE A 1 27  ? 5.866   12.794  0.220   1.00 27.79  ? 48  PHE A CD1 1 
ATOM   161  C CD2 . PHE A 1 27  ? 6.819   11.866  -1.749  1.00 28.98  ? 48  PHE A CD2 1 
ATOM   162  C CE1 . PHE A 1 27  ? 7.107   13.312  0.581   1.00 29.46  ? 48  PHE A CE1 1 
ATOM   163  C CE2 . PHE A 1 27  ? 8.061   12.375  -1.386  1.00 29.84  ? 48  PHE A CE2 1 
ATOM   164  C CZ  . PHE A 1 27  ? 8.207   13.094  -0.218  1.00 28.70  ? 48  PHE A CZ  1 
ATOM   165  N N   . LYS A 1 28  ? 4.985   14.056  -3.364  1.00 28.93  ? 49  LYS A N   1 
ATOM   166  C CA  . LYS A 1 28  ? 5.952   14.378  -4.468  1.00 37.36  ? 49  LYS A CA  1 
ATOM   167  C C   . LYS A 1 28  ? 7.309   14.810  -3.920  1.00 39.87  ? 49  LYS A C   1 
ATOM   168  O O   . LYS A 1 28  ? 7.335   15.731  -3.152  1.00 34.54  ? 49  LYS A O   1 
ATOM   169  C CB  . LYS A 1 28  ? 5.414   15.503  -5.302  1.00 39.71  ? 49  LYS A CB  1 
ATOM   170  C CG  . LYS A 1 28  ? 6.328   15.913  -6.432  1.00 45.27  ? 49  LYS A CG  1 
ATOM   171  C CD  . LYS A 1 28  ? 5.659   16.994  -7.283  1.00 50.00  ? 49  LYS A CD  1 
ATOM   172  C CE  . LYS A 1 28  ? 6.532   17.393  -8.475  1.00 52.32  ? 49  LYS A CE  1 
ATOM   173  N NZ  . LYS A 1 28  ? 6.880   16.213  -9.330  1.00 51.00  ? 49  LYS A NZ  1 
ATOM   174  N N   . ASN A 1 29  ? 8.421   14.167  -4.318  1.00 49.96  ? 50  ASN A N   1 
ATOM   175  C CA  . ASN A 1 29  ? 9.807   14.609  -3.910  1.00 56.40  ? 50  ASN A CA  1 
ATOM   176  C C   . ASN A 1 29  ? 10.178  15.979  -4.519  1.00 59.58  ? 50  ASN A C   1 
ATOM   177  O O   . ASN A 1 29  ? 9.640   16.355  -5.571  1.00 61.57  ? 50  ASN A O   1 
ATOM   178  C CB  . ASN A 1 29  ? 10.882  13.591  -4.335  1.00 59.86  ? 50  ASN A CB  1 
ATOM   179  C CG  . ASN A 1 29  ? 10.915  12.339  -3.466  1.00 64.04  ? 50  ASN A CG  1 
ATOM   180  O OD1 . ASN A 1 29  ? 11.118  12.423  -2.239  1.00 76.34  ? 50  ASN A OD1 1 
ATOM   181  N ND2 . ASN A 1 29  ? 10.781  11.165  -4.108  1.00 60.08  ? 50  ASN A ND2 1 
ATOM   182  N N   . ASP A 1 30  ? 11.095  16.724  -3.888  1.00 63.36  ? 51  ASP A N   1 
ATOM   183  C CA  . ASP A 1 30  ? 11.378  18.108  -4.330  1.00 60.43  ? 51  ASP A CA  1 
ATOM   184  C C   . ASP A 1 30  ? 12.681  18.711  -3.755  1.00 67.48  ? 51  ASP A C   1 
ATOM   185  O O   . ASP A 1 30  ? 13.659  18.004  -3.503  1.00 69.76  ? 51  ASP A O   1 
ATOM   186  C CB  . ASP A 1 30  ? 10.152  18.980  -3.983  1.00 59.21  ? 51  ASP A CB  1 
ATOM   187  C CG  . ASP A 1 30  ? 9.870   20.063  -5.016  1.00 58.01  ? 51  ASP A CG  1 
ATOM   188  O OD1 . ASP A 1 30  ? 10.731  20.931  -5.227  1.00 53.71  ? 51  ASP A OD1 1 
ATOM   189  O OD2 . ASP A 1 30  ? 8.769   20.076  -5.588  1.00 59.48  ? 51  ASP A OD2 1 
ATOM   190  N N   . LYS A 1 31  ? 12.688  20.038  -3.624  1.00 68.66  ? 52  LYS A N   1 
ATOM   191  C CA  . LYS A 1 31  ? 13.646  20.808  -2.864  1.00 63.14  ? 52  LYS A CA  1 
ATOM   192  C C   . LYS A 1 31  ? 12.933  21.439  -1.662  1.00 58.39  ? 52  LYS A C   1 
ATOM   193  O O   . LYS A 1 31  ? 13.416  22.417  -1.113  1.00 52.52  ? 52  LYS A O   1 
ATOM   194  C CB  . LYS A 1 31  ? 14.145  21.941  -3.750  1.00 68.04  ? 52  LYS A CB  1 
ATOM   195  C CG  . LYS A 1 31  ? 14.752  21.483  -5.065  1.00 75.14  ? 52  LYS A CG  1 
ATOM   196  C CD  . LYS A 1 31  ? 14.998  22.665  -5.979  1.00 79.28  ? 52  LYS A CD  1 
ATOM   197  C CE  . LYS A 1 31  ? 15.687  22.243  -7.265  1.00 81.24  ? 52  LYS A CE  1 
ATOM   198  N NZ  . LYS A 1 31  ? 15.886  23.411  -8.166  1.00 83.28  ? 52  LYS A NZ  1 
ATOM   199  N N   . SER A 1 32  ? 11.783  20.889  -1.257  1.00 52.77  ? 53  SER A N   1 
ATOM   200  C CA  . SER A 1 32  ? 10.881  21.539  -0.297  1.00 48.37  ? 53  SER A CA  1 
ATOM   201  C C   . SER A 1 32  ? 10.878  20.798  1.023   1.00 47.23  ? 53  SER A C   1 
ATOM   202  O O   . SER A 1 32  ? 11.510  19.747  1.134   1.00 35.99  ? 53  SER A O   1 
ATOM   203  C CB  . SER A 1 32  ? 9.455   21.566  -0.835  1.00 47.56  ? 53  SER A CB  1 
ATOM   204  O OG  . SER A 1 32  ? 9.431   22.033  -2.159  1.00 48.23  ? 53  SER A OG  1 
ATOM   205  N N   . LYS A 1 33  ? 10.116  21.336  1.988   1.00 50.18  ? 54  LYS A N   1 
ATOM   206  C CA  . LYS A 1 33  ? 10.013  20.780  3.360   1.00 58.78  ? 54  LYS A CA  1 
ATOM   207  C C   . LYS A 1 33  ? 9.909   19.262  3.439   1.00 60.62  ? 54  LYS A C   1 
ATOM   208  O O   . LYS A 1 33  ? 10.353  18.692  4.423   1.00 68.38  ? 54  LYS A O   1 
ATOM   209  C CB  . LYS A 1 33  ? 8.848   21.352  4.188   1.00 61.63  ? 54  LYS A CB  1 
ATOM   210  C CG  . LYS A 1 33  ? 8.762   22.866  4.300   1.00 67.98  ? 54  LYS A CG  1 
ATOM   211  C CD  . LYS A 1 33  ? 7.451   23.317  4.927   1.00 70.00  ? 54  LYS A CD  1 
ATOM   212  C CE  . LYS A 1 33  ? 7.448   24.832  5.002   1.00 72.49  ? 54  LYS A CE  1 
ATOM   213  N NZ  . LYS A 1 33  ? 6.267   25.477  5.651   1.00 80.50  ? 54  LYS A NZ  1 
ATOM   214  N N   . THR A 1 34  ? 9.287   18.641  2.426   1.00 61.70  ? 55  THR A N   1 
ATOM   215  C CA  . THR A 1 34  ? 9.157   17.181  2.246   1.00 64.64  ? 55  THR A CA  1 
ATOM   216  C C   . THR A 1 34  ? 8.089   16.581  3.151   1.00 65.10  ? 55  THR A C   1 
ATOM   217  O O   . THR A 1 34  ? 7.041   16.080  2.698   1.00 55.53  ? 55  THR A O   1 
ATOM   218  C CB  . THR A 1 34  ? 10.465  16.339  2.357   1.00 66.53  ? 55  THR A CB  1 
ATOM   219  O OG1 . THR A 1 34  ? 10.971  16.353  3.699   1.00 70.23  ? 55  THR A OG1 1 
ATOM   220  C CG2 . THR A 1 34  ? 11.535  16.801  1.362   1.00 69.99  ? 55  THR A CG2 1 
ATOM   221  N N   . TRP A 1 35  ? 8.352   16.622  4.440   1.00 60.53  ? 56  TRP A N   1 
ATOM   222  C CA  . TRP A 1 35  ? 7.399   16.083  5.364   1.00 64.08  ? 56  TRP A CA  1 
ATOM   223  C C   . TRP A 1 35  ? 6.756   17.260  5.992   1.00 66.10  ? 56  TRP A C   1 
ATOM   224  O O   . TRP A 1 35  ? 7.112   17.694  7.088   1.00 65.58  ? 56  TRP A O   1 
ATOM   225  C CB  . TRP A 1 35  ? 8.054   15.062  6.273   1.00 62.61  ? 56  TRP A CB  1 
ATOM   226  C CG  . TRP A 1 35  ? 8.246   13.879  5.437   1.00 57.16  ? 56  TRP A CG  1 
ATOM   227  C CD1 . TRP A 1 35  ? 9.139   13.738  4.414   1.00 58.06  ? 56  TRP A CD1 1 
ATOM   228  C CD2 . TRP A 1 35  ? 7.437   12.728  5.421   1.00 59.14  ? 56  TRP A CD2 1 
ATOM   229  N NE1 . TRP A 1 35  ? 8.972   12.536  3.799   1.00 58.16  ? 56  TRP A NE1 1 
ATOM   230  C CE2 . TRP A 1 35  ? 7.934   11.888  4.401   1.00 57.20  ? 56  TRP A CE2 1 
ATOM   231  C CE3 . TRP A 1 35  ? 6.366   12.292  6.202   1.00 62.83  ? 56  TRP A CE3 1 
ATOM   232  C CZ2 . TRP A 1 35  ? 7.409   10.647  4.148   1.00 63.12  ? 56  TRP A CZ2 1 
ATOM   233  C CZ3 . TRP A 1 35  ? 5.839   11.061  5.948   1.00 66.14  ? 56  TRP A CZ3 1 
ATOM   234  C CH2 . TRP A 1 35  ? 6.361   10.247  4.927   1.00 69.99  ? 56  TRP A CH2 1 
ATOM   235  N N   . GLN A 1 36  ? 5.865   17.796  5.157   1.00 62.44  ? 57  GLN A N   1 
ATOM   236  C CA  . GLN A 1 36  ? 4.883   18.828  5.443   1.00 62.94  ? 57  GLN A CA  1 
ATOM   237  C C   . GLN A 1 36  ? 4.579   19.303  4.059   1.00 56.45  ? 57  GLN A C   1 
ATOM   238  O O   . GLN A 1 36  ? 3.447   19.164  3.565   1.00 54.46  ? 57  GLN A O   1 
ATOM   239  C CB  . GLN A 1 36  ? 5.397   19.992  6.295   1.00 67.76  ? 57  GLN A CB  1 
ATOM   240  C CG  . GLN A 1 36  ? 5.294   19.694  7.786   1.00 79.87  ? 57  GLN A CG  1 
ATOM   241  C CD  . GLN A 1 36  ? 5.940   20.740  8.666   1.00 95.06  ? 57  GLN A CD  1 
ATOM   242  O OE1 . GLN A 1 36  ? 6.474   21.754  8.199   1.00 106.41 ? 57  GLN A OE1 1 
ATOM   243  N NE2 . GLN A 1 36  ? 5.897   20.483  9.973   1.00 96.43  ? 57  GLN A NE2 1 
ATOM   244  N N   . ALA A 1 37  ? 5.635   19.790  3.408   1.00 47.00  ? 58  ALA A N   1 
ATOM   245  C CA  . ALA A 1 37  ? 5.467   20.463  2.159   1.00 40.88  ? 58  ALA A CA  1 
ATOM   246  C C   . ALA A 1 37  ? 5.050   19.459  1.136   1.00 33.52  ? 58  ALA A C   1 
ATOM   247  O O   . ALA A 1 37  ? 4.040   19.665  0.480   1.00 36.12  ? 58  ALA A O   1 
ATOM   248  C CB  . ALA A 1 37  ? 6.729   21.191  1.706   1.00 43.01  ? 58  ALA A CB  1 
ATOM   249  N N   . ASN A 1 38  ? 5.812   18.373  0.996   1.00 27.02  ? 59  ASN A N   1 
ATOM   250  C CA  . ASN A 1 38  ? 5.593   17.476  -0.133  1.00 25.07  ? 59  ASN A CA  1 
ATOM   251  C C   . ASN A 1 38  ? 4.486   16.436  0.070   1.00 23.98  ? 59  ASN A C   1 
ATOM   252  O O   . ASN A 1 38  ? 4.041   15.821  -0.899  1.00 19.96  ? 59  ASN A O   1 
ATOM   253  C CB  . ASN A 1 38  ? 6.870   16.753  -0.500  1.00 25.05  ? 59  ASN A CB  1 
ATOM   254  C CG  . ASN A 1 38  ? 7.913   17.648  -1.177  1.00 24.94  ? 59  ASN A CG  1 
ATOM   255  O OD1 . ASN A 1 38  ? 9.098   17.385  -1.073  1.00 27.90  ? 59  ASN A OD1 1 
ATOM   256  N ND2 . ASN A 1 38  ? 7.488   18.618  -1.921  1.00 24.99  ? 59  ASN A ND2 1 
ATOM   257  N N   . LEU A 1 39  ? 4.094   16.193  1.309   1.00 24.97  ? 60  LEU A N   1 
ATOM   258  C CA  . LEU A 1 39  ? 3.115   15.156  1.601   1.00 29.52  ? 60  LEU A CA  1 
ATOM   259  C C   . LEU A 1 39  ? 1.803   15.837  1.839   1.00 30.09  ? 60  LEU A C   1 
ATOM   260  O O   . LEU A 1 39  ? 1.743   16.757  2.635   1.00 37.03  ? 60  LEU A O   1 
ATOM   261  C CB  . LEU A 1 39  ? 3.491   14.396  2.850   1.00 31.76  ? 60  LEU A CB  1 
ATOM   262  C CG  . LEU A 1 39  ? 2.421   13.357  3.205   1.00 34.43  ? 60  LEU A CG  1 
ATOM   263  C CD1 . LEU A 1 39  ? 2.700   12.061  2.480   1.00 32.02  ? 60  LEU A CD1 1 
ATOM   264  C CD2 . LEU A 1 39  ? 2.337   13.185  4.722   1.00 37.98  ? 60  LEU A CD2 1 
ATOM   265  N N   . ARG A 1 40  ? 0.750   15.408  1.166   1.00 27.08  ? 61  ARG A N   1 
ATOM   266  C CA  . ARG A 1 40  ? -0.542  15.959  1.464   1.00 27.05  ? 61  ARG A CA  1 
ATOM   267  C C   . ARG A 1 40  ? -1.699  14.997  1.376   1.00 23.06  ? 61  ARG A C   1 
ATOM   268  O O   . ARG A 1 40  ? -1.709  14.078  0.573   1.00 19.95  ? 61  ARG A O   1 
ATOM   269  C CB  . ARG A 1 40  ? -0.796  17.165  0.598   1.00 32.63  ? 61  ARG A CB  1 
ATOM   270  C CG  . ARG A 1 40  ? -1.093  16.865  -0.849  1.00 37.27  ? 61  ARG A CG  1 
ATOM   271  C CD  . ARG A 1 40  ? -1.356  18.165  -1.584  1.00 43.91  ? 61  ARG A CD  1 
ATOM   272  N NE  . ARG A 1 40  ? -2.769  18.531  -1.563  1.00 46.28  ? 61  ARG A NE  1 
ATOM   273  C CZ  . ARG A 1 40  ? -3.307  19.448  -2.368  1.00 48.52  ? 61  ARG A CZ  1 
ATOM   274  N NH1 . ARG A 1 40  ? -2.549  20.125  -3.234  1.00 48.71  ? 61  ARG A NH1 1 
ATOM   275  N NH2 . ARG A 1 40  ? -4.607  19.701  -2.305  1.00 46.18  ? 61  ARG A NH2 1 
ATOM   276  N N   . LEU A 1 41  ? -2.680  15.261  2.224   1.00 20.33  ? 62  LEU A N   1 
ATOM   277  C CA  . LEU A 1 41  ? -3.836  14.422  2.382   1.00 20.43  ? 62  LEU A CA  1 
ATOM   278  C C   . LEU A 1 41  ? -4.782  14.705  1.242   1.00 19.91  ? 62  LEU A C   1 
ATOM   279  O O   . LEU A 1 41  ? -5.154  15.848  1.065   1.00 22.15  ? 62  LEU A O   1 
ATOM   280  C CB  . LEU A 1 41  ? -4.543  14.730  3.718   1.00 19.60  ? 62  LEU A CB  1 
ATOM   281  C CG  . LEU A 1 41  ? -5.864  13.997  3.960   1.00 19.70  ? 62  LEU A CG  1 
ATOM   282  C CD1 . LEU A 1 41  ? -5.616  12.499  4.074   1.00 19.39  ? 62  LEU A CD1 1 
ATOM   283  C CD2 . LEU A 1 41  ? -6.511  14.548  5.228   1.00 19.92  ? 62  LEU A CD2 1 
ATOM   284  N N   . ILE A 1 42  ? -5.186  13.694  0.487   1.00 18.16  ? 63  ILE A N   1 
ATOM   285  C CA  . ILE A 1 42  ? -6.183  13.910  -0.552  1.00 18.71  ? 63  ILE A CA  1 
ATOM   286  C C   . ILE A 1 42  ? -7.559  13.895  0.089   1.00 19.69  ? 63  ILE A C   1 
ATOM   287  O O   . ILE A 1 42  ? -8.303  14.884  -0.001  1.00 18.74  ? 63  ILE A O   1 
ATOM   288  C CB  . ILE A 1 42  ? -6.112  12.887  -1.684  1.00 18.93  ? 63  ILE A CB  1 
ATOM   289  C CG1 . ILE A 1 42  ? -4.724  12.959  -2.335  1.00 18.63  ? 63  ILE A CG1 1 
ATOM   290  C CG2 . ILE A 1 42  ? -7.229  13.161  -2.700  1.00 20.73  ? 63  ILE A CG2 1 
ATOM   291  C CD1 . ILE A 1 42  ? -4.428  11.874  -3.329  1.00 18.45  ? 63  ILE A CD1 1 
ATOM   292  N N   . SER A 1 43  ? -7.878  12.796  0.760   1.00 18.76  ? 64  SER A N   1 
ATOM   293  C CA  . SER A 1 43  ? -9.185  12.631  1.356   1.00 19.54  ? 64  SER A CA  1 
ATOM   294  C C   . SER A 1 43  ? -9.236  11.457  2.312   1.00 17.98  ? 64  SER A C   1 
ATOM   295  O O   . SER A 1 43  ? -8.444  10.517  2.177   1.00 17.78  ? 64  SER A O   1 
ATOM   296  C CB  . SER A 1 43  ? -10.184 12.343  0.229   1.00 21.06  ? 64  SER A CB  1 
ATOM   297  O OG  . SER A 1 43  ? -11.484 12.350  0.746   1.00 24.56  ? 64  SER A OG  1 
ATOM   298  N N   . LYS A 1 44  ? -10.174 11.515  3.261   1.00 16.08  ? 65  LYS A N   1 
ATOM   299  C CA  . LYS A 1 44  ? -10.533 10.383  4.067   1.00 15.56  ? 65  LYS A CA  1 
ATOM   300  C C   . LYS A 1 44  ? -11.914 9.854   3.622   1.00 15.49  ? 65  LYS A C   1 
ATOM   301  O O   . LYS A 1 44  ? -12.772 10.614  3.230   1.00 18.58  ? 65  LYS A O   1 
ATOM   302  C CB  . LYS A 1 44  ? -10.510 10.716  5.551   1.00 15.53  ? 65  LYS A CB  1 
ATOM   303  C CG  . LYS A 1 44  ? -9.123  11.062  6.025   1.00 16.30  ? 65  LYS A CG  1 
ATOM   304  C CD  . LYS A 1 44  ? -9.003  11.176  7.522   1.00 17.86  ? 65  LYS A CD  1 
ATOM   305  C CE  . LYS A 1 44  ? -7.587  11.572  7.871   1.00 19.00  ? 65  LYS A CE  1 
ATOM   306  N NZ  . LYS A 1 44  ? -7.436  11.560  9.340   1.00 20.15  ? 65  LYS A NZ  1 
ATOM   307  N N   . PHE A 1 45  ? -12.100 8.544   3.652   1.00 14.23  ? 66  PHE A N   1 
ATOM   308  C CA  . PHE A 1 45  ? -13.372 7.918   3.269   1.00 13.54  ? 66  PHE A CA  1 
ATOM   309  C C   . PHE A 1 45  ? -13.608 6.660   4.108   1.00 14.31  ? 66  PHE A C   1 
ATOM   310  O O   . PHE A 1 45  ? -12.651 6.072   4.665   1.00 13.80  ? 66  PHE A O   1 
ATOM   311  C CB  . PHE A 1 45  ? -13.390 7.609   1.789   1.00 12.86  ? 66  PHE A CB  1 
ATOM   312  C CG  . PHE A 1 45  ? -12.369 6.644   1.376   1.00 12.44  ? 66  PHE A CG  1 
ATOM   313  C CD1 . PHE A 1 45  ? -12.621 5.286   1.462   1.00 12.25  ? 66  PHE A CD1 1 
ATOM   314  C CD2 . PHE A 1 45  ? -11.107 7.074   0.982   1.00 12.10  ? 66  PHE A CD2 1 
ATOM   315  C CE1 . PHE A 1 45  ? -11.658 4.362   1.106   1.00 11.93  ? 66  PHE A CE1 1 
ATOM   316  C CE2 . PHE A 1 45  ? -10.150 6.152   0.625   1.00 11.80  ? 66  PHE A CE2 1 
ATOM   317  C CZ  . PHE A 1 45  ? -10.423 4.796   0.701   1.00 11.69  ? 66  PHE A CZ  1 
ATOM   318  N N   . ASP A 1 46  ? -14.879 6.302   4.260   1.00 14.14  ? 67  ASP A N   1 
ATOM   319  C CA  . ASP A 1 46  ? -15.261 5.110   4.996   1.00 14.68  ? 67  ASP A CA  1 
ATOM   320  C C   . ASP A 1 46  ? -16.464 4.385   4.431   1.00 13.73  ? 67  ASP A C   1 
ATOM   321  O O   . ASP A 1 46  ? -17.152 3.612   5.162   1.00 13.78  ? 67  ASP A O   1 
ATOM   322  C CB  . ASP A 1 46  ? -15.467 5.442   6.478   1.00 16.36  ? 67  ASP A CB  1 
ATOM   323  C CG  . ASP A 1 46  ? -16.696 6.318   6.747   1.00 19.29  ? 67  ASP A CG  1 
ATOM   324  O OD1 . ASP A 1 46  ? -17.385 6.838   5.835   1.00 19.40  ? 67  ASP A OD1 1 
ATOM   325  O OD2 . ASP A 1 46  ? -16.991 6.457   7.948   1.00 23.93  ? 67  ASP A OD2 1 
ATOM   326  N N   . THR A 1 47  ? -16.719 4.586   3.140   1.00 12.80  ? 68  THR A N   1 
ATOM   327  C CA  . THR A 1 47  ? -17.709 3.786   2.464   1.00 13.09  ? 68  THR A CA  1 
ATOM   328  C C   . THR A 1 47  ? -17.237 3.395   1.091   1.00 12.75  ? 68  THR A C   1 
ATOM   329  O O   . THR A 1 47  ? -16.337 4.011   0.533   1.00 12.32  ? 68  THR A O   1 
ATOM   330  C CB  . THR A 1 47  ? -19.070 4.530   2.319   1.00 13.78  ? 68  THR A CB  1 
ATOM   331  O OG1 . THR A 1 47  ? -18.921 5.565   1.353   1.00 13.89  ? 68  THR A OG1 1 
ATOM   332  C CG2 . THR A 1 47  ? -19.548 5.129   3.663   1.00 14.01  ? 68  THR A CG2 1 
ATOM   333  N N   . VAL A 1 48  ? -17.914 2.392   0.526   1.00 13.54  ? 69  VAL A N   1 
ATOM   334  C CA  . VAL A 1 48  ? -17.603 1.880   -0.803  1.00 14.52  ? 69  VAL A CA  1 
ATOM   335  C C   . VAL A 1 48  ? -17.839 2.956   -1.880  1.00 14.83  ? 69  VAL A C   1 
ATOM   336  O O   . VAL A 1 48  ? -17.031 3.145   -2.795  1.00 14.83  ? 69  VAL A O   1 
ATOM   337  C CB  . VAL A 1 48  ? -18.448 0.632   -1.100  1.00 15.00  ? 69  VAL A CB  1 
ATOM   338  C CG1 . VAL A 1 48  ? -18.290 0.185   -2.549  1.00 15.98  ? 69  VAL A CG1 1 
ATOM   339  C CG2 . VAL A 1 48  ? -18.088 -0.517  -0.139  1.00 15.50  ? 69  VAL A CG2 1 
ATOM   340  N N   . GLU A 1 49  ? -18.969 3.645   -1.747  1.00 15.90  ? 70  GLU A N   1 
ATOM   341  C CA  . GLU A 1 49  ? -19.370 4.686   -2.678  1.00 16.38  ? 70  GLU A CA  1 
ATOM   342  C C   . GLU A 1 49  ? -18.367 5.817   -2.682  1.00 15.18  ? 70  GLU A C   1 
ATOM   343  O O   . GLU A 1 49  ? -18.030 6.317   -3.748  1.00 15.20  ? 70  GLU A O   1 
ATOM   344  C CB  . GLU A 1 49  ? -20.784 5.211   -2.330  1.00 17.72  ? 70  GLU A CB  1 
ATOM   345  C CG  . GLU A 1 49  ? -21.898 4.204   -2.616  1.00 18.25  ? 70  GLU A CG  1 
ATOM   346  C CD  . GLU A 1 49  ? -22.146 3.153   -1.529  1.00 19.77  ? 70  GLU A CD  1 
ATOM   347  O OE1 . GLU A 1 49  ? -21.476 3.109   -0.452  1.00 18.41  ? 70  GLU A OE1 1 
ATOM   348  O OE2 . GLU A 1 49  ? -23.056 2.329   -1.744  1.00 21.26  ? 70  GLU A OE2 1 
ATOM   349  N N   . ASP A 1 50  ? -17.884 6.218   -1.500  1.00 13.16  ? 71  ASP A N   1 
ATOM   350  C CA  . ASP A 1 50  ? -16.898 7.303   -1.402  1.00 13.28  ? 71  ASP A CA  1 
ATOM   351  C C   . ASP A 1 50  ? -15.516 6.885   -1.907  1.00 12.42  ? 71  ASP A C   1 
ATOM   352  O O   . ASP A 1 50  ? -14.847 7.680   -2.541  1.00 11.42  ? 71  ASP A O   1 
ATOM   353  C CB  . ASP A 1 50  ? -16.830 7.851   0.018   1.00 14.16  ? 71  ASP A CB  1 
ATOM   354  C CG  . ASP A 1 50  ? -18.171 8.475   0.457   1.00 16.18  ? 71  ASP A CG  1 
ATOM   355  O OD1 . ASP A 1 50  ? -18.677 9.262   -0.359  1.00 16.76  ? 71  ASP A OD1 1 
ATOM   356  O OD2 . ASP A 1 50  ? -18.721 8.155   1.561   1.00 15.29  ? 71  ASP A OD2 1 
ATOM   357  N N   . PHE A 1 51  ? -15.129 5.631   -1.685  1.00 11.98  ? 72  PHE A N   1 
ATOM   358  C CA  . PHE A 1 51  ? -13.900 5.088   -2.290  1.00 12.59  ? 72  PHE A CA  1 
ATOM   359  C C   . PHE A 1 51  ? -13.901 5.259   -3.816  1.00 12.66  ? 72  PHE A C   1 
ATOM   360  O O   . PHE A 1 51  ? -12.967 5.817   -4.390  1.00 12.59  ? 72  PHE A O   1 
ATOM   361  C CB  . PHE A 1 51  ? -13.718 3.603   -1.968  1.00 12.58  ? 72  PHE A CB  1 
ATOM   362  C CG  . PHE A 1 51  ? -12.672 2.963   -2.804  1.00 13.00  ? 72  PHE A CG  1 
ATOM   363  C CD1 . PHE A 1 51  ? -11.330 3.243   -2.567  1.00 12.77  ? 72  PHE A CD1 1 
ATOM   364  C CD2 . PHE A 1 51  ? -13.014 2.162   -3.881  1.00 13.23  ? 72  PHE A CD2 1 
ATOM   365  C CE1 . PHE A 1 51  ? -10.351 2.693   -3.362  1.00 13.19  ? 72  PHE A CE1 1 
ATOM   366  C CE2 . PHE A 1 51  ? -12.035 1.620   -4.686  1.00 13.60  ? 72  PHE A CE2 1 
ATOM   367  C CZ  . PHE A 1 51  ? -10.691 1.879   -4.423  1.00 12.71  ? 72  PHE A CZ  1 
ATOM   368  N N   . TRP A 1 52  ? -14.956 4.777   -4.452  1.00 13.30  ? 73  TRP A N   1 
ATOM   369  C CA  . TRP A 1 52  ? -15.029 4.781   -5.909  1.00 14.20  ? 73  TRP A CA  1 
ATOM   370  C C   . TRP A 1 52  ? -15.100 6.200   -6.461  1.00 14.29  ? 73  TRP A C   1 
ATOM   371  O O   . TRP A 1 52  ? -14.507 6.468   -7.498  1.00 14.61  ? 73  TRP A O   1 
ATOM   372  C CB  . TRP A 1 52  ? -16.193 3.917   -6.434  1.00 14.26  ? 73  TRP A CB  1 
ATOM   373  C CG  . TRP A 1 52  ? -15.894 2.443   -6.364  1.00 15.79  ? 73  TRP A CG  1 
ATOM   374  C CD1 . TRP A 1 52  ? -16.516 1.514   -5.582  1.00 15.78  ? 73  TRP A CD1 1 
ATOM   375  C CD2 . TRP A 1 52  ? -14.860 1.743   -7.072  1.00 16.21  ? 73  TRP A CD2 1 
ATOM   376  N NE1 . TRP A 1 52  ? -15.941 0.284   -5.769  1.00 16.57  ? 73  TRP A NE1 1 
ATOM   377  C CE2 . TRP A 1 52  ? -14.937 0.391   -6.693  1.00 15.99  ? 73  TRP A CE2 1 
ATOM   378  C CE3 . TRP A 1 52  ? -13.896 2.129   -8.013  1.00 16.42  ? 73  TRP A CE3 1 
ATOM   379  C CZ2 . TRP A 1 52  ? -14.075 -0.584  -7.202  1.00 16.39  ? 73  TRP A CZ2 1 
ATOM   380  C CZ3 . TRP A 1 52  ? -13.056 1.158   -8.533  1.00 15.83  ? 73  TRP A CZ3 1 
ATOM   381  C CH2 . TRP A 1 52  ? -13.136 -0.170  -8.109  1.00 16.38  ? 73  TRP A CH2 1 
ATOM   382  N N   . ALA A 1 53  ? -15.811 7.092   -5.784  1.00 14.93  ? 74  ALA A N   1 
ATOM   383  C CA  . ALA A 1 53  ? -15.869 8.513   -6.203  1.00 16.22  ? 74  ALA A CA  1 
ATOM   384  C C   . ALA A 1 53  ? -14.463 9.145   -6.159  1.00 17.32  ? 74  ALA A C   1 
ATOM   385  O O   . ALA A 1 53  ? -14.052 9.893   -7.077  1.00 17.93  ? 74  ALA A O   1 
ATOM   386  C CB  . ALA A 1 53  ? -16.836 9.300   -5.325  1.00 16.17  ? 74  ALA A CB  1 
ATOM   387  N N   . LEU A 1 54  ? -13.702 8.823   -5.113  1.00 16.39  ? 75  LEU A N   1 
ATOM   388  C CA  . LEU A 1 54  ? -12.333 9.305   -5.019  1.00 16.52  ? 75  LEU A CA  1 
ATOM   389  C C   . LEU A 1 54  ? -11.441 8.637   -6.071  1.00 16.15  ? 75  LEU A C   1 
ATOM   390  O O   . LEU A 1 54  ? -10.690 9.332   -6.818  1.00 14.51  ? 75  LEU A O   1 
ATOM   391  C CB  . LEU A 1 54  ? -11.786 9.063   -3.619  1.00 17.28  ? 75  LEU A CB  1 
ATOM   392  C CG  . LEU A 1 54  ? -10.328 9.434   -3.367  1.00 18.99  ? 75  LEU A CG  1 
ATOM   393  C CD1 . LEU A 1 54  ? -10.052 10.923  -3.578  1.00 20.48  ? 75  LEU A CD1 1 
ATOM   394  C CD2 . LEU A 1 54  ? -9.995  8.994   -1.947  1.00 19.39  ? 75  LEU A CD2 1 
ATOM   395  N N   . TYR A 1 55  ? -11.522 7.311   -6.158  1.00 15.62  ? 76  TYR A N   1 
ATOM   396  C CA  . TYR A 1 55  ? -10.671 6.602   -7.123  1.00 16.80  ? 76  TYR A CA  1 
ATOM   397  C C   . TYR A 1 55  ? -10.883 7.132   -8.574  1.00 18.08  ? 76  TYR A C   1 
ATOM   398  O O   . TYR A 1 55  ? -9.928  7.327   -9.341  1.00 17.52  ? 76  TYR A O   1 
ATOM   399  C CB  . TYR A 1 55  ? -10.892 5.075   -7.050  1.00 16.62  ? 76  TYR A CB  1 
ATOM   400  C CG  . TYR A 1 55  ? -10.027 4.297   -8.025  1.00 15.71  ? 76  TYR A CG  1 
ATOM   401  C CD1 . TYR A 1 55  ? -8.669  4.108   -7.781  1.00 15.50  ? 76  TYR A CD1 1 
ATOM   402  C CD2 . TYR A 1 55  ? -10.563 3.799   -9.215  1.00 15.67  ? 76  TYR A CD2 1 
ATOM   403  C CE1 . TYR A 1 55  ? -7.864  3.445   -8.693  1.00 15.45  ? 76  TYR A CE1 1 
ATOM   404  C CE2 . TYR A 1 55  ? -9.778  3.123   -10.134 1.00 15.12  ? 76  TYR A CE2 1 
ATOM   405  C CZ  . TYR A 1 55  ? -8.439  2.925   -9.860  1.00 15.27  ? 76  TYR A CZ  1 
ATOM   406  O OH  . TYR A 1 55  ? -7.667  2.251   -10.772 1.00 15.69  ? 76  TYR A OH  1 
ATOM   407  N N   . ASN A 1 56  ? -12.141 7.392   -8.914  1.00 18.94  ? 77  ASN A N   1 
ATOM   408  C CA  . ASN A 1 56  ? -12.510 7.752   -10.288 1.00 20.32  ? 77  ASN A CA  1 
ATOM   409  C C   . ASN A 1 56  ? -12.112 9.186   -10.642 1.00 20.70  ? 77  ASN A C   1 
ATOM   410  O O   . ASN A 1 56  ? -12.072 9.530   -11.808 1.00 22.60  ? 77  ASN A O   1 
ATOM   411  C CB  . ASN A 1 56  ? -14.001 7.459   -10.533 1.00 21.43  ? 77  ASN A CB  1 
ATOM   412  C CG  . ASN A 1 56  ? -14.265 5.955   -10.741 1.00 22.93  ? 77  ASN A CG  1 
ATOM   413  O OD1 . ASN A 1 56  ? -13.466 5.285   -11.343 1.00 27.06  ? 77  ASN A OD1 1 
ATOM   414  N ND2 . ASN A 1 56  ? -15.353 5.437   -10.231 1.00 23.39  ? 77  ASN A ND2 1 
ATOM   415  N N   . HIS A 1 57  ? -11.765 9.979   -9.639  1.00 19.41  ? 78  HIS A N   1 
ATOM   416  C CA  . HIS A 1 57  ? -11.475 11.409  -9.770  1.00 22.09  ? 78  HIS A CA  1 
ATOM   417  C C   . HIS A 1 57  ? -9.956  11.662  -9.927  1.00 19.21  ? 78  HIS A C   1 
ATOM   418  O O   . HIS A 1 57  ? -9.546  12.712  -10.383 1.00 18.06  ? 78  HIS A O   1 
ATOM   419  C CB  . HIS A 1 57  ? -12.081 12.066  -8.507  1.00 26.93  ? 78  HIS A CB  1 
ATOM   420  C CG  . HIS A 1 57  ? -11.866 13.541  -8.358  1.00 35.60  ? 78  HIS A CG  1 
ATOM   421  N ND1 . HIS A 1 57  ? -12.511 14.482  -9.141  1.00 41.87  ? 78  HIS A ND1 1 
ATOM   422  C CD2 . HIS A 1 57  ? -11.173 14.244  -7.425  1.00 40.15  ? 78  HIS A CD2 1 
ATOM   423  C CE1 . HIS A 1 57  ? -12.167 15.696  -8.743  1.00 42.34  ? 78  HIS A CE1 1 
ATOM   424  N NE2 . HIS A 1 57  ? -11.363 15.580  -7.698  1.00 44.05  ? 78  HIS A NE2 1 
ATOM   425  N N   . ILE A 1 58  ? -9.115  10.669  -9.625  1.00 15.83  ? 79  ILE A N   1 
ATOM   426  C CA  . ILE A 1 58  ? -7.666  10.905  -9.572  1.00 14.77  ? 79  ILE A CA  1 
ATOM   427  C C   . ILE A 1 58  ? -6.935  10.145  -10.649 1.00 13.77  ? 79  ILE A C   1 
ATOM   428  O O   . ILE A 1 58  ? -7.467  9.195   -11.223 1.00 12.12  ? 79  ILE A O   1 
ATOM   429  C CB  . ILE A 1 58  ? -7.096  10.583  -8.161  1.00 14.68  ? 79  ILE A CB  1 
ATOM   430  C CG1 . ILE A 1 58  ? -7.171  9.096   -7.866  1.00 13.86  ? 79  ILE A CG1 1 
ATOM   431  C CG2 . ILE A 1 58  ? -7.851  11.428  -7.131  1.00 14.75  ? 79  ILE A CG2 1 
ATOM   432  C CD1 . ILE A 1 58  ? -6.763  8.677   -6.470  1.00 14.37  ? 79  ILE A CD1 1 
ATOM   433  N N   . GLN A 1 59  ? -5.702  10.589  -10.901 1.00 14.43  ? 80  GLN A N   1 
ATOM   434  C CA  . GLN A 1 59  ? -4.867  10.007  -11.935 1.00 15.53  ? 80  GLN A CA  1 
ATOM   435  C C   . GLN A 1 59  ? -4.516  8.582   -11.602 1.00 14.03  ? 80  GLN A C   1 
ATOM   436  O O   . GLN A 1 59  ? -4.215  8.269   -10.449 1.00 13.67  ? 80  GLN A O   1 
ATOM   437  C CB  . GLN A 1 59  ? -3.528  10.723  -12.079 1.00 17.52  ? 80  GLN A CB  1 
ATOM   438  C CG  . GLN A 1 59  ? -3.562  12.184  -12.442 1.00 22.22  ? 80  GLN A CG  1 
ATOM   439  C CD  . GLN A 1 59  ? -3.781  12.477  -13.883 1.00 26.19  ? 80  GLN A CD  1 
ATOM   440  O OE1 . GLN A 1 59  ? -4.014  11.582  -14.702 1.00 32.40  ? 80  GLN A OE1 1 
ATOM   441  N NE2 . GLN A 1 59  ? -3.740  13.752  -14.214 1.00 29.27  ? 80  GLN A NE2 1 
ATOM   442  N N   . LEU A 1 60  ? -4.472  7.757   -12.626 1.00 13.79  ? 81  LEU A N   1 
ATOM   443  C CA  . LEU A 1 60  ? -3.875  6.429   -12.514 1.00 14.25  ? 81  LEU A CA  1 
ATOM   444  C C   . LEU A 1 60  ? -2.403  6.592   -12.158 1.00 14.31  ? 81  LEU A C   1 
ATOM   445  O O   . LEU A 1 60  ? -1.736  7.519   -12.657 1.00 14.12  ? 81  LEU A O   1 
ATOM   446  C CB  . LEU A 1 60  ? -3.978  5.708   -13.835 1.00 15.07  ? 81  LEU A CB  1 
ATOM   447  C CG  . LEU A 1 60  ? -5.383  5.302   -14.255 1.00 15.78  ? 81  LEU A CG  1 
ATOM   448  C CD1 . LEU A 1 60  ? -5.358  4.716   -15.658 1.00 15.76  ? 81  LEU A CD1 1 
ATOM   449  C CD2 . LEU A 1 60  ? -5.950  4.296   -13.258 1.00 16.08  ? 81  LEU A CD2 1 
ATOM   450  N N   . SER A 1 61  ? -1.892  5.710   -11.287 1.00 14.54  ? 82  SER A N   1 
ATOM   451  C CA  . SER A 1 61  ? -0.463  5.708   -10.920 1.00 14.52  ? 82  SER A CA  1 
ATOM   452  C C   . SER A 1 61  ? 0.469   5.741   -12.135 1.00 15.65  ? 82  SER A C   1 
ATOM   453  O O   . SER A 1 61  ? 1.489   6.437   -12.095 1.00 15.38  ? 82  SER A O   1 
ATOM   454  C CB  . SER A 1 61  ? -0.105  4.490   -10.054 1.00 14.16  ? 82  SER A CB  1 
ATOM   455  O OG  . SER A 1 61  ? -0.911  4.480   -8.923  1.00 13.68  ? 82  SER A OG  1 
ATOM   456  N N   . SER A 1 62  ? 0.102   5.030   -13.204 1.00 16.17  ? 83  SER A N   1 
ATOM   457  C CA  . SER A 1 62  ? 0.888   5.054   -14.444 1.00 18.41  ? 83  SER A CA  1 
ATOM   458  C C   . SER A 1 62  ? 1.034   6.436   -15.098 1.00 20.11  ? 83  SER A C   1 
ATOM   459  O O   . SER A 1 62  ? 1.956   6.638   -15.915 1.00 19.34  ? 83  SER A O   1 
ATOM   460  C CB  . SER A 1 62  ? 0.360   4.040   -15.484 1.00 17.96  ? 83  SER A CB  1 
ATOM   461  O OG  . SER A 1 62  ? -0.999  4.242   -15.808 1.00 18.83  ? 83  SER A OG  1 
ATOM   462  N N   . ASN A 1 63  ? 0.161   7.381   -14.742 1.00 20.56  ? 84  ASN A N   1 
ATOM   463  C CA  . ASN A 1 63  ? 0.238   8.732   -15.292 1.00 22.86  ? 84  ASN A CA  1 
ATOM   464  C C   . ASN A 1 63  ? 0.949   9.748   -14.403 1.00 22.44  ? 84  ASN A C   1 
ATOM   465  O O   . ASN A 1 63  ? 1.105   10.916  -14.780 1.00 22.52  ? 84  ASN A O   1 
ATOM   466  C CB  . ASN A 1 63  ? -1.181  9.217   -15.619 1.00 25.15  ? 84  ASN A CB  1 
ATOM   467  C CG  . ASN A 1 63  ? -1.196  10.202  -16.757 1.00 28.93  ? 84  ASN A CG  1 
ATOM   468  O OD1 . ASN A 1 63  ? -0.548  9.981   -17.784 1.00 32.68  ? 84  ASN A OD1 1 
ATOM   469  N ND2 . ASN A 1 63  ? -1.931  11.284  -16.599 1.00 30.59  ? 84  ASN A ND2 1 
ATOM   470  N N   . LEU A 1 64  ? 1.389   9.324   -13.224 1.00 21.64  ? 85  LEU A N   1 
ATOM   471  C CA  . LEU A 1 64  ? 2.078   10.239  -12.329 1.00 22.01  ? 85  LEU A CA  1 
ATOM   472  C C   . LEU A 1 64  ? 3.492   10.483  -12.795 1.00 21.36  ? 85  LEU A C   1 
ATOM   473  O O   . LEU A 1 64  ? 4.096   9.622   -13.418 1.00 19.17  ? 85  LEU A O   1 
ATOM   474  C CB  . LEU A 1 64  ? 2.124   9.698   -10.911 1.00 21.16  ? 85  LEU A CB  1 
ATOM   475  C CG  . LEU A 1 64  ? 0.806   9.460   -10.218 1.00 21.25  ? 85  LEU A CG  1 
ATOM   476  C CD1 . LEU A 1 64  ? 1.067   8.923   -8.829  1.00 20.58  ? 85  LEU A CD1 1 
ATOM   477  C CD2 . LEU A 1 64  ? 0.004   10.743  -10.153 1.00 21.54  ? 85  LEU A CD2 1 
ATOM   478  N N   . MET A 1 65  ? 4.001   11.659  -12.466 1.00 22.82  ? 86  MET A N   1 
ATOM   479  C CA  . MET A 1 65  ? 5.406   12.001  -12.717 1.00 26.79  ? 86  MET A CA  1 
ATOM   480  C C   . MET A 1 65  ? 6.341   11.184  -11.812 1.00 24.45  ? 86  MET A C   1 
ATOM   481  O O   . MET A 1 65  ? 6.011   10.937  -10.654 1.00 20.66  ? 86  MET A O   1 
ATOM   482  C CB  . MET A 1 65  ? 5.640   13.492  -12.485 1.00 32.71  ? 86  MET A CB  1 
ATOM   483  C CG  . MET A 1 65  ? 4.953   14.377  -13.519 1.00 37.98  ? 86  MET A CG  1 
ATOM   484  S SD  . MET A 1 65  ? 5.756   14.301  -15.142 1.00 53.22  ? 86  MET A SD  1 
ATOM   485  C CE  . MET A 1 65  ? 7.358   15.051  -14.799 1.00 49.51  ? 86  MET A CE  1 
ATOM   486  N N   . PRO A 1 66  ? 7.503   10.750  -12.343 1.00 23.52  ? 87  PRO A N   1 
ATOM   487  C CA  . PRO A 1 66  ? 8.429   9.985   -11.511 1.00 22.82  ? 87  PRO A CA  1 
ATOM   488  C C   . PRO A 1 66  ? 8.777   10.766  -10.258 1.00 20.33  ? 87  PRO A C   1 
ATOM   489  O O   . PRO A 1 66  ? 8.903   11.987  -10.321 1.00 19.45  ? 87  PRO A O   1 
ATOM   490  C CB  . PRO A 1 66  ? 9.640   9.788   -12.420 1.00 24.70  ? 87  PRO A CB  1 
ATOM   491  C CG  . PRO A 1 66  ? 9.050   9.791   -13.793 1.00 26.73  ? 87  PRO A CG  1 
ATOM   492  C CD  . PRO A 1 66  ? 8.020   10.898  -13.718 1.00 26.01  ? 87  PRO A CD  1 
ATOM   493  N N   . GLY A 1 67  ? 8.851   10.088  -9.124  1.00 17.68  ? 88  GLY A N   1 
ATOM   494  C CA  . GLY A 1 67  ? 9.082   10.759  -7.838  1.00 18.35  ? 88  GLY A CA  1 
ATOM   495  C C   . GLY A 1 67  ? 7.850   10.882  -6.949  1.00 18.03  ? 88  GLY A C   1 
ATOM   496  O O   . GLY A 1 67  ? 7.983   11.150  -5.749  1.00 19.10  ? 88  GLY A O   1 
ATOM   497  N N   . CYS A 1 68  ? 6.666   10.665  -7.527  1.00 17.18  ? 89  CYS A N   1 
ATOM   498  C CA  . CYS A 1 68  ? 5.388   10.796  -6.824  1.00 16.67  ? 89  CYS A CA  1 
ATOM   499  C C   . CYS A 1 68  ? 4.899   9.442   -6.211  1.00 14.55  ? 89  CYS A C   1 
ATOM   500  O O   . CYS A 1 68  ? 5.218   8.365   -6.711  1.00 12.59  ? 89  CYS A O   1 
ATOM   501  C CB  . CYS A 1 68  ? 4.351   11.418  -7.766  1.00 19.60  ? 89  CYS A CB  1 
ATOM   502  S SG  . CYS A 1 68  ? 4.728   13.150  -8.265  1.00 25.61  ? 89  CYS A SG  1 
ATOM   503  N N   . ASP A 1 69  ? 4.189   9.521   -5.085  1.00 13.49  ? 90  ASP A N   1 
ATOM   504  C CA  . ASP A 1 69  ? 3.560   8.372   -4.482  1.00 13.06  ? 90  ASP A CA  1 
ATOM   505  C C   . ASP A 1 69  ? 2.066   8.598   -4.240  1.00 12.50  ? 90  ASP A C   1 
ATOM   506  O O   . ASP A 1 69  ? 1.631   9.725   -4.020  1.00 11.76  ? 90  ASP A O   1 
ATOM   507  C CB  . ASP A 1 69  ? 4.084   8.090   -3.083  1.00 14.21  ? 90  ASP A CB  1 
ATOM   508  C CG  . ASP A 1 69  ? 5.571   7.995   -2.983  1.00 16.05  ? 90  ASP A CG  1 
ATOM   509  O OD1 . ASP A 1 69  ? 6.272   7.604   -3.953  1.00 16.52  ? 90  ASP A OD1 1 
ATOM   510  O OD2 . ASP A 1 69  ? 6.040   8.276   -1.826  1.00 17.54  ? 90  ASP A OD2 1 
ATOM   511  N N   . TYR A 1 70  ? 1.294   7.509   -4.251  1.00 12.32  ? 91  TYR A N   1 
ATOM   512  C CA  . TYR A 1 70  ? 0.052   7.473   -3.522  1.00 12.21  ? 91  TYR A CA  1 
ATOM   513  C C   . TYR A 1 70  ? 0.232   6.590   -2.315  1.00 11.81  ? 91  TYR A C   1 
ATOM   514  O O   . TYR A 1 70  ? 0.967   5.589   -2.365  1.00 10.35  ? 91  TYR A O   1 
ATOM   515  C CB  . TYR A 1 70  ? -1.086  6.884   -4.337  1.00 12.36  ? 91  TYR A CB  1 
ATOM   516  C CG  . TYR A 1 70  ? -1.682  7.739   -5.445  1.00 12.84  ? 91  TYR A CG  1 
ATOM   517  C CD1 . TYR A 1 70  ? -2.247  8.965   -5.167  1.00 13.71  ? 91  TYR A CD1 1 
ATOM   518  C CD2 . TYR A 1 70  ? -1.784  7.254   -6.745  1.00 13.76  ? 91  TYR A CD2 1 
ATOM   519  C CE1 . TYR A 1 70  ? -2.864  9.716   -6.150  1.00 14.28  ? 91  TYR A CE1 1 
ATOM   520  C CE2 . TYR A 1 70  ? -2.392  8.002   -7.767  1.00 13.42  ? 91  TYR A CE2 1 
ATOM   521  C CZ  . TYR A 1 70  ? -2.940  9.224   -7.464  1.00 14.03  ? 91  TYR A CZ  1 
ATOM   522  O OH  . TYR A 1 70  ? -3.552  9.994   -8.428  1.00 15.80  ? 91  TYR A OH  1 
ATOM   523  N N   . SER A 1 71  ? -0.472  6.901   -1.242  1.00 11.40  ? 92  SER A N   1 
ATOM   524  C CA  . SER A 1 71  ? -0.520  5.933   -0.170  1.00 12.20  ? 92  SER A CA  1 
ATOM   525  C C   . SER A 1 71  ? -1.877  5.916   0.484   1.00 12.31  ? 92  SER A C   1 
ATOM   526  O O   . SER A 1 71  ? -2.558  6.961   0.523   1.00 13.58  ? 92  SER A O   1 
ATOM   527  C CB  . SER A 1 71  ? 0.644   6.174   0.795   1.00 12.87  ? 92  SER A CB  1 
ATOM   528  O OG  . SER A 1 71  ? 0.470   7.355   1.513   1.00 14.83  ? 92  SER A OG  1 
ATOM   529  N N   . LEU A 1 72  ? -2.299  4.733   0.939   1.00 12.01  ? 93  LEU A N   1 
ATOM   530  C CA  . LEU A 1 72  ? -3.558  4.576   1.643   1.00 12.36  ? 93  LEU A CA  1 
ATOM   531  C C   . LEU A 1 72  ? -3.263  3.993   3.021   1.00 12.88  ? 93  LEU A C   1 
ATOM   532  O O   . LEU A 1 72  ? -2.685  2.909   3.116   1.00 12.13  ? 93  LEU A O   1 
ATOM   533  C CB  . LEU A 1 72  ? -4.486  3.651   0.866   1.00 13.38  ? 93  LEU A CB  1 
ATOM   534  C CG  . LEU A 1 72  ? -5.908  3.601   1.433   1.00 13.94  ? 93  LEU A CG  1 
ATOM   535  C CD1 . LEU A 1 72  ? -6.666  4.853   1.030   1.00 14.03  ? 93  LEU A CD1 1 
ATOM   536  C CD2 . LEU A 1 72  ? -6.643  2.333   0.997   1.00 14.42  ? 93  LEU A CD2 1 
ATOM   537  N N   . PHE A 1 73  ? -3.641  4.714   4.079   1.00 12.24  ? 94  PHE A N   1 
ATOM   538  C CA  . PHE A 1 73  ? -3.400  4.257   5.435   1.00 12.96  ? 94  PHE A CA  1 
ATOM   539  C C   . PHE A 1 73  ? -4.650  4.319   6.247   1.00 12.56  ? 94  PHE A C   1 
ATOM   540  O O   . PHE A 1 73  ? -5.492  5.209   6.057   1.00 12.27  ? 94  PHE A O   1 
ATOM   541  C CB  . PHE A 1 73  ? -2.334  5.113   6.136   1.00 13.62  ? 94  PHE A CB  1 
ATOM   542  C CG  . PHE A 1 73  ? -0.942  4.738   5.754   1.00 14.81  ? 94  PHE A CG  1 
ATOM   543  C CD1 . PHE A 1 73  ? -0.269  3.732   6.441   1.00 14.84  ? 94  PHE A CD1 1 
ATOM   544  C CD2 . PHE A 1 73  ? -0.303  5.366   4.671   1.00 16.35  ? 94  PHE A CD2 1 
ATOM   545  C CE1 . PHE A 1 73  ? 1.016   3.336   6.067   1.00 15.18  ? 94  PHE A CE1 1 
ATOM   546  C CE2 . PHE A 1 73  ? 1.008   4.989   4.291   1.00 16.70  ? 94  PHE A CE2 1 
ATOM   547  C CZ  . PHE A 1 73  ? 1.659   3.975   4.994   1.00 16.72  ? 94  PHE A CZ  1 
ATOM   548  N N   . LYS A 1 74  ? -4.780  3.395   7.175   1.00 12.55  ? 95  LYS A N   1 
ATOM   549  C CA  . LYS A 1 74  ? -5.890  3.495   8.110   1.00 12.52  ? 95  LYS A CA  1 
ATOM   550  C C   . LYS A 1 74  ? -5.849  4.854   8.839   1.00 12.69  ? 95  LYS A C   1 
ATOM   551  O O   . LYS A 1 74  ? -4.796  5.303   9.299   1.00 11.69  ? 95  LYS A O   1 
ATOM   552  C CB  . LYS A 1 74  ? -5.849  2.364   9.122   1.00 12.93  ? 95  LYS A CB  1 
ATOM   553  C CG  . LYS A 1 74  ? -6.078  0.995   8.544   1.00 13.09  ? 95  LYS A CG  1 
ATOM   554  C CD  . LYS A 1 74  ? -6.071  -0.067  9.630   1.00 13.28  ? 95  LYS A CD  1 
ATOM   555  C CE  . LYS A 1 74  ? -6.506  -1.393  9.029   1.00 13.29  ? 95  LYS A CE  1 
ATOM   556  N NZ  . LYS A 1 74  ? -6.111  -2.551  9.867   1.00 13.41  ? 95  LYS A NZ  1 
ATOM   557  N N   . ASP A 1 75  ? -7.010  5.488   8.951   1.00 13.54  ? 96  ASP A N   1 
ATOM   558  C CA  . ASP A 1 75  ? -7.198  6.655   9.797   1.00 14.69  ? 96  ASP A CA  1 
ATOM   559  C C   . ASP A 1 75  ? -6.552  6.400   11.177  1.00 14.90  ? 96  ASP A C   1 
ATOM   560  O O   . ASP A 1 75  ? -6.800  5.366   11.819  1.00 14.44  ? 96  ASP A O   1 
ATOM   561  C CB  . ASP A 1 75  ? -8.704  6.931   9.952   1.00 16.46  ? 96  ASP A CB  1 
ATOM   562  C CG  . ASP A 1 75  ? -9.018  8.237   10.659  1.00 18.74  ? 96  ASP A CG  1 
ATOM   563  O OD1 . ASP A 1 75  ? -8.153  9.142   10.691  1.00 19.52  ? 96  ASP A OD1 1 
ATOM   564  O OD2 . ASP A 1 75  ? -10.164 8.349   11.175  1.00 21.68  ? 96  ASP A OD2 1 
ATOM   565  N N   . GLY A 1 76  ? -5.690  7.329   11.571  1.00 14.06  ? 97  GLY A N   1 
ATOM   566  C CA  . GLY A 1 76  ? -4.971  7.230   12.827  1.00 15.00  ? 97  GLY A CA  1 
ATOM   567  C C   . GLY A 1 76  ? -3.531  6.770   12.653  1.00 15.29  ? 97  GLY A C   1 
ATOM   568  O O   . GLY A 1 76  ? -2.768  6.751   13.627  1.00 16.06  ? 97  GLY A O   1 
ATOM   569  N N   . ILE A 1 77  ? -3.157  6.350   11.446  1.00 14.70  ? 98  ILE A N   1 
ATOM   570  C CA  . ILE A 1 77  ? -1.803  5.903   11.189  1.00 14.56  ? 98  ILE A CA  1 
ATOM   571  C C   . ILE A 1 77  ? -1.257  6.935   10.220  1.00 15.56  ? 98  ILE A C   1 
ATOM   572  O O   . ILE A 1 77  ? -1.693  7.006   9.064   1.00 14.13  ? 98  ILE A O   1 
ATOM   573  C CB  . ILE A 1 77  ? -1.761  4.482   10.573  1.00 13.96  ? 98  ILE A CB  1 
ATOM   574  C CG1 . ILE A 1 77  ? -2.389  3.443   11.517  1.00 14.12  ? 98  ILE A CG1 1 
ATOM   575  C CG2 . ILE A 1 77  ? -0.321  4.104   10.277  1.00 14.43  ? 98  ILE A CG2 1 
ATOM   576  C CD1 . ILE A 1 77  ? -2.369  1.999   11.002  1.00 14.52  ? 98  ILE A CD1 1 
ATOM   577  N N   . GLU A 1 78  ? -0.265  7.698   10.669  1.00 18.15  ? 99  GLU A N   1 
ATOM   578  C CA  . GLU A 1 78  ? 0.427   8.607   9.775   1.00 19.72  ? 99  GLU A CA  1 
ATOM   579  C C   . GLU A 1 78  ? 1.191   7.798   8.703   1.00 19.09  ? 99  GLU A C   1 
ATOM   580  O O   . GLU A 1 78  ? 1.694   6.698   8.959   1.00 16.43  ? 99  GLU A O   1 
ATOM   581  C CB  . GLU A 1 78  ? 1.404   9.489   10.509  1.00 22.60  ? 99  GLU A CB  1 
ATOM   582  C CG  . GLU A 1 78  ? 0.796   10.355  11.584  1.00 27.00  ? 99  GLU A CG  1 
ATOM   583  C CD  . GLU A 1 78  ? 0.063   11.573  11.051  1.00 31.02  ? 99  GLU A CD  1 
ATOM   584  O OE1 . GLU A 1 78  ? 0.439   12.139  9.997   1.00 37.90  ? 99  GLU A OE1 1 
ATOM   585  O OE2 . GLU A 1 78  ? -0.897  11.985  11.724  1.00 37.85  ? 99  GLU A OE2 1 
ATOM   586  N N   . PRO A 1 79  ? 1.302   8.359   7.497   1.00 18.42  ? 100 PRO A N   1 
ATOM   587  C CA  . PRO A 1 79  ? 1.970   7.694   6.388   1.00 17.77  ? 100 PRO A CA  1 
ATOM   588  C C   . PRO A 1 79  ? 3.508   7.777   6.499   1.00 17.87  ? 100 PRO A C   1 
ATOM   589  O O   . PRO A 1 79  ? 4.158   8.347   5.636   1.00 17.50  ? 100 PRO A O   1 
ATOM   590  C CB  . PRO A 1 79  ? 1.445   8.483   5.182   1.00 18.23  ? 100 PRO A CB  1 
ATOM   591  C CG  . PRO A 1 79  ? 1.282   9.848   5.704   1.00 18.05  ? 100 PRO A CG  1 
ATOM   592  C CD  . PRO A 1 79  ? 0.747   9.669   7.095   1.00 18.65  ? 100 PRO A CD  1 
ATOM   593  N N   . MET A 1 80  ? 4.075   7.199   7.546   1.00 15.81  ? 101 MET A N   1 
ATOM   594  C CA  . MET A 1 80  ? 5.505   7.260   7.783   1.00 17.43  ? 101 MET A CA  1 
ATOM   595  C C   . MET A 1 80  ? 5.878   6.053   8.630   1.00 14.25  ? 101 MET A C   1 
ATOM   596  O O   . MET A 1 80  ? 5.145   5.651   9.549   1.00 12.37  ? 101 MET A O   1 
ATOM   597  C CB  . MET A 1 80  ? 5.900   8.560   8.477   1.00 21.51  ? 101 MET A CB  1 
ATOM   598  C CG  . MET A 1 80  ? 5.261   8.793   9.836   1.00 27.25  ? 101 MET A CG  1 
ATOM   599  S SD  . MET A 1 80  ? 5.656   10.380  10.663  1.00 40.39  ? 101 MET A SD  1 
ATOM   600  C CE  . MET A 1 80  ? 5.294   9.950   12.390  1.00 35.90  ? 101 MET A CE  1 
ATOM   601  N N   . TRP A 1 81  ? 7.012   5.467   8.321   1.00 12.79  ? 102 TRP A N   1 
ATOM   602  C CA  . TRP A 1 81  ? 7.360   4.220   8.989   1.00 11.94  ? 102 TRP A CA  1 
ATOM   603  C C   . TRP A 1 81  ? 7.606   4.393   10.493  1.00 12.21  ? 102 TRP A C   1 
ATOM   604  O O   . TRP A 1 81  ? 7.461   3.435   11.247  1.00 10.82  ? 102 TRP A O   1 
ATOM   605  C CB  . TRP A 1 81  ? 8.473   3.498   8.259   1.00 11.54  ? 102 TRP A CB  1 
ATOM   606  C CG  . TRP A 1 81  ? 9.872   3.990   8.483   1.00 11.33  ? 102 TRP A CG  1 
ATOM   607  C CD1 . TRP A 1 81  ? 10.553  4.914   7.739   1.00 10.81  ? 102 TRP A CD1 1 
ATOM   608  C CD2 . TRP A 1 81  ? 10.785  3.507   9.475   1.00 11.02  ? 102 TRP A CD2 1 
ATOM   609  N NE1 . TRP A 1 81  ? 11.830  5.026   8.214   1.00 10.87  ? 102 TRP A NE1 1 
ATOM   610  C CE2 . TRP A 1 81  ? 11.997  4.190   9.286   1.00 11.16  ? 102 TRP A CE2 1 
ATOM   611  C CE3 . TRP A 1 81  ? 10.694  2.554   10.499  1.00 11.91  ? 102 TRP A CE3 1 
ATOM   612  C CZ2 . TRP A 1 81  ? 13.114  3.965   10.087  1.00 11.87  ? 102 TRP A CZ2 1 
ATOM   613  C CZ3 . TRP A 1 81  ? 11.805  2.309   11.294  1.00 11.99  ? 102 TRP A CZ3 1 
ATOM   614  C CH2 . TRP A 1 81  ? 13.018  3.020   11.070  1.00 12.22  ? 102 TRP A CH2 1 
ATOM   615  N N   . GLU A 1 82  ? 7.905   5.621   10.918  1.00 12.88  ? 103 GLU A N   1 
ATOM   616  C CA  . GLU A 1 82  ? 8.218   5.903   12.317  1.00 14.73  ? 103 GLU A CA  1 
ATOM   617  C C   . GLU A 1 82  ? 6.970   5.949   13.187  1.00 13.91  ? 103 GLU A C   1 
ATOM   618  O O   . GLU A 1 82  ? 7.082   5.959   14.402  1.00 13.69  ? 103 GLU A O   1 
ATOM   619  C CB  . GLU A 1 82  ? 8.898   7.264   12.438  1.00 17.98  ? 103 GLU A CB  1 
ATOM   620  C CG  . GLU A 1 82  ? 10.155  7.354   11.592  1.00 22.06  ? 103 GLU A CG  1 
ATOM   621  C CD  . GLU A 1 82  ? 9.957   7.957   10.187  1.00 25.41  ? 103 GLU A CD  1 
ATOM   622  O OE1 . GLU A 1 82  ? 8.847   8.081   9.737   1.00 22.92  ? 103 GLU A OE1 1 
ATOM   623  O OE2 . GLU A 1 82  ? 10.954  8.294   9.514   1.00 35.64  ? 103 GLU A OE2 1 
ATOM   624  N N   . ASP A 1 83  ? 5.788   6.040   12.585  1.00 13.34  ? 104 ASP A N   1 
ATOM   625  C CA  . ASP A 1 83  ? 4.532   6.026   13.353  1.00 13.37  ? 104 ASP A CA  1 
ATOM   626  C C   . ASP A 1 83  ? 4.517   4.789   14.246  1.00 12.71  ? 104 ASP A C   1 
ATOM   627  O O   . ASP A 1 83  ? 5.043   3.746   13.859  1.00 13.01  ? 104 ASP A O   1 
ATOM   628  C CB  . ASP A 1 83  ? 3.336   5.977   12.378  1.00 13.89  ? 104 ASP A CB  1 
ATOM   629  C CG  . ASP A 1 83  ? 1.965   6.028   13.077  1.00 14.26  ? 104 ASP A CG  1 
ATOM   630  O OD1 . ASP A 1 83  ? 1.439   5.009   13.618  1.00 13.92  ? 104 ASP A OD1 1 
ATOM   631  O OD2 . ASP A 1 83  ? 1.389   7.117   13.022  1.00 14.67  ? 104 ASP A OD2 1 
ATOM   632  N N   . ALA A 1 84  ? 3.928   4.929   15.425  1.00 11.75  ? 105 ALA A N   1 
ATOM   633  C CA  . ALA A 1 84  ? 3.796   3.848   16.399  1.00 12.41  ? 105 ALA A CA  1 
ATOM   634  C C   . ALA A 1 84  ? 3.300   2.517   15.798  1.00 12.18  ? 105 ALA A C   1 
ATOM   635  O O   . ALA A 1 84  ? 3.758   1.456   16.198  1.00 12.49  ? 105 ALA A O   1 
ATOM   636  C CB  . ALA A 1 84  ? 2.879   4.294   17.553  1.00 12.65  ? 105 ALA A CB  1 
ATOM   637  N N   . ALA A 1 85  ? 2.377   2.581   14.833  1.00 11.70  ? 106 ALA A N   1 
ATOM   638  C CA  . ALA A 1 85  ? 1.815   1.365   14.222  1.00 11.32  ? 106 ALA A CA  1 
ATOM   639  C C   . ALA A 1 85  ? 2.746   0.735   13.180  1.00 10.80  ? 106 ALA A C   1 
ATOM   640  O O   . ALA A 1 85  ? 2.589   -0.458  12.852  1.00 10.59  ? 106 ALA A O   1 
ATOM   641  C CB  . ALA A 1 85  ? 0.460   1.668   13.578  1.00 11.72  ? 106 ALA A CB  1 
ATOM   642  N N   . ASN A 1 86  ? 3.699   1.520   12.666  1.00 10.73  ? 107 ASN A N   1 
ATOM   643  C CA  . ASN A 1 86  ? 4.618   1.069   11.622  1.00 10.67  ? 107 ASN A CA  1 
ATOM   644  C C   . ASN A 1 86  ? 6.036   0.778   12.111  1.00 10.77  ? 107 ASN A C   1 
ATOM   645  O O   . ASN A 1 86  ? 6.759   0.061   11.416  1.00 9.39   ? 107 ASN A O   1 
ATOM   646  C CB  . ASN A 1 86  ? 4.692   2.101   10.502  1.00 11.40  ? 107 ASN A CB  1 
ATOM   647  C CG  . ASN A 1 86  ? 3.333   2.363   9.835   1.00 12.15  ? 107 ASN A CG  1 
ATOM   648  O OD1 . ASN A 1 86  ? 2.549   1.437   9.593   1.00 12.93  ? 107 ASN A OD1 1 
ATOM   649  N ND2 . ASN A 1 86  ? 3.069   3.632   9.507   1.00 12.05  ? 107 ASN A ND2 1 
ATOM   650  N N   . ALA A 1 87  ? 6.456   1.363   13.258  1.00 10.58  ? 108 ALA A N   1 
ATOM   651  C CA  . ALA A 1 87  ? 7.866   1.354   13.667  1.00 10.23  ? 108 ALA A CA  1 
ATOM   652  C C   . ALA A 1 87  ? 8.493   -0.032  13.799  1.00 10.29  ? 108 ALA A C   1 
ATOM   653  O O   . ALA A 1 87  ? 9.656   -0.200  13.409  1.00 9.95   ? 108 ALA A O   1 
ATOM   654  C CB  . ALA A 1 87  ? 8.050   2.111   14.983  1.00 10.61  ? 108 ALA A CB  1 
ATOM   655  N N   . ARG A 1 88  ? 7.725   -1.019  14.275  1.00 10.62  ? 109 ARG A N   1 
ATOM   656  C CA  . ARG A 1 88  ? 8.175   -2.429  14.388  1.00 11.48  ? 109 ARG A CA  1 
ATOM   657  C C   . ARG A 1 88  ? 7.694   -3.298  13.233  1.00 11.16  ? 109 ARG A C   1 
ATOM   658  O O   . ARG A 1 88  ? 7.853   -4.533  13.236  1.00 10.89  ? 109 ARG A O   1 
ATOM   659  C CB  . ARG A 1 88  ? 7.735   -3.028  15.722  1.00 13.16  ? 109 ARG A CB  1 
ATOM   660  C CG  . ARG A 1 88  ? 8.657   -2.654  16.899  1.00 15.10  ? 109 ARG A CG  1 
ATOM   661  C CD  . ARG A 1 88  ? 8.215   -3.329  18.202  1.00 16.84  ? 109 ARG A CD  1 
ATOM   662  N NE  . ARG A 1 88  ? 8.206   -4.786  18.022  1.00 18.79  ? 109 ARG A NE  1 
ATOM   663  C CZ  . ARG A 1 88  ? 9.239   -5.611  18.182  1.00 20.80  ? 109 ARG A CZ  1 
ATOM   664  N NH1 . ARG A 1 88  ? 10.408  -5.189  18.629  1.00 22.61  ? 109 ARG A NH1 1 
ATOM   665  N NH2 . ARG A 1 88  ? 9.092   -6.909  17.934  1.00 21.39  ? 109 ARG A NH2 1 
ATOM   666  N N   . GLY A 1 89  ? 7.162   -2.640  12.205  1.00 10.56  ? 110 GLY A N   1 
ATOM   667  C CA  . GLY A 1 89  ? 6.562   -3.278  11.065  1.00 10.66  ? 110 GLY A CA  1 
ATOM   668  C C   . GLY A 1 89  ? 7.434   -3.339  9.830   1.00 10.76  ? 110 GLY A C   1 
ATOM   669  O O   . GLY A 1 89  ? 8.644   -3.102  9.882   1.00 11.06  ? 110 GLY A O   1 
ATOM   670  N N   . GLY A 1 90  ? 6.813   -3.678  8.702   1.00 10.47  ? 111 GLY A N   1 
ATOM   671  C CA  . GLY A 1 90  ? 7.537   -3.864  7.447   1.00 9.88   ? 111 GLY A CA  1 
ATOM   672  C C   . GLY A 1 90  ? 6.523   -3.939  6.323   1.00 10.04  ? 111 GLY A C   1 
ATOM   673  O O   . GLY A 1 90  ? 5.345   -3.644  6.536   1.00 9.79   ? 111 GLY A O   1 
ATOM   674  N N   . ARG A 1 91  ? 6.977   -4.362  5.141   1.00 9.55   ? 112 ARG A N   1 
ATOM   675  C CA  . ARG A 1 91  ? 6.123   -4.358  3.971   1.00 9.64   ? 112 ARG A CA  1 
ATOM   676  C C   . ARG A 1 91  ? 6.365   -5.575  3.079   1.00 9.48   ? 112 ARG A C   1 
ATOM   677  O O   . ARG A 1 91  ? 7.516   -6.019  2.910   1.00 8.98   ? 112 ARG A O   1 
ATOM   678  C CB  . ARG A 1 91  ? 6.385   -3.086  3.194   1.00 9.74   ? 112 ARG A CB  1 
ATOM   679  C CG  . ARG A 1 91  ? 7.794   -3.030  2.619   1.00 10.46  ? 112 ARG A CG  1 
ATOM   680  C CD  . ARG A 1 91  ? 8.030   -1.679  1.985   1.00 11.53  ? 112 ARG A CD  1 
ATOM   681  N NE  . ARG A 1 91  ? 9.388   -1.597  1.475   1.00 11.91  ? 112 ARG A NE  1 
ATOM   682  C CZ  . ARG A 1 91  ? 9.842   -0.635  0.673   1.00 12.53  ? 112 ARG A CZ  1 
ATOM   683  N NH1 . ARG A 1 91  ? 9.056   0.335   0.229   1.00 11.88  ? 112 ARG A NH1 1 
ATOM   684  N NH2 . ARG A 1 91  ? 11.115  -0.660  0.293   1.00 13.45  ? 112 ARG A NH2 1 
ATOM   685  N N   . TRP A 1 92  ? 5.280   -6.083  2.501   1.00 9.51   ? 113 TRP A N   1 
ATOM   686  C CA  . TRP A 1 92  ? 5.374   -6.982  1.331   1.00 10.27  ? 113 TRP A CA  1 
ATOM   687  C C   . TRP A 1 92  ? 5.599   -6.103  0.103   1.00 11.19  ? 113 TRP A C   1 
ATOM   688  O O   . TRP A 1 92  ? 4.766   -5.235  -0.174  1.00 11.35  ? 113 TRP A O   1 
ATOM   689  C CB  . TRP A 1 92  ? 4.099   -7.810  1.152   1.00 9.98   ? 113 TRP A CB  1 
ATOM   690  C CG  . TRP A 1 92  ? 4.019   -8.951  2.138   1.00 10.23  ? 113 TRP A CG  1 
ATOM   691  C CD1 . TRP A 1 92  ? 3.239   -9.054  3.256   1.00 10.02  ? 113 TRP A CD1 1 
ATOM   692  C CD2 . TRP A 1 92  ? 4.802   -10.152 2.076   1.00 10.03  ? 113 TRP A CD2 1 
ATOM   693  N NE1 . TRP A 1 92  ? 3.501   -10.253 3.894   1.00 10.71  ? 113 TRP A NE1 1 
ATOM   694  C CE2 . TRP A 1 92  ? 4.468   -10.932 3.197   1.00 10.12  ? 113 TRP A CE2 1 
ATOM   695  C CE3 . TRP A 1 92  ? 5.764   -10.628 1.175   1.00 10.28  ? 113 TRP A CE3 1 
ATOM   696  C CZ2 . TRP A 1 92  ? 5.041   -12.180 3.430   1.00 10.75  ? 113 TRP A CZ2 1 
ATOM   697  C CZ3 . TRP A 1 92  ? 6.343   -11.854 1.401   1.00 10.12  ? 113 TRP A CZ3 1 
ATOM   698  C CH2 . TRP A 1 92  ? 5.978   -12.626 2.509   1.00 10.46  ? 113 TRP A CH2 1 
ATOM   699  N N   . LEU A 1 93  ? 6.678   -6.358  -0.644  1.00 11.02  ? 114 LEU A N   1 
ATOM   700  C CA  . LEU A 1 93  ? 7.111   -5.455  -1.685  1.00 12.40  ? 114 LEU A CA  1 
ATOM   701  C C   . LEU A 1 93  ? 6.948   -6.065  -3.057  1.00 13.10  ? 114 LEU A C   1 
ATOM   702  O O   . LEU A 1 93  ? 7.442   -7.160  -3.294  1.00 14.78  ? 114 LEU A O   1 
ATOM   703  C CB  . LEU A 1 93  ? 8.578   -5.064  -1.468  1.00 12.40  ? 114 LEU A CB  1 
ATOM   704  C CG  . LEU A 1 93  ? 9.169   -4.089  -2.496  1.00 13.18  ? 114 LEU A CG  1 
ATOM   705  C CD1 . LEU A 1 93  ? 8.520   -2.709  -2.442  1.00 13.55  ? 114 LEU A CD1 1 
ATOM   706  C CD2 . LEU A 1 93  ? 10.664  -3.947  -2.294  1.00 14.15  ? 114 LEU A CD2 1 
ATOM   707  N N   . ILE A 1 94  ? 6.296   -5.336  -3.969  1.00 12.91  ? 115 ILE A N   1 
ATOM   708  C CA  . ILE A 1 94  ? 6.188   -5.742  -5.368  1.00 13.81  ? 115 ILE A CA  1 
ATOM   709  C C   . ILE A 1 94  ? 7.063   -4.767  -6.157  1.00 14.29  ? 115 ILE A C   1 
ATOM   710  O O   . ILE A 1 94  ? 6.906   -3.553  -6.026  1.00 12.35  ? 115 ILE A O   1 
ATOM   711  C CB  . ILE A 1 94  ? 4.745   -5.631  -5.891  1.00 14.84  ? 115 ILE A CB  1 
ATOM   712  C CG1 . ILE A 1 94  ? 3.730   -6.259  -4.918  1.00 14.79  ? 115 ILE A CG1 1 
ATOM   713  C CG2 . ILE A 1 94  ? 4.617   -6.247  -7.285  1.00 16.52  ? 115 ILE A CG2 1 
ATOM   714  C CD1 . ILE A 1 94  ? 3.882   -7.730  -4.681  1.00 15.04  ? 115 ILE A CD1 1 
ATOM   715  N N   . THR A 1 95  ? 7.981   -5.276  -6.970  1.00 14.42  ? 116 THR A N   1 
ATOM   716  C CA  . THR A 1 95  ? 8.815   -4.376  -7.765  1.00 17.05  ? 116 THR A CA  1 
ATOM   717  C C   . THR A 1 95  ? 8.422   -4.521  -9.228  1.00 18.14  ? 116 THR A C   1 
ATOM   718  O O   . THR A 1 95  ? 8.121   -5.624  -9.682  1.00 20.56  ? 116 THR A O   1 
ATOM   719  C CB  . THR A 1 95  ? 10.290  -4.702  -7.592  1.00 18.03  ? 116 THR A CB  1 
ATOM   720  O OG1 . THR A 1 95  ? 10.487  -6.048  -8.021  1.00 20.90  ? 116 THR A OG1 1 
ATOM   721  C CG2 . THR A 1 95  ? 10.698  -4.561  -6.123  1.00 18.57  ? 116 THR A CG2 1 
ATOM   722  N N   . LEU A 1 96  ? 8.379   -3.414  -9.942  1.00 17.89  ? 117 LEU A N   1 
ATOM   723  C CA  . LEU A 1 96  ? 7.876   -3.408  -11.298 1.00 19.05  ? 117 LEU A CA  1 
ATOM   724  C C   . LEU A 1 96  ? 8.858   -2.727  -12.231 1.00 19.47  ? 117 LEU A C   1 
ATOM   725  O O   . LEU A 1 96  ? 9.301   -1.606  -11.961 1.00 21.05  ? 117 LEU A O   1 
ATOM   726  C CB  . LEU A 1 96  ? 6.549   -2.680  -11.373 1.00 20.03  ? 117 LEU A CB  1 
ATOM   727  C CG  . LEU A 1 96  ? 5.436   -3.231  -10.484 1.00 22.15  ? 117 LEU A CG  1 
ATOM   728  C CD1 . LEU A 1 96  ? 4.204   -2.407  -10.718 1.00 24.89  ? 117 LEU A CD1 1 
ATOM   729  C CD2 . LEU A 1 96  ? 5.086   -4.671  -10.773 1.00 23.69  ? 117 LEU A CD2 1 
ATOM   730  N N   . ASN A 1 97  ? 9.166   -3.386  -13.344 1.00 17.84  ? 118 ASN A N   1 
ATOM   731  C CA  . ASN A 1 97  ? 10.008  -2.773  -14.359 1.00 17.62  ? 118 ASN A CA  1 
ATOM   732  C C   . ASN A 1 97  ? 9.155   -1.914  -15.298 1.00 18.02  ? 118 ASN A C   1 
ATOM   733  O O   . ASN A 1 97  ? 7.948   -1.788  -15.103 1.00 16.61  ? 118 ASN A O   1 
ATOM   734  C CB  . ASN A 1 97  ? 10.821  -3.849  -15.118 1.00 18.27  ? 118 ASN A CB  1 
ATOM   735  C CG  . ASN A 1 97  ? 9.954   -4.789  -15.918 1.00 17.96  ? 118 ASN A CG  1 
ATOM   736  O OD1 . ASN A 1 97  ? 8.855   -4.442  -16.388 1.00 17.89  ? 118 ASN A OD1 1 
ATOM   737  N ND2 . ASN A 1 97  ? 10.399  -6.018  -16.009 1.00 19.03  ? 118 ASN A ND2 1 
ATOM   738  N N   . LYS A 1 98  ? 9.777   -1.334  -16.327 1.00 19.05  ? 119 LYS A N   1 
ATOM   739  C CA  . LYS A 1 98  ? 9.058   -0.428  -17.220 1.00 21.33  ? 119 LYS A CA  1 
ATOM   740  C C   . LYS A 1 98  ? 7.956   -1.130  -18.027 1.00 21.09  ? 119 LYS A C   1 
ATOM   741  O O   . LYS A 1 98  ? 6.911   -0.519  -18.295 1.00 23.19  ? 119 LYS A O   1 
ATOM   742  C CB  . LYS A 1 98  ? 10.046  0.322   -18.125 1.00 23.94  ? 119 LYS A CB  1 
ATOM   743  C CG  . LYS A 1 98  ? 9.430   1.358   -19.067 1.00 26.51  ? 119 LYS A CG  1 
ATOM   744  C CD  . LYS A 1 98  ? 8.945   2.606   -18.332 1.00 28.15  ? 119 LYS A CD  1 
ATOM   745  C CE  . LYS A 1 98  ? 8.200   3.557   -19.262 1.00 28.68  ? 119 LYS A CE  1 
ATOM   746  N NZ  . LYS A 1 98  ? 9.173   4.253   -20.140 1.00 29.31  ? 119 LYS A NZ  1 
ATOM   747  N N   . GLN A 1 99  ? 8.158   -2.399  -18.394 1.00 19.13  ? 120 GLN A N   1 
ATOM   748  C CA  . GLN A 1 99  ? 7.092   -3.153  -19.043 1.00 18.92  ? 120 GLN A CA  1 
ATOM   749  C C   . GLN A 1 99  ? 5.900   -3.335  -18.122 1.00 19.90  ? 120 GLN A C   1 
ATOM   750  O O   . GLN A 1 99  ? 4.737   -3.266  -18.551 1.00 18.90  ? 120 GLN A O   1 
ATOM   751  C CB  . GLN A 1 99  ? 7.585   -4.507  -19.530 1.00 18.86  ? 120 GLN A CB  1 
ATOM   752  C CG  . GLN A 1 99  ? 8.674   -4.383  -20.596 1.00 18.81  ? 120 GLN A CG  1 
ATOM   753  C CD  . GLN A 1 99  ? 8.153   -3.732  -21.902 1.00 18.66  ? 120 GLN A CD  1 
ATOM   754  O OE1 . GLN A 1 99  ? 6.975   -3.826  -22.239 1.00 16.83  ? 120 GLN A OE1 1 
ATOM   755  N NE2 . GLN A 1 99  ? 9.045   -3.052  -22.619 1.00 18.71  ? 120 GLN A NE2 1 
ATOM   756  N N   . GLN A 1 100 ? 6.188   -3.569  -16.852 1.00 19.75  ? 121 GLN A N   1 
ATOM   757  C CA  . GLN A 1 100 ? 5.128   -3.769  -15.885 1.00 20.40  ? 121 GLN A CA  1 
ATOM   758  C C   . GLN A 1 100 ? 4.406   -2.485  -15.536 1.00 20.35  ? 121 GLN A C   1 
ATOM   759  O O   . GLN A 1 100 ? 3.235   -2.513  -15.161 1.00 24.21  ? 121 GLN A O   1 
ATOM   760  C CB  . GLN A 1 100 ? 5.677   -4.444  -14.663 1.00 21.69  ? 121 GLN A CB  1 
ATOM   761  C CG  . GLN A 1 100 ? 6.092   -5.857  -14.913 1.00 21.59  ? 121 GLN A CG  1 
ATOM   762  C CD  . GLN A 1 100 ? 6.742   -6.435  -13.675 1.00 24.02  ? 121 GLN A CD  1 
ATOM   763  O OE1 . GLN A 1 100 ? 7.888   -6.126  -13.365 1.00 18.98  ? 121 GLN A OE1 1 
ATOM   764  N NE2 . GLN A 1 100 ? 5.982   -7.247  -12.930 1.00 26.64  ? 121 GLN A NE2 1 
ATOM   765  N N   . ARG A 1 101 ? 5.048   -1.345  -15.716 1.00 20.98  ? 122 ARG A N   1 
ATOM   766  C CA  . ARG A 1 101 ? 4.328   -0.103  -15.608 1.00 21.70  ? 122 ARG A CA  1 
ATOM   767  C C   . ARG A 1 101 ? 3.094   -0.090  -16.550 1.00 22.83  ? 122 ARG A C   1 
ATOM   768  O O   . ARG A 1 101 ? 2.013   0.408   -16.181 1.00 20.95  ? 122 ARG A O   1 
ATOM   769  C CB  . ARG A 1 101 ? 5.206   1.098   -15.932 1.00 22.34  ? 122 ARG A CB  1 
ATOM   770  C CG  . ARG A 1 101 ? 4.408   2.381   -15.845 1.00 24.15  ? 122 ARG A CG  1 
ATOM   771  C CD  . ARG A 1 101 ? 5.234   3.634   -15.989 1.00 25.57  ? 122 ARG A CD  1 
ATOM   772  N NE  . ARG A 1 101 ? 6.183   3.804   -14.889 1.00 26.85  ? 122 ARG A NE  1 
ATOM   773  C CZ  . ARG A 1 101 ? 7.233   4.628   -14.932 1.00 27.69  ? 122 ARG A CZ  1 
ATOM   774  N NH1 . ARG A 1 101 ? 7.488   5.351   -16.036 1.00 29.07  ? 122 ARG A NH1 1 
ATOM   775  N NH2 . ARG A 1 101 ? 8.045   4.735   -13.886 1.00 26.37  ? 122 ARG A NH2 1 
ATOM   776  N N   . ARG A 1 102 ? 3.271   -0.607  -17.765 1.00 19.54  ? 123 ARG A N   1 
ATOM   777  C CA  . ARG A 1 102 ? 2.168   -0.685  -18.701 1.00 18.30  ? 123 ARG A CA  1 
ATOM   778  C C   . ARG A 1 102 ? 1.260   -1.881  -18.386 1.00 17.99  ? 123 ARG A C   1 
ATOM   779  O O   . ARG A 1 102 ? 0.065   -1.788  -18.475 1.00 17.66  ? 123 ARG A O   1 
ATOM   780  C CB  . ARG A 1 102 ? 2.728   -0.761  -20.132 1.00 19.09  ? 123 ARG A CB  1 
ATOM   781  C CG  . ARG A 1 102 ? 1.844   -1.445  -21.161 1.00 18.44  ? 123 ARG A CG  1 
ATOM   782  C CD  . ARG A 1 102 ? 2.511   -1.339  -22.524 1.00 18.83  ? 123 ARG A CD  1 
ATOM   783  N NE  . ARG A 1 102 ? 1.681   -2.005  -23.518 1.00 18.00  ? 123 ARG A NE  1 
ATOM   784  C CZ  . ARG A 1 102 ? 1.754   -3.286  -23.875 1.00 18.33  ? 123 ARG A CZ  1 
ATOM   785  N NH1 . ARG A 1 102 ? 2.666   -4.123  -23.360 1.00 18.19  ? 123 ARG A NH1 1 
ATOM   786  N NH2 . ARG A 1 102 ? 0.903   -3.734  -24.791 1.00 16.74  ? 123 ARG A NH2 1 
ATOM   787  N N   . SER A 1 103 ? 1.810   -3.036  -18.071 1.00 17.91  ? 124 SER A N   1 
ATOM   788  C CA  . SER A 1 103 ? 0.952   -4.215  -18.031 1.00 20.09  ? 124 SER A CA  1 
ATOM   789  C C   . SER A 1 103 ? 0.299   -4.428  -16.653 1.00 19.11  ? 124 SER A C   1 
ATOM   790  O O   . SER A 1 103 ? -0.785  -4.997  -16.582 1.00 21.36  ? 124 SER A O   1 
ATOM   791  C CB  . SER A 1 103 ? 1.746   -5.428  -18.450 1.00 20.46  ? 124 SER A CB  1 
ATOM   792  O OG  . SER A 1 103 ? 2.787   -5.568  -17.506 1.00 25.50  ? 124 SER A OG  1 
ATOM   793  N N   . ASP A 1 104 ? 0.957   -3.994  -15.577 1.00 18.01  ? 125 ASP A N   1 
ATOM   794  C CA  . ASP A 1 104 ? 0.603   -4.431  -14.201 1.00 18.33  ? 125 ASP A CA  1 
ATOM   795  C C   . ASP A 1 104 ? 0.326   -3.336  -13.201 1.00 16.92  ? 125 ASP A C   1 
ATOM   796  O O   . ASP A 1 104 ? -0.482  -3.546  -12.300 1.00 17.41  ? 125 ASP A O   1 
ATOM   797  C CB  . ASP A 1 104 ? 1.724   -5.298  -13.608 1.00 19.14  ? 125 ASP A CB  1 
ATOM   798  C CG  . ASP A 1 104 ? 1.959   -6.603  -14.385 1.00 21.86  ? 125 ASP A CG  1 
ATOM   799  O OD1 . ASP A 1 104 ? 1.037   -7.039  -15.113 1.00 22.14  ? 125 ASP A OD1 1 
ATOM   800  O OD2 . ASP A 1 104 ? 3.037   -7.234  -14.210 1.00 22.58  ? 125 ASP A OD2 1 
ATOM   801  N N   . LEU A 1 105 ? 1.012   -2.204  -13.309 1.00 15.40  ? 126 LEU A N   1 
ATOM   802  C CA  . LEU A 1 105 ? 1.011   -1.218  -12.224 1.00 15.99  ? 126 LEU A CA  1 
ATOM   803  C C   . LEU A 1 105 ? -0.398  -0.799  -11.751 1.00 15.78  ? 126 LEU A C   1 
ATOM   804  O O   . LEU A 1 105 ? -0.711  -0.816  -10.554 1.00 14.53  ? 126 LEU A O   1 
ATOM   805  C CB  . LEU A 1 105 ? 1.804   0.015   -12.618 1.00 15.77  ? 126 LEU A CB  1 
ATOM   806  C CG  . LEU A 1 105 ? 1.802   1.173   -11.596 1.00 16.81  ? 126 LEU A CG  1 
ATOM   807  C CD1 . LEU A 1 105 ? 2.501   0.798   -10.310 1.00 17.44  ? 126 LEU A CD1 1 
ATOM   808  C CD2 . LEU A 1 105 ? 2.477   2.397   -12.149 1.00 17.18  ? 126 LEU A CD2 1 
ATOM   809  N N   . ASP A 1 106 ? -1.229  -0.391  -12.689 1.00 16.39  ? 127 ASP A N   1 
ATOM   810  C CA  . ASP A 1 106 ? -2.540  0.164   -12.307 1.00 16.39  ? 127 ASP A CA  1 
ATOM   811  C C   . ASP A 1 106 ? -3.472  -0.925  -11.783 1.00 15.49  ? 127 ASP A C   1 
ATOM   812  O O   . ASP A 1 106 ? -4.194  -0.706  -10.808 1.00 14.84  ? 127 ASP A O   1 
ATOM   813  C CB  . ASP A 1 106 ? -3.189  0.929   -13.474 1.00 16.26  ? 127 ASP A CB  1 
ATOM   814  C CG  . ASP A 1 106 ? -2.374  2.141   -13.917 1.00 17.68  ? 127 ASP A CG  1 
ATOM   815  O OD1 . ASP A 1 106 ? -1.716  2.808   -13.063 1.00 17.51  ? 127 ASP A OD1 1 
ATOM   816  O OD2 . ASP A 1 106 ? -2.356  2.436   -15.154 1.00 17.47  ? 127 ASP A OD2 1 
ATOM   817  N N   . ARG A 1 107 ? -3.482  -2.082  -12.435 1.00 15.39  ? 128 ARG A N   1 
ATOM   818  C CA  . ARG A 1 107 ? -4.349  -3.176  -11.988 1.00 16.52  ? 128 ARG A CA  1 
ATOM   819  C C   . ARG A 1 107 ? -3.884  -3.765  -10.627 1.00 15.03  ? 128 ARG A C   1 
ATOM   820  O O   . ARG A 1 107 ? -4.723  -4.071  -9.761  1.00 13.93  ? 128 ARG A O   1 
ATOM   821  C CB  . ARG A 1 107 ? -4.581  -4.251  -13.065 1.00 17.10  ? 128 ARG A CB  1 
ATOM   822  C CG  . ARG A 1 107 ? -3.366  -5.088  -13.392 1.00 18.63  ? 128 ARG A CG  1 
ATOM   823  C CD  . ARG A 1 107 ? -3.537  -5.830  -14.732 1.00 20.60  ? 128 ARG A CD  1 
ATOM   824  N NE  . ARG A 1 107 ? -2.406  -6.727  -14.975 1.00 20.77  ? 128 ARG A NE  1 
ATOM   825  C CZ  . ARG A 1 107 ? -2.260  -7.946  -14.450 1.00 21.81  ? 128 ARG A CZ  1 
ATOM   826  N NH1 . ARG A 1 107 ? -3.189  -8.491  -13.670 1.00 22.59  ? 128 ARG A NH1 1 
ATOM   827  N NH2 . ARG A 1 107 ? -1.185  -8.655  -14.737 1.00 21.99  ? 128 ARG A NH2 1 
ATOM   828  N N   . PHE A 1 108 ? -2.574  -3.884  -10.429 1.00 13.67  ? 129 PHE A N   1 
ATOM   829  C CA  . PHE A 1 108 ? -2.039  -4.317  -9.130  1.00 12.77  ? 129 PHE A CA  1 
ATOM   830  C C   . PHE A 1 108 ? -2.391  -3.315  -8.013  1.00 12.01  ? 129 PHE A C   1 
ATOM   831  O O   . PHE A 1 108 ? -2.748  -3.704  -6.886  1.00 11.29  ? 129 PHE A O   1 
ATOM   832  C CB  . PHE A 1 108 ? -0.519  -4.492  -9.227  1.00 12.69  ? 129 PHE A CB  1 
ATOM   833  C CG  . PHE A 1 108 ? -0.061  -5.764  -9.889  1.00 13.28  ? 129 PHE A CG  1 
ATOM   834  C CD1 . PHE A 1 108 ? -0.927  -6.657  -10.523 1.00 13.50  ? 129 PHE A CD1 1 
ATOM   835  C CD2 . PHE A 1 108 ? 1.289   -6.067  -9.879  1.00 14.30  ? 129 PHE A CD2 1 
ATOM   836  C CE1 . PHE A 1 108 ? -0.444  -7.848  -11.089 1.00 13.88  ? 129 PHE A CE1 1 
ATOM   837  C CE2 . PHE A 1 108 ? 1.764   -7.231  -10.456 1.00 14.24  ? 129 PHE A CE2 1 
ATOM   838  C CZ  . PHE A 1 108 ? 0.910   -8.117  -11.067 1.00 13.86  ? 129 PHE A CZ  1 
ATOM   839  N N   . TRP A 1 109 ? -2.279  -2.022  -8.308  1.00 11.74  ? 130 TRP A N   1 
ATOM   840  C CA  . TRP A 1 109 ? -2.553  -1.031  -7.283  1.00 11.34  ? 130 TRP A CA  1 
ATOM   841  C C   . TRP A 1 109 ? -4.019  -1.013  -6.916  1.00 11.29  ? 130 TRP A C   1 
ATOM   842  O O   . TRP A 1 109 ? -4.347  -0.950  -5.729  1.00 10.85  ? 130 TRP A O   1 
ATOM   843  C CB  . TRP A 1 109 ? -2.104  0.330   -7.713  1.00 11.47  ? 130 TRP A CB  1 
ATOM   844  C CG  . TRP A 1 109 ? -2.429  1.419   -6.751  1.00 10.81  ? 130 TRP A CG  1 
ATOM   845  C CD1 . TRP A 1 109 ? -3.194  2.469   -7.000  1.00 10.73  ? 130 TRP A CD1 1 
ATOM   846  C CD2 . TRP A 1 109 ? -1.976  1.562   -5.376  1.00 11.23  ? 130 TRP A CD2 1 
ATOM   847  N NE1 . TRP A 1 109 ? -3.261  3.304   -5.896  1.00 10.70  ? 130 TRP A NE1 1 
ATOM   848  C CE2 . TRP A 1 109 ? -2.542  2.764   -4.877  1.00 10.64  ? 130 TRP A CE2 1 
ATOM   849  C CE3 . TRP A 1 109 ? -1.172  0.794   -4.530  1.00 11.18  ? 130 TRP A CE3 1 
ATOM   850  C CZ2 . TRP A 1 109 ? -2.312  3.247   -3.573  1.00 11.21  ? 130 TRP A CZ2 1 
ATOM   851  C CZ3 . TRP A 1 109 ? -0.927  1.279   -3.198  1.00 11.63  ? 130 TRP A CZ3 1 
ATOM   852  C CH2 . TRP A 1 109 ? -1.522  2.489   -2.738  1.00 11.19  ? 130 TRP A CH2 1 
ATOM   853  N N   . LEU A 1 110 ? -4.906  -1.089  -7.897  1.00 11.83  ? 131 LEU A N   1 
ATOM   854  C CA  . LEU A 1 110 ? -6.341  -1.152  -7.573  1.00 12.78  ? 131 LEU A CA  1 
ATOM   855  C C   . LEU A 1 110 ? -6.671  -2.390  -6.753  1.00 12.99  ? 131 LEU A C   1 
ATOM   856  O O   . LEU A 1 110 ? -7.377  -2.305  -5.770  1.00 13.11  ? 131 LEU A O   1 
ATOM   857  C CB  . LEU A 1 110 ? -7.219  -1.068  -8.829  1.00 13.47  ? 131 LEU A CB  1 
ATOM   858  C CG  . LEU A 1 110 ? -8.736  -1.160  -8.600  1.00 14.25  ? 131 LEU A CG  1 
ATOM   859  C CD1 . LEU A 1 110 ? -9.235  -0.175  -7.569  1.00 14.79  ? 131 LEU A CD1 1 
ATOM   860  C CD2 . LEU A 1 110 ? -9.457  -0.931  -9.930  1.00 15.38  ? 131 LEU A CD2 1 
ATOM   861  N N   . GLU A 1 111 ? -6.119  -3.529  -7.140  1.00 13.91  ? 132 GLU A N   1 
ATOM   862  C CA  . GLU A 1 111 ? -6.279  -4.754  -6.381  1.00 15.33  ? 132 GLU A CA  1 
ATOM   863  C C   . GLU A 1 111 ? -5.764  -4.624  -4.968  1.00 14.59  ? 132 GLU A C   1 
ATOM   864  O O   . GLU A 1 111 ? -6.404  -5.119  -4.066  1.00 15.00  ? 132 GLU A O   1 
ATOM   865  C CB  . GLU A 1 111 ? -5.602  -5.924  -7.093  1.00 17.50  ? 132 GLU A CB  1 
ATOM   866  C CG  . GLU A 1 111 ? -5.874  -7.294  -6.502  1.00 20.58  ? 132 GLU A CG  1 
ATOM   867  C CD  . GLU A 1 111 ? -7.347  -7.623  -6.317  1.00 25.11  ? 132 GLU A CD  1 
ATOM   868  O OE1 . GLU A 1 111 ? -8.186  -7.206  -7.139  1.00 26.55  ? 132 GLU A OE1 1 
ATOM   869  O OE2 . GLU A 1 111 ? -7.674  -8.281  -5.302  1.00 30.91  ? 132 GLU A OE2 1 
ATOM   870  N N   . THR A 1 112 ? -4.632  -3.933  -4.787  1.00 12.61  ? 133 THR A N   1 
ATOM   871  C CA  . THR A 1 112 ? -4.068  -3.655  -3.463  1.00 11.79  ? 133 THR A CA  1 
ATOM   872  C C   . THR A 1 112 ? -5.027  -2.815  -2.596  1.00 11.83  ? 133 THR A C   1 
ATOM   873  O O   . THR A 1 112 ? -5.325  -3.153  -1.452  1.00 12.02  ? 133 THR A O   1 
ATOM   874  C CB  . THR A 1 112 ? -2.699  -2.964  -3.600  1.00 11.28  ? 133 THR A CB  1 
ATOM   875  O OG1 . THR A 1 112 ? -1.842  -3.783  -4.403  1.00 10.45  ? 133 THR A OG1 1 
ATOM   876  C CG2 . THR A 1 112 ? -2.042  -2.682  -2.235  1.00 11.34  ? 133 THR A CG2 1 
ATOM   877  N N   . LEU A 1 113 ? -5.541  -1.753  -3.179  1.00 11.80  ? 134 LEU A N   1 
ATOM   878  C CA  . LEU A 1 113 ? -6.556  -0.923  -2.549  1.00 12.49  ? 134 LEU A CA  1 
ATOM   879  C C   . LEU A 1 113 ? -7.761  -1.710  -2.120  1.00 13.30  ? 134 LEU A C   1 
ATOM   880  O O   . LEU A 1 113 ? -8.232  -1.557  -0.975  1.00 12.76  ? 134 LEU A O   1 
ATOM   881  C CB  . LEU A 1 113 ? -7.013  0.191   -3.496  1.00 13.33  ? 134 LEU A CB  1 
ATOM   882  C CG  . LEU A 1 113 ? -6.013  1.271   -3.862  1.00 14.04  ? 134 LEU A CG  1 
ATOM   883  C CD1 . LEU A 1 113 ? -6.573  2.174   -4.931  1.00 14.87  ? 134 LEU A CD1 1 
ATOM   884  C CD2 . LEU A 1 113 ? -5.644  2.074   -2.624  1.00 15.13  ? 134 LEU A CD2 1 
ATOM   885  N N   . LEU A 1 114 ? -8.226  -2.578  -3.008  1.00 13.75  ? 135 LEU A N   1 
ATOM   886  C CA  . LEU A 1 114 ? -9.358  -3.426  -2.726  1.00 14.91  ? 135 LEU A CA  1 
ATOM   887  C C   . LEU A 1 114 ? -9.108  -4.475  -1.630  1.00 15.42  ? 135 LEU A C   1 
ATOM   888  O O   . LEU A 1 114 ? -9.997  -4.694  -0.799  1.00 15.01  ? 135 LEU A O   1 
ATOM   889  C CB  . LEU A 1 114 ? -9.857  -4.077  -3.996  1.00 15.51  ? 135 LEU A CB  1 
ATOM   890  C CG  . LEU A 1 114 ? -10.380 -3.057  -5.012  1.00 16.51  ? 135 LEU A CG  1 
ATOM   891  C CD1 . LEU A 1 114 ? -10.733 -3.782  -6.318  1.00 17.65  ? 135 LEU A CD1 1 
ATOM   892  C CD2 . LEU A 1 114 ? -11.576 -2.279  -4.495  1.00 17.94  ? 135 LEU A CD2 1 
ATOM   893  N N   . CYS A 1 115 ? -7.923  -5.093  -1.612  1.00 14.60  ? 136 CYS A N   1 
ATOM   894  C CA  . CYS A 1 115 ? -7.543  -5.963  -0.511  1.00 15.36  ? 136 CYS A CA  1 
ATOM   895  C C   . CYS A 1 115 ? -7.601  -5.246  0.844   1.00 14.27  ? 136 CYS A C   1 
ATOM   896  O O   . CYS A 1 115 ? -8.037  -5.828  1.854   1.00 14.78  ? 136 CYS A O   1 
ATOM   897  C CB  . CYS A 1 115 ? -6.121  -6.496  -0.690  1.00 16.15  ? 136 CYS A CB  1 
ATOM   898  S SG  . CYS A 1 115 ? -5.958  -7.736  -1.972  1.00 19.94  ? 136 CYS A SG  1 
ATOM   899  N N   . LEU A 1 116 ? -7.119  -4.004  0.884   1.00 13.28  ? 137 LEU A N   1 
ATOM   900  C CA  . LEU A 1 116 ? -7.133  -3.225  2.115   1.00 12.58  ? 137 LEU A CA  1 
ATOM   901  C C   . LEU A 1 116 ? -8.554  -2.921  2.559   1.00 13.40  ? 137 LEU A C   1 
ATOM   902  O O   . LEU A 1 116 ? -8.966  -3.327  3.656   1.00 13.20  ? 137 LEU A O   1 
ATOM   903  C CB  . LEU A 1 116 ? -6.339  -1.924  1.993   1.00 12.37  ? 137 LEU A CB  1 
ATOM   904  C CG  . LEU A 1 116 ? -4.869  -1.997  2.438   1.00 12.25  ? 137 LEU A CG  1 
ATOM   905  C CD1 . LEU A 1 116 ? -4.123  -3.102  1.732   1.00 12.74  ? 137 LEU A CD1 1 
ATOM   906  C CD2 . LEU A 1 116 ? -4.197  -0.666  2.197   1.00 11.83  ? 137 LEU A CD2 1 
ATOM   907  N N   . ILE A 1 117 ? -9.307  -2.226  1.721   1.00 12.54  ? 138 ILE A N   1 
ATOM   908  C CA  . ILE A 1 117 ? -10.606 -1.716  2.168   1.00 12.75  ? 138 ILE A CA  1 
ATOM   909  C C   . ILE A 1 117 ? -11.636 -2.822  2.323   1.00 13.01  ? 138 ILE A C   1 
ATOM   910  O O   . ILE A 1 117 ? -12.591 -2.668  3.098   1.00 14.04  ? 138 ILE A O   1 
ATOM   911  C CB  . ILE A 1 117 ? -11.180 -0.595  1.277   1.00 12.89  ? 138 ILE A CB  1 
ATOM   912  C CG1 . ILE A 1 117 ? -11.609 -1.108  -0.094  1.00 13.53  ? 138 ILE A CG1 1 
ATOM   913  C CG2 . ILE A 1 117 ? -10.184 0.546   1.137   1.00 13.66  ? 138 ILE A CG2 1 
ATOM   914  C CD1 . ILE A 1 117 ? -12.291 -0.059  -0.951  1.00 13.89  ? 138 ILE A CD1 1 
ATOM   915  N N   . GLY A 1 118 ? -11.444 -3.922  1.603   1.00 12.95  ? 139 GLY A N   1 
ATOM   916  C CA  . GLY A 1 118 ? -12.259 -5.104  1.759   1.00 13.71  ? 139 GLY A CA  1 
ATOM   917  C C   . GLY A 1 118 ? -11.900 -6.071  2.888   1.00 14.90  ? 139 GLY A C   1 
ATOM   918  O O   . GLY A 1 118 ? -12.574 -7.094  3.043   1.00 14.45  ? 139 GLY A O   1 
ATOM   919  N N   . GLU A 1 119 ? -10.839 -5.784  3.641   1.00 15.45  ? 140 GLU A N   1 
ATOM   920  C CA  . GLU A 1 119 ? -10.420 -6.605  4.768   1.00 15.89  ? 140 GLU A CA  1 
ATOM   921  C C   . GLU A 1 119 ? -10.199 -8.055  4.316   1.00 16.66  ? 140 GLU A C   1 
ATOM   922  O O   . GLU A 1 119 ? -10.772 -8.989  4.874   1.00 16.12  ? 140 GLU A O   1 
ATOM   923  C CB  . GLU A 1 119 ? -11.424 -6.492  5.912   1.00 16.86  ? 140 GLU A CB  1 
ATOM   924  C CG  . GLU A 1 119 ? -11.711 -5.052  6.333   1.00 18.46  ? 140 GLU A CG  1 
ATOM   925  C CD  . GLU A 1 119 ? -10.580 -4.351  7.063   1.00 20.34  ? 140 GLU A CD  1 
ATOM   926  O OE1 . GLU A 1 119 ? -10.009 -5.001  7.957   1.00 22.68  ? 140 GLU A OE1 1 
ATOM   927  O OE2 . GLU A 1 119 ? -10.317 -3.126  6.821   1.00 20.95  ? 140 GLU A OE2 1 
ATOM   928  N N   . SER A 1 120 ? -9.339  -8.221  3.312   1.00 16.69  ? 141 SER A N   1 
ATOM   929  C CA  . SER A 1 120 ? -9.191  -9.492  2.632   1.00 17.76  ? 141 SER A CA  1 
ATOM   930  C C   . SER A 1 120 ? -8.320  -10.522 3.321   1.00 16.38  ? 141 SER A C   1 
ATOM   931  O O   . SER A 1 120 ? -8.079  -11.583 2.746   1.00 14.95  ? 141 SER A O   1 
ATOM   932  C CB  . SER A 1 120 ? -8.646  -9.267  1.219   1.00 19.35  ? 141 SER A CB  1 
ATOM   933  O OG  . SER A 1 120 ? -9.526  -8.429  0.494   1.00 22.42  ? 141 SER A OG  1 
ATOM   934  N N   . PHE A 1 121 ? -7.846  -10.249 4.522   1.00 15.85  ? 142 PHE A N   1 
ATOM   935  C CA  . PHE A 1 121 ? -6.839  -11.093 5.157   1.00 16.64  ? 142 PHE A CA  1 
ATOM   936  C C   . PHE A 1 121 ? -7.324  -11.835 6.382   1.00 17.67  ? 142 PHE A C   1 
ATOM   937  O O   . PHE A 1 121 ? -6.513  -12.204 7.249   1.00 15.54  ? 142 PHE A O   1 
ATOM   938  C CB  . PHE A 1 121 ? -5.591  -10.239 5.464   1.00 16.44  ? 142 PHE A CB  1 
ATOM   939  C CG  . PHE A 1 121 ? -5.036  -9.575  4.246   1.00 15.31  ? 142 PHE A CG  1 
ATOM   940  C CD1 . PHE A 1 121 ? -4.517  -10.341 3.221   1.00 14.94  ? 142 PHE A CD1 1 
ATOM   941  C CD2 . PHE A 1 121 ? -5.120  -8.187  4.077   1.00 15.78  ? 142 PHE A CD2 1 
ATOM   942  C CE1 . PHE A 1 121 ? -4.022  -9.752  2.077   1.00 15.50  ? 142 PHE A CE1 1 
ATOM   943  C CE2 . PHE A 1 121 ? -4.632  -7.586  2.919   1.00 15.49  ? 142 PHE A CE2 1 
ATOM   944  C CZ  . PHE A 1 121 ? -4.081  -8.374  1.919   1.00 15.04  ? 142 PHE A CZ  1 
ATOM   945  N N   . ASP A 1 122 ? -8.640  -12.097 6.425   1.00 20.65  ? 143 ASP A N   1 
ATOM   946  C CA  . ASP A 1 122 ? -9.241  -13.018 7.406   1.00 21.68  ? 143 ASP A CA  1 
ATOM   947  C C   . ASP A 1 122 ? -8.960  -12.526 8.844   1.00 20.23  ? 143 ASP A C   1 
ATOM   948  O O   . ASP A 1 122 ? -9.165  -11.342 9.159   1.00 20.61  ? 143 ASP A O   1 
ATOM   949  C CB  . ASP A 1 122 ? -8.723  -14.470 7.162   1.00 23.70  ? 143 ASP A CB  1 
ATOM   950  C CG  . ASP A 1 122 ? -8.968  -14.959 5.731   1.00 28.13  ? 143 ASP A CG  1 
ATOM   951  O OD1 . ASP A 1 122 ? -10.141 -15.257 5.375   1.00 31.04  ? 143 ASP A OD1 1 
ATOM   952  O OD2 . ASP A 1 122 ? -7.988  -15.072 4.958   1.00 30.51  ? 143 ASP A OD2 1 
ATOM   953  N N   . ASP A 1 123 ? -8.395  -13.393 9.683   1.00 20.09  ? 144 ASP A N   1 
ATOM   954  C CA  . ASP A 1 123 ? -8.083  -13.042 11.061  1.00 21.52  ? 144 ASP A CA  1 
ATOM   955  C C   . ASP A 1 123 ? -6.997  -11.960 11.193  1.00 19.70  ? 144 ASP A C   1 
ATOM   956  O O   . ASP A 1 123 ? -6.785  -11.471 12.290  1.00 19.24  ? 144 ASP A O   1 
ATOM   957  C CB  . ASP A 1 123 ? -7.552  -14.264 11.808  1.00 25.20  ? 144 ASP A CB  1 
ATOM   958  C CG  . ASP A 1 123 ? -8.595  -15.359 12.011  1.00 29.61  ? 144 ASP A CG  1 
ATOM   959  O OD1 . ASP A 1 123 ? -9.795  -15.170 11.738  1.00 28.36  ? 144 ASP A OD1 1 
ATOM   960  O OD2 . ASP A 1 123 ? -8.185  -16.429 12.499  1.00 35.42  ? 144 ASP A OD2 1 
ATOM   961  N N   . TYR A 1 124 ? -6.278  -11.642 10.123  1.00 16.68  ? 145 TYR A N   1 
ATOM   962  C CA  . TYR A 1 124 ? -5.064  -10.832 10.227  1.00 16.68  ? 145 TYR A CA  1 
ATOM   963  C C   . TYR A 1 124 ? -5.189  -9.485  9.544   1.00 16.68  ? 145 TYR A C   1 
ATOM   964  O O   . TYR A 1 124 ? -4.208  -8.743  9.438   1.00 15.00  ? 145 TYR A O   1 
ATOM   965  C CB  . TYR A 1 124 ? -3.892  -11.628 9.659   1.00 16.74  ? 145 TYR A CB  1 
ATOM   966  C CG  . TYR A 1 124 ? -3.729  -12.935 10.416  1.00 16.60  ? 145 TYR A CG  1 
ATOM   967  C CD1 . TYR A 1 124 ? -3.338  -12.937 11.756  1.00 17.14  ? 145 TYR A CD1 1 
ATOM   968  C CD2 . TYR A 1 124 ? -3.989  -14.151 9.810   1.00 16.33  ? 145 TYR A CD2 1 
ATOM   969  C CE1 . TYR A 1 124 ? -3.179  -14.120 12.459  1.00 17.01  ? 145 TYR A CE1 1 
ATOM   970  C CE2 . TYR A 1 124 ? -3.849  -15.335 10.508  1.00 17.20  ? 145 TYR A CE2 1 
ATOM   971  C CZ  . TYR A 1 124 ? -3.435  -15.325 11.835  1.00 18.46  ? 145 TYR A CZ  1 
ATOM   972  O OH  . TYR A 1 124 ? -3.306  -16.543 12.543  1.00 18.69  ? 145 TYR A OH  1 
ATOM   973  N N   . SER A 1 125 ? -6.400  -9.149  9.099   1.00 16.79  ? 146 SER A N   1 
ATOM   974  C CA  . SER A 1 125 ? -6.650  -7.812  8.539   1.00 18.03  ? 146 SER A CA  1 
ATOM   975  C C   . SER A 1 125 ? -6.207  -6.681  9.493   1.00 16.56  ? 146 SER A C   1 
ATOM   976  O O   . SER A 1 125 ? -5.732  -5.661  9.027   1.00 15.93  ? 146 SER A O   1 
ATOM   977  C CB  . SER A 1 125 ? -8.121  -7.650  8.131   1.00 18.89  ? 146 SER A CB  1 
ATOM   978  O OG  . SER A 1 125 ? -8.364  -8.381  6.929   1.00 22.39  ? 146 SER A OG  1 
ATOM   979  N N   . ASP A 1 126 ? -6.354  -6.883  10.805  1.00 16.28  ? 147 ASP A N   1 
ATOM   980  C CA  . ASP A 1 126 ? -5.916  -5.888  11.778  1.00 16.39  ? 147 ASP A CA  1 
ATOM   981  C C   . ASP A 1 126 ? -4.411  -5.607  11.751  1.00 14.89  ? 147 ASP A C   1 
ATOM   982  O O   . ASP A 1 126 ? -4.016  -4.552  12.216  1.00 14.78  ? 147 ASP A O   1 
ATOM   983  C CB  . ASP A 1 126 ? -6.327  -6.256  13.206  1.00 18.48  ? 147 ASP A CB  1 
ATOM   984  C CG  . ASP A 1 126 ? -7.835  -6.054  13.462  1.00 21.42  ? 147 ASP A CG  1 
ATOM   985  O OD1 . ASP A 1 126 ? -8.559  -5.552  12.569  1.00 21.78  ? 147 ASP A OD1 1 
ATOM   986  O OD2 . ASP A 1 126 ? -8.289  -6.409  14.560  1.00 23.97  ? 147 ASP A OD2 1 
ATOM   987  N N   . ASP A 1 127 ? -3.587  -6.490  11.197  1.00 13.61  ? 148 ASP A N   1 
ATOM   988  C CA  . ASP A 1 127 ? -2.124  -6.223  11.120  1.00 13.73  ? 148 ASP A CA  1 
ATOM   989  C C   . ASP A 1 127 ? -1.781  -5.300  9.960   1.00 13.33  ? 148 ASP A C   1 
ATOM   990  O O   . ASP A 1 127 ? -0.660  -4.820  9.928   1.00 13.18  ? 148 ASP A O   1 
ATOM   991  C CB  . ASP A 1 127 ? -1.281  -7.503  10.999  1.00 13.82  ? 148 ASP A CB  1 
ATOM   992  C CG  . ASP A 1 127 ? -0.832  -8.049  12.334  1.00 15.55  ? 148 ASP A CG  1 
ATOM   993  O OD1 . ASP A 1 127 ? -1.700  -8.175  13.210  1.00 17.88  ? 148 ASP A OD1 1 
ATOM   994  O OD2 . ASP A 1 127 ? 0.362   -8.401  12.512  1.00 15.16  ? 148 ASP A OD2 1 
ATOM   995  N N   . VAL A 1 128 ? -2.710  -5.078  9.009   1.00 13.01  ? 149 VAL A N   1 
ATOM   996  C CA  . VAL A 1 128 ? -2.457  -4.204  7.868   1.00 13.31  ? 149 VAL A CA  1 
ATOM   997  C C   . VAL A 1 128 ? -2.550  -2.733  8.346   1.00 13.36  ? 149 VAL A C   1 
ATOM   998  O O   . VAL A 1 128 ? -3.497  -2.326  9.026   1.00 13.19  ? 149 VAL A O   1 
ATOM   999  C CB  . VAL A 1 128 ? -3.469  -4.421  6.725   1.00 14.20  ? 149 VAL A CB  1 
ATOM   1000 C CG1 . VAL A 1 128 ? -3.236  -3.439  5.582   1.00 14.63  ? 149 VAL A CG1 1 
ATOM   1001 C CG2 . VAL A 1 128 ? -3.401  -5.864  6.217   1.00 15.16  ? 149 VAL A CG2 1 
ATOM   1002 N N   . CYS A 1 129 ? -1.541  -1.958  7.993   1.00 13.04  ? 150 CYS A N   1 
ATOM   1003 C CA  . CYS A 1 129 ? -1.510  -0.495  8.258   1.00 12.28  ? 150 CYS A CA  1 
ATOM   1004 C C   . CYS A 1 129 ? -1.920  0.345   7.059   1.00 11.67  ? 150 CYS A C   1 
ATOM   1005 O O   . CYS A 1 129 ? -2.587  1.369   7.195   1.00 11.98  ? 150 CYS A O   1 
ATOM   1006 C CB  . CYS A 1 129 ? -0.078  -0.127  8.663   1.00 12.42  ? 150 CYS A CB  1 
ATOM   1007 S SG  . CYS A 1 129 ? 0.352   -1.006  10.173  1.00 13.36  ? 150 CYS A SG  1 
ATOM   1008 N N   . GLY A 1 130 ? -1.509  -0.091  5.880   1.00 11.21  ? 151 GLY A N   1 
ATOM   1009 C CA  . GLY A 1 130 ? -1.633  0.708   4.686   1.00 10.69  ? 151 GLY A CA  1 
ATOM   1010 C C   . GLY A 1 130 ? -0.891  0.139   3.507   1.00 10.17  ? 151 GLY A C   1 
ATOM   1011 O O   . GLY A 1 130 ? -0.383  -0.972  3.562   1.00 10.70  ? 151 GLY A O   1 
ATOM   1012 N N   . ALA A 1 131 ? -0.847  0.905   2.434   1.00 9.67   ? 152 ALA A N   1 
ATOM   1013 C CA  . ALA A 1 131 ? -0.151  0.508   1.225   1.00 9.24   ? 152 ALA A CA  1 
ATOM   1014 C C   . ALA A 1 131 ? 0.355   1.724   0.538   1.00 9.18   ? 152 ALA A C   1 
ATOM   1015 O O   . ALA A 1 131 ? -0.216  2.805   0.683   1.00 9.00   ? 152 ALA A O   1 
ATOM   1016 C CB  . ALA A 1 131 ? -1.095  -0.247  0.311   1.00 9.17   ? 152 ALA A CB  1 
ATOM   1017 N N   . VAL A 1 132 ? 1.411   1.534   -0.251  1.00 9.43   ? 153 VAL A N   1 
ATOM   1018 C CA  . VAL A 1 132 ? 2.072   2.628   -0.914  1.00 9.47   ? 153 VAL A CA  1 
ATOM   1019 C C   . VAL A 1 132 ? 2.419   2.194   -2.352  1.00 9.21   ? 153 VAL A C   1 
ATOM   1020 O O   . VAL A 1 132 ? 2.911   1.109   -2.560  1.00 8.54   ? 153 VAL A O   1 
ATOM   1021 C CB  . VAL A 1 132 ? 3.356   3.022   -0.172  1.00 9.84   ? 153 VAL A CB  1 
ATOM   1022 C CG1 . VAL A 1 132 ? 4.006   4.240   -0.824  1.00 10.91  ? 153 VAL A CG1 1 
ATOM   1023 C CG2 . VAL A 1 132 ? 3.101   3.309   1.289   1.00 10.10  ? 153 VAL A CG2 1 
ATOM   1024 N N   . VAL A 1 133 ? 2.177   3.088   -3.316  1.00 9.04   ? 154 VAL A N   1 
ATOM   1025 C CA  . VAL A 1 133 ? 2.737   2.956   -4.648  1.00 9.08   ? 154 VAL A CA  1 
ATOM   1026 C C   . VAL A 1 133 ? 3.761   4.082   -4.928  1.00 9.96   ? 154 VAL A C   1 
ATOM   1027 O O   . VAL A 1 133 ? 3.458   5.275   -4.756  1.00 9.53   ? 154 VAL A O   1 
ATOM   1028 C CB  . VAL A 1 133 ? 1.640   2.860   -5.719  1.00 8.99   ? 154 VAL A CB  1 
ATOM   1029 C CG1 . VAL A 1 133 ? 0.689   4.053   -5.685  1.00 9.02   ? 154 VAL A CG1 1 
ATOM   1030 C CG2 . VAL A 1 133 ? 2.264   2.697   -7.081  1.00 9.13   ? 154 VAL A CG2 1 
ATOM   1031 N N   . ASN A 1 134 ? 4.975   3.687   -5.323  1.00 10.76  ? 155 ASN A N   1 
ATOM   1032 C CA  . ASN A 1 134 ? 6.065   4.612   -5.663  1.00 11.68  ? 155 ASN A CA  1 
ATOM   1033 C C   . ASN A 1 134 ? 6.233   4.567   -7.193  1.00 12.79  ? 155 ASN A C   1 
ATOM   1034 O O   . ASN A 1 134 ? 6.446   3.489   -7.765  1.00 12.63  ? 155 ASN A O   1 
ATOM   1035 C CB  . ASN A 1 134 ? 7.402   4.172   -5.027  1.00 12.17  ? 155 ASN A CB  1 
ATOM   1036 C CG  . ASN A 1 134 ? 7.322   3.950   -3.538  1.00 12.36  ? 155 ASN A CG  1 
ATOM   1037 O OD1 . ASN A 1 134 ? 7.519   2.851   -3.055  1.00 13.43  ? 155 ASN A OD1 1 
ATOM   1038 N ND2 . ASN A 1 134 ? 7.029   4.981   -2.810  1.00 13.46  ? 155 ASN A ND2 1 
ATOM   1039 N N   . VAL A 1 135 ? 6.120   5.719   -7.855  1.00 13.11  ? 156 VAL A N   1 
ATOM   1040 C CA  . VAL A 1 135 ? 6.351   5.803   -9.281  1.00 15.13  ? 156 VAL A CA  1 
ATOM   1041 C C   . VAL A 1 135 ? 7.747   6.369   -9.412  1.00 14.75  ? 156 VAL A C   1 
ATOM   1042 O O   . VAL A 1 135 ? 8.024   7.449   -8.887  1.00 13.39  ? 156 VAL A O   1 
ATOM   1043 C CB  . VAL A 1 135 ? 5.274   6.671   -9.978  1.00 17.09  ? 156 VAL A CB  1 
ATOM   1044 C CG1 . VAL A 1 135 ? 5.557   6.834   -11.466 1.00 17.98  ? 156 VAL A CG1 1 
ATOM   1045 C CG2 . VAL A 1 135 ? 3.901   6.015   -9.797  1.00 18.23  ? 156 VAL A CG2 1 
ATOM   1046 N N   . ARG A 1 136 ? 8.642   5.606   -10.028 1.00 16.08  ? 157 ARG A N   1 
ATOM   1047 C CA  . ARG A 1 136 ? 10.060  5.978   -10.113 1.00 18.02  ? 157 ARG A CA  1 
ATOM   1048 C C   . ARG A 1 136 ? 10.629  5.641   -11.494 1.00 20.60  ? 157 ARG A C   1 
ATOM   1049 O O   . ARG A 1 136 ? 10.235  4.635   -12.124 1.00 21.36  ? 157 ARG A O   1 
ATOM   1050 C CB  . ARG A 1 136 ? 10.896  5.215   -9.064  1.00 18.99  ? 157 ARG A CB  1 
ATOM   1051 C CG  . ARG A 1 136 ? 10.548  5.464   -7.601  1.00 17.95  ? 157 ARG A CG  1 
ATOM   1052 C CD  . ARG A 1 136 ? 10.905  6.856   -7.160  1.00 18.26  ? 157 ARG A CD  1 
ATOM   1053 N NE  . ARG A 1 136 ? 10.552  7.067   -5.757  1.00 18.56  ? 157 ARG A NE  1 
ATOM   1054 C CZ  . ARG A 1 136 ? 9.344   7.444   -5.306  1.00 19.98  ? 157 ARG A CZ  1 
ATOM   1055 N NH1 . ARG A 1 136 ? 8.295   7.645   -6.145  1.00 17.92  ? 157 ARG A NH1 1 
ATOM   1056 N NH2 . ARG A 1 136 ? 9.168   7.578   -3.991  1.00 20.02  ? 157 ARG A NH2 1 
ATOM   1057 N N   . ALA A 1 137 ? 11.598  6.441   -11.928 1.00 21.98  ? 158 ALA A N   1 
ATOM   1058 C CA  . ALA A 1 137 ? 12.298  6.212   -13.202 1.00 24.91  ? 158 ALA A CA  1 
ATOM   1059 C C   . ALA A 1 137 ? 13.018  4.861   -13.212 1.00 24.87  ? 158 ALA A C   1 
ATOM   1060 O O   . ALA A 1 137 ? 12.978  4.147   -14.197 1.00 27.97  ? 158 ALA A O   1 
ATOM   1061 C CB  . ALA A 1 137 ? 13.298  7.340   -13.451 1.00 25.08  ? 158 ALA A CB  1 
ATOM   1062 N N   . LYS A 1 138 ? 13.630  4.505   -12.087 1.00 27.01  ? 159 LYS A N   1 
ATOM   1063 C CA  . LYS A 1 138 ? 14.330  3.237   -11.946 1.00 29.42  ? 159 LYS A CA  1 
ATOM   1064 C C   . LYS A 1 138 ? 13.442  2.034   -11.686 1.00 28.91  ? 159 LYS A C   1 
ATOM   1065 O O   . LYS A 1 138 ? 13.963  0.931   -11.558 1.00 30.67  ? 159 LYS A O   1 
ATOM   1066 C CB  . LYS A 1 138 ? 15.390  3.351   -10.861 1.00 34.05  ? 159 LYS A CB  1 
ATOM   1067 C CG  . LYS A 1 138 ? 16.487  4.304   -11.293 1.00 38.13  ? 159 LYS A CG  1 
ATOM   1068 C CD  . LYS A 1 138 ? 17.507  4.501   -10.201 1.00 44.41  ? 159 LYS A CD  1 
ATOM   1069 C CE  . LYS A 1 138 ? 18.009  5.930   -10.231 1.00 48.53  ? 159 LYS A CE  1 
ATOM   1070 N NZ  . LYS A 1 138 ? 19.206  6.041   -9.364  1.00 50.14  ? 159 LYS A NZ  1 
ATOM   1071 N N   . GLY A 1 139 ? 12.120  2.212   -11.621 1.00 26.44  ? 160 GLY A N   1 
ATOM   1072 C CA  . GLY A 1 139 ? 11.194  1.075   -11.518 1.00 24.39  ? 160 GLY A CA  1 
ATOM   1073 C C   . GLY A 1 139 ? 10.209  1.310   -10.375 1.00 23.54  ? 160 GLY A C   1 
ATOM   1074 O O   . GLY A 1 139 ? 10.614  1.693   -9.269  1.00 21.97  ? 160 GLY A O   1 
ATOM   1075 N N   . ASP A 1 140 ? 8.932   1.039   -10.639 1.00 20.26  ? 161 ASP A N   1 
ATOM   1076 C CA  . ASP A 1 140 ? 7.867   1.296   -9.664  1.00 19.71  ? 161 ASP A CA  1 
ATOM   1077 C C   . ASP A 1 140 ? 7.821   0.220   -8.586  1.00 17.71  ? 161 ASP A C   1 
ATOM   1078 O O   . ASP A 1 140 ? 8.357   -0.891  -8.765  1.00 15.04  ? 161 ASP A O   1 
ATOM   1079 C CB  . ASP A 1 140 ? 6.528   1.418   -10.370 1.00 20.57  ? 161 ASP A CB  1 
ATOM   1080 C CG  . ASP A 1 140 ? 6.600   2.378   -11.574 1.00 24.11  ? 161 ASP A CG  1 
ATOM   1081 O OD1 . ASP A 1 140 ? 7.330   3.419   -11.494 1.00 23.34  ? 161 ASP A OD1 1 
ATOM   1082 O OD2 . ASP A 1 140 ? 6.010   2.052   -12.640 1.00 23.18  ? 161 ASP A OD2 1 
ATOM   1083 N N   . LYS A 1 141 ? 7.171   0.578   -7.468  1.00 15.09  ? 162 LYS A N   1 
ATOM   1084 C CA  . LYS A 1 141 ? 7.012   -0.306  -6.327  1.00 14.61  ? 162 LYS A CA  1 
ATOM   1085 C C   . LYS A 1 141 ? 5.630   -0.162  -5.743  1.00 12.92  ? 162 LYS A C   1 
ATOM   1086 O O   . LYS A 1 141 ? 5.092   0.939   -5.658  1.00 12.00  ? 162 LYS A O   1 
ATOM   1087 C CB  . LYS A 1 141 ? 8.045   0.018   -5.228  1.00 16.42  ? 162 LYS A CB  1 
ATOM   1088 C CG  . LYS A 1 141 ? 9.480   -0.313  -5.618  1.00 18.90  ? 162 LYS A CG  1 
ATOM   1089 C CD  . LYS A 1 141 ? 10.539  0.153   -4.633  1.00 20.85  ? 162 LYS A CD  1 
ATOM   1090 C CE  . LYS A 1 141 ? 10.602  1.670   -4.524  1.00 24.19  ? 162 LYS A CE  1 
ATOM   1091 N NZ  . LYS A 1 141 ? 11.713  2.203   -3.674  1.00 26.49  ? 162 LYS A NZ  1 
ATOM   1092 N N   . ILE A 1 142 ? 5.054   -1.288  -5.360  1.00 12.20  ? 163 ILE A N   1 
ATOM   1093 C CA  . ILE A 1 142 ? 3.849   -1.279  -4.562  1.00 11.74  ? 163 ILE A CA  1 
ATOM   1094 C C   . ILE A 1 142 ? 4.120   -2.090  -3.330  1.00 11.06  ? 163 ILE A C   1 
ATOM   1095 O O   . ILE A 1 142 ? 4.820   -3.096  -3.401  1.00 12.61  ? 163 ILE A O   1 
ATOM   1096 C CB  . ILE A 1 142 ? 2.667   -1.905  -5.319  1.00 11.94  ? 163 ILE A CB  1 
ATOM   1097 C CG1 . ILE A 1 142 ? 2.359   -1.108  -6.590  1.00 12.91  ? 163 ILE A CG1 1 
ATOM   1098 C CG2 . ILE A 1 142 ? 1.432   -1.975  -4.425  1.00 12.12  ? 163 ILE A CG2 1 
ATOM   1099 C CD1 . ILE A 1 142 ? 1.548   -1.930  -7.570  1.00 13.69  ? 163 ILE A CD1 1 
ATOM   1100 N N   . ALA A 1 143 ? 3.513   -1.741  -2.211  1.00 10.35  ? 164 ALA A N   1 
ATOM   1101 C CA  . ALA A 1 143 ? 3.796   -2.488  -1.000  1.00 9.98   ? 164 ALA A CA  1 
ATOM   1102 C C   . ALA A 1 143 ? 2.649   -2.415  -0.061  1.00 10.20  ? 164 ALA A C   1 
ATOM   1103 O O   . ALA A 1 143 ? 1.975   -1.374  -0.004  1.00 9.85   ? 164 ALA A O   1 
ATOM   1104 C CB  . ALA A 1 143 ? 5.030   -1.918  -0.326  1.00 9.79   ? 164 ALA A CB  1 
ATOM   1105 N N   . ILE A 1 144 ? 2.411   -3.520  0.650   1.00 10.14  ? 165 ILE A N   1 
ATOM   1106 C CA  . ILE A 1 144 ? 1.461   -3.505  1.758   1.00 10.24  ? 165 ILE A CA  1 
ATOM   1107 C C   . ILE A 1 144 ? 2.258   -3.461  3.042   1.00 9.70   ? 165 ILE A C   1 
ATOM   1108 O O   . ILE A 1 144 ? 3.125   -4.299  3.278   1.00 9.12   ? 165 ILE A O   1 
ATOM   1109 C CB  . ILE A 1 144 ? 0.510   -4.713  1.756   1.00 10.47  ? 165 ILE A CB  1 
ATOM   1110 C CG1 . ILE A 1 144 ? -0.458  -4.616  0.580   1.00 11.00  ? 165 ILE A CG1 1 
ATOM   1111 C CG2 . ILE A 1 144 ? -0.311  -4.760  3.062   1.00 10.94  ? 165 ILE A CG2 1 
ATOM   1112 C CD1 . ILE A 1 144 ? -1.445  -5.774  0.503   1.00 11.24  ? 165 ILE A CD1 1 
ATOM   1113 N N   . TRP A 1 145 ? 1.943   -2.479  3.870   1.00 9.76   ? 166 TRP A N   1 
ATOM   1114 C CA  . TRP A 1 145 ? 2.599   -2.290  5.147   1.00 9.99   ? 166 TRP A CA  1 
ATOM   1115 C C   . TRP A 1 145 ? 1.819   -2.994  6.241   1.00 10.58  ? 166 TRP A C   1 
ATOM   1116 O O   . TRP A 1 145 ? 0.592   -2.820  6.360   1.00 10.54  ? 166 TRP A O   1 
ATOM   1117 C CB  . TRP A 1 145 ? 2.709   -0.787  5.522   1.00 9.47   ? 166 TRP A CB  1 
ATOM   1118 C CG  . TRP A 1 145 ? 3.675   0.057   4.698   1.00 9.61   ? 166 TRP A CG  1 
ATOM   1119 C CD1 . TRP A 1 145 ? 4.067   -0.163  3.410   1.00 9.72   ? 166 TRP A CD1 1 
ATOM   1120 C CD2 . TRP A 1 145 ? 4.301   1.296   5.095   1.00 9.79   ? 166 TRP A CD2 1 
ATOM   1121 N NE1 . TRP A 1 145 ? 4.911   0.828   2.997   1.00 9.87   ? 166 TRP A NE1 1 
ATOM   1122 C CE2 . TRP A 1 145 ? 5.068   1.739   4.006   1.00 9.98   ? 166 TRP A CE2 1 
ATOM   1123 C CE3 . TRP A 1 145 ? 4.283   2.058   6.269   1.00 10.06  ? 166 TRP A CE3 1 
ATOM   1124 C CZ2 . TRP A 1 145 ? 5.811   2.913   4.039   1.00 10.40  ? 166 TRP A CZ2 1 
ATOM   1125 C CZ3 . TRP A 1 145 ? 5.018   3.225   6.312   1.00 10.50  ? 166 TRP A CZ3 1 
ATOM   1126 C CH2 . TRP A 1 145 ? 5.772   3.649   5.191   1.00 10.59  ? 166 TRP A CH2 1 
ATOM   1127 N N   . THR A 1 146 ? 2.552   -3.727  7.084   1.00 11.19  ? 167 THR A N   1 
ATOM   1128 C CA  . THR A 1 146 ? 1.954   -4.372  8.244   1.00 11.34  ? 167 THR A CA  1 
ATOM   1129 C C   . THR A 1 146 ? 2.668   -3.939  9.520   1.00 11.52  ? 167 THR A C   1 
ATOM   1130 O O   . THR A 1 146 ? 3.785   -3.418  9.493   1.00 12.05  ? 167 THR A O   1 
ATOM   1131 C CB  . THR A 1 146 ? 1.934   -5.900  8.121   1.00 11.47  ? 167 THR A CB  1 
ATOM   1132 O OG1 . THR A 1 146 ? 3.182   -6.452  8.550   1.00 11.15  ? 167 THR A OG1 1 
ATOM   1133 C CG2 . THR A 1 146 ? 1.615   -6.338  6.701   1.00 12.37  ? 167 THR A CG2 1 
ATOM   1134 N N   . THR A 1 147 ? 2.004   -4.168  10.630  1.00 10.89  ? 168 THR A N   1 
ATOM   1135 C CA  . THR A 1 147 ? 2.360   -3.530  11.893  1.00 11.15  ? 168 THR A CA  1 
ATOM   1136 C C   . THR A 1 147 ? 3.531   -4.164  12.674  1.00 12.04  ? 168 THR A C   1 
ATOM   1137 O O   . THR A 1 147 ? 4.200   -3.456  13.440  1.00 11.88  ? 168 THR A O   1 
ATOM   1138 C CB  . THR A 1 147 ? 1.125   -3.456  12.803  1.00 11.31  ? 168 THR A CB  1 
ATOM   1139 O OG1 . THR A 1 147 ? 1.353   -2.497  13.821  1.00 11.03  ? 168 THR A OG1 1 
ATOM   1140 C CG2 . THR A 1 147 ? 0.786   -4.774  13.427  1.00 11.60  ? 168 THR A CG2 1 
ATOM   1141 N N   . GLU A 1 148 ? 3.757   -5.476  12.495  1.00 11.86  ? 169 GLU A N   1 
ATOM   1142 C CA  . GLU A 1 148 ? 4.676   -6.221  13.363  1.00 13.76  ? 169 GLU A CA  1 
ATOM   1143 C C   . GLU A 1 148 ? 5.407   -7.322  12.590  1.00 14.03  ? 169 GLU A C   1 
ATOM   1144 O O   . GLU A 1 148 ? 4.797   -8.328  12.214  1.00 14.75  ? 169 GLU A O   1 
ATOM   1145 C CB  . GLU A 1 148 ? 3.919   -6.795  14.579  1.00 13.97  ? 169 GLU A CB  1 
ATOM   1146 C CG  . GLU A 1 148 ? 4.767   -7.606  15.566  1.00 15.32  ? 169 GLU A CG  1 
ATOM   1147 C CD  . GLU A 1 148 ? 6.054   -6.906  16.002  1.00 16.07  ? 169 GLU A CD  1 
ATOM   1148 O OE1 . GLU A 1 148 ? 5.968   -5.916  16.753  1.00 16.08  ? 169 GLU A OE1 1 
ATOM   1149 O OE2 . GLU A 1 148 ? 7.152   -7.372  15.612  1.00 16.45  ? 169 GLU A OE2 1 
ATOM   1150 N N   . CYS A 1 149 ? 6.705   -7.131  12.390  1.00 14.57  ? 170 CYS A N   1 
ATOM   1151 C CA  . CYS A 1 149 ? 7.580   -8.105  11.684  1.00 17.08  ? 170 CYS A CA  1 
ATOM   1152 C C   . CYS A 1 149 ? 7.634   -9.470  12.311  1.00 16.59  ? 170 CYS A C   1 
ATOM   1153 O O   . CYS A 1 149 ? 7.753   -10.456 11.620  1.00 16.12  ? 170 CYS A O   1 
ATOM   1154 C CB  . CYS A 1 149 ? 9.022   -7.597  11.638  1.00 19.19  ? 170 CYS A CB  1 
ATOM   1155 S SG  . CYS A 1 149 ? 9.114   -6.251  10.514  1.00 25.21  ? 170 CYS A SG  1 
ATOM   1156 N N   . GLU A 1 150 ? 7.514   -9.516  13.624  1.00 17.99  ? 171 GLU A N   1 
ATOM   1157 C CA  . GLU A 1 150 ? 7.555   -10.774 14.358  1.00 19.94  ? 171 GLU A CA  1 
ATOM   1158 C C   . GLU A 1 150 ? 6.235   -11.563 14.420  1.00 18.78  ? 171 GLU A C   1 
ATOM   1159 O O   . GLU A 1 150 ? 6.225   -12.674 14.964  1.00 16.23  ? 171 GLU A O   1 
ATOM   1160 C CB  . GLU A 1 150 ? 8.056   -10.511 15.767  1.00 23.97  ? 171 GLU A CB  1 
ATOM   1161 C CG  . GLU A 1 150 ? 9.554   -10.350 15.788  1.00 30.79  ? 171 GLU A CG  1 
ATOM   1162 C CD  . GLU A 1 150 ? 10.053  -9.864  17.136  1.00 38.07  ? 171 GLU A CD  1 
ATOM   1163 O OE1 . GLU A 1 150 ? 9.343   -10.024 18.159  1.00 49.45  ? 171 GLU A OE1 1 
ATOM   1164 O OE2 . GLU A 1 150 ? 11.155  -9.292  17.167  1.00 45.59  ? 171 GLU A OE2 1 
ATOM   1165 N N   . ASN A 1 151 ? 5.133   -11.022 13.874  1.00 17.25  ? 172 ASN A N   1 
ATOM   1166 C CA  . ASN A 1 151 ? 3.858   -11.742 13.869  1.00 16.44  ? 172 ASN A CA  1 
ATOM   1167 C C   . ASN A 1 151 ? 3.886   -12.658 12.647  1.00 15.61  ? 172 ASN A C   1 
ATOM   1168 O O   . ASN A 1 151 ? 3.349   -12.308 11.593  1.00 13.49  ? 172 ASN A O   1 
ATOM   1169 C CB  . ASN A 1 151 ? 2.676   -10.778 13.823  1.00 17.62  ? 172 ASN A CB  1 
ATOM   1170 C CG  . ASN A 1 151 ? 2.381   -10.119 15.162  1.00 19.80  ? 172 ASN A CG  1 
ATOM   1171 O OD1 . ASN A 1 151 ? 2.974   -10.498 16.179  1.00 21.63  ? 172 ASN A OD1 1 
ATOM   1172 N ND2 . ASN A 1 151 ? 1.436   -9.122  15.175  1.00 18.60  ? 172 ASN A ND2 1 
ATOM   1173 N N   . ARG A 1 152 ? 4.517   -13.824 12.785  1.00 14.79  ? 173 ARG A N   1 
ATOM   1174 C CA  . ARG A 1 152 ? 4.861   -14.652 11.602  1.00 15.47  ? 173 ARG A CA  1 
ATOM   1175 C C   . ARG A 1 152 ? 3.630   -15.155 10.899  1.00 14.42  ? 173 ARG A C   1 
ATOM   1176 O O   . ARG A 1 152 ? 3.580   -15.222 9.672   1.00 13.63  ? 173 ARG A O   1 
ATOM   1177 C CB  . ARG A 1 152 ? 5.764   -15.836 11.983  1.00 15.88  ? 173 ARG A CB  1 
ATOM   1178 C CG  . ARG A 1 152 ? 7.108   -15.399 12.534  1.00 16.78  ? 173 ARG A CG  1 
ATOM   1179 C CD  . ARG A 1 152 ? 8.010   -16.556 12.915  1.00 18.04  ? 173 ARG A CD  1 
ATOM   1180 N NE  . ARG A 1 152 ? 7.274   -17.430 13.834  1.00 20.05  ? 173 ARG A NE  1 
ATOM   1181 C CZ  . ARG A 1 152 ? 7.533   -18.721 14.043  1.00 22.08  ? 173 ARG A CZ  1 
ATOM   1182 N NH1 . ARG A 1 152 ? 8.526   -19.348 13.422  1.00 24.17  ? 173 ARG A NH1 1 
ATOM   1183 N NH2 . ARG A 1 152 ? 6.783   -19.406 14.888  1.00 23.46  ? 173 ARG A NH2 1 
ATOM   1184 N N   . GLU A 1 153 ? 2.618   -15.498 11.680  1.00 14.48  ? 174 GLU A N   1 
ATOM   1185 C CA  . GLU A 1 153 ? 1.383   -16.053 11.129  1.00 15.13  ? 174 GLU A CA  1 
ATOM   1186 C C   . GLU A 1 153 ? 0.639   -14.989 10.311  1.00 14.03  ? 174 GLU A C   1 
ATOM   1187 O O   . GLU A 1 153 ? 0.199   -15.239 9.184   1.00 12.82  ? 174 GLU A O   1 
ATOM   1188 C CB  . GLU A 1 153 ? 0.466   -16.614 12.237  1.00 15.42  ? 174 GLU A CB  1 
ATOM   1189 C CG  . GLU A 1 153 ? 1.029   -17.811 12.971  1.00 16.19  ? 174 GLU A CG  1 
ATOM   1190 C CD  . GLU A 1 153 ? 2.101   -17.492 14.000  1.00 18.88  ? 174 GLU A CD  1 
ATOM   1191 O OE1 . GLU A 1 153 ? 2.332   -16.289 14.344  1.00 19.31  ? 174 GLU A OE1 1 
ATOM   1192 O OE2 . GLU A 1 153 ? 2.722   -18.476 14.474  1.00 20.70  ? 174 GLU A OE2 1 
ATOM   1193 N N   . ALA A 1 154 ? 0.540   -13.791 10.876  1.00 13.81  ? 175 ALA A N   1 
ATOM   1194 C CA  . ALA A 1 154 ? -0.134  -12.691 10.215  1.00 13.46  ? 175 ALA A CA  1 
ATOM   1195 C C   . ALA A 1 154 ? 0.618   -12.298 8.917   1.00 13.26  ? 175 ALA A C   1 
ATOM   1196 O O   . ALA A 1 154 ? 0.034   -12.160 7.853   1.00 11.86  ? 175 ALA A O   1 
ATOM   1197 C CB  . ALA A 1 154 ? -0.205  -11.498 11.167  1.00 14.06  ? 175 ALA A CB  1 
ATOM   1198 N N   . VAL A 1 155 ? 1.928   -12.105 9.034   1.00 12.72  ? 176 VAL A N   1 
ATOM   1199 C CA  . VAL A 1 155 ? 2.729   -11.673 7.888   1.00 12.92  ? 176 VAL A CA  1 
ATOM   1200 C C   . VAL A 1 155 ? 2.681   -12.683 6.740   1.00 12.68  ? 176 VAL A C   1 
ATOM   1201 O O   . VAL A 1 155 ? 2.430   -12.302 5.571   1.00 12.33  ? 176 VAL A O   1 
ATOM   1202 C CB  . VAL A 1 155 ? 4.194   -11.407 8.304   1.00 12.51  ? 176 VAL A CB  1 
ATOM   1203 C CG1 . VAL A 1 155 ? 5.094   -11.143 7.099   1.00 13.17  ? 176 VAL A CG1 1 
ATOM   1204 C CG2 . VAL A 1 155 ? 4.219   -10.218 9.220   1.00 12.83  ? 176 VAL A CG2 1 
ATOM   1205 N N   . THR A 1 156 ? 2.852   -13.955 7.080   1.00 12.67  ? 177 THR A N   1 
ATOM   1206 C CA  . THR A 1 156 ? 2.816   -15.000 6.060   1.00 13.41  ? 177 THR A CA  1 
ATOM   1207 C C   . THR A 1 156 ? 1.439   -15.102 5.387   1.00 12.18  ? 177 THR A C   1 
ATOM   1208 O O   . THR A 1 156 ? 1.330   -15.256 4.146   1.00 11.95  ? 177 THR A O   1 
ATOM   1209 C CB  . THR A 1 156 ? 3.270   -16.377 6.613   1.00 14.25  ? 177 THR A CB  1 
ATOM   1210 O OG1 . THR A 1 156 ? 2.429   -16.746 7.706   1.00 18.63  ? 177 THR A OG1 1 
ATOM   1211 C CG2 . THR A 1 156 ? 4.656   -16.301 7.103   1.00 12.70  ? 177 THR A CG2 1 
ATOM   1212 N N   . HIS A 1 157 ? 0.384   -14.993 6.182   1.00 11.20  ? 178 HIS A N   1 
ATOM   1213 C CA  . HIS A 1 157 ? -0.948  -15.103 5.600   1.00 11.76  ? 178 HIS A CA  1 
ATOM   1214 C C   . HIS A 1 157 ? -1.275  -13.928 4.668   1.00 11.34  ? 178 HIS A C   1 
ATOM   1215 O O   . HIS A 1 157 ? -1.840  -14.104 3.602   1.00 11.37  ? 178 HIS A O   1 
ATOM   1216 C CB  . HIS A 1 157 ? -1.999  -15.173 6.671   1.00 11.99  ? 178 HIS A CB  1 
ATOM   1217 C CG  . HIS A 1 157 ? -3.360  -15.441 6.130   1.00 13.44  ? 178 HIS A CG  1 
ATOM   1218 N ND1 . HIS A 1 157 ? -3.688  -16.626 5.495   1.00 14.27  ? 178 HIS A ND1 1 
ATOM   1219 C CD2 . HIS A 1 157 ? -4.473  -14.676 6.107   1.00 13.63  ? 178 HIS A CD2 1 
ATOM   1220 C CE1 . HIS A 1 157 ? -4.954  -16.584 5.126   1.00 15.02  ? 178 HIS A CE1 1 
ATOM   1221 N NE2 . HIS A 1 157 ? -5.457  -15.422 5.502   1.00 14.70  ? 178 HIS A NE2 1 
ATOM   1222 N N   . ILE A 1 158 ? -0.908  -12.725 5.089   1.00 11.11  ? 179 ILE A N   1 
ATOM   1223 C CA  . ILE A 1 158 ? -1.130  -11.533 4.262   1.00 11.02  ? 179 ILE A CA  1 
ATOM   1224 C C   . ILE A 1 158 ? -0.378  -11.650 2.944   1.00 11.39  ? 179 ILE A C   1 
ATOM   1225 O O   . ILE A 1 158 ? -0.948  -11.387 1.893   1.00 11.53  ? 179 ILE A O   1 
ATOM   1226 C CB  . ILE A 1 158 ? -0.776  -10.269 5.063   1.00 10.80  ? 179 ILE A CB  1 
ATOM   1227 C CG1 . ILE A 1 158 ? -1.776  -10.069 6.197   1.00 10.30  ? 179 ILE A CG1 1 
ATOM   1228 C CG2 . ILE A 1 158 ? -0.684  -9.010  4.191   1.00 10.92  ? 179 ILE A CG2 1 
ATOM   1229 C CD1 . ILE A 1 158 ? -1.257  -9.158  7.306   1.00 10.67  ? 179 ILE A CD1 1 
ATOM   1230 N N   . GLY A 1 159 ? 0.891   -12.054 3.014   1.00 11.61  ? 180 GLY A N   1 
ATOM   1231 C CA  . GLY A 1 159 ? 1.722   -12.293 1.837   1.00 12.21  ? 180 GLY A CA  1 
ATOM   1232 C C   . GLY A 1 159 ? 1.112   -13.295 0.879   1.00 13.01  ? 180 GLY A C   1 
ATOM   1233 O O   . GLY A 1 159 ? 1.060   -13.041 -0.334  1.00 11.59  ? 180 GLY A O   1 
ATOM   1234 N N   . ARG A 1 160 ? 0.658   -14.432 1.410   1.00 13.92  ? 181 ARG A N   1 
ATOM   1235 C CA  . ARG A 1 160 ? 0.074   -15.473 0.568   1.00 15.98  ? 181 ARG A CA  1 
ATOM   1236 C C   . ARG A 1 160 ? -1.196  -15.007 -0.139  1.00 14.61  ? 181 ARG A C   1 
ATOM   1237 O O   . ARG A 1 160 ? -1.367  -15.244 -1.343  1.00 13.98  ? 181 ARG A O   1 
ATOM   1238 C CB  . ARG A 1 160 ? -0.197  -16.757 1.372   1.00 20.72  ? 181 ARG A CB  1 
ATOM   1239 C CG  . ARG A 1 160 ? -0.944  -17.842 0.566   1.00 29.01  ? 181 ARG A CG  1 
ATOM   1240 C CD  . ARG A 1 160 ? -1.505  -18.950 1.433   1.00 37.00  ? 181 ARG A CD  1 
ATOM   1241 N NE  . ARG A 1 160 ? -2.882  -18.697 1.870   1.00 41.01  ? 181 ARG A NE  1 
ATOM   1242 C CZ  . ARG A 1 160 ? -3.965  -18.852 1.117   1.00 45.18  ? 181 ARG A CZ  1 
ATOM   1243 N NH1 . ARG A 1 160 ? -3.872  -19.257 -0.145  1.00 51.10  ? 181 ARG A NH1 1 
ATOM   1244 N NH2 . ARG A 1 160 ? -5.160  -18.596 1.637   1.00 49.69  ? 181 ARG A NH2 1 
ATOM   1245 N N   . VAL A 1 161 ? -2.095  -14.369 0.602   1.00 13.60  ? 182 VAL A N   1 
ATOM   1246 C CA  . VAL A 1 161 ? -3.355  -13.903 0.045   1.00 13.81  ? 182 VAL A CA  1 
ATOM   1247 C C   . VAL A 1 161 ? -3.100  -12.811 -1.003  1.00 13.89  ? 182 VAL A C   1 
ATOM   1248 O O   . VAL A 1 161 ? -3.690  -12.802 -2.097  1.00 14.87  ? 182 VAL A O   1 
ATOM   1249 C CB  . VAL A 1 161 ? -4.328  -13.399 1.139   1.00 13.66  ? 182 VAL A CB  1 
ATOM   1250 C CG1 . VAL A 1 161 ? -5.568  -12.785 0.506   1.00 14.08  ? 182 VAL A CG1 1 
ATOM   1251 C CG2 . VAL A 1 161 ? -4.757  -14.548 2.054   1.00 14.03  ? 182 VAL A CG2 1 
ATOM   1252 N N   . TYR A 1 162 ? -2.189  -11.910 -0.683  1.00 13.56  ? 183 TYR A N   1 
ATOM   1253 C CA  . TYR A 1 162 ? -1.863  -10.818 -1.600  1.00 13.48  ? 183 TYR A CA  1 
ATOM   1254 C C   . TYR A 1 162 ? -1.274  -11.362 -2.878  1.00 13.57  ? 183 TYR A C   1 
ATOM   1255 O O   . TYR A 1 162 ? -1.699  -11.006 -3.967  1.00 13.08  ? 183 TYR A O   1 
ATOM   1256 C CB  . TYR A 1 162 ? -0.885  -9.872  -0.938  1.00 13.38  ? 183 TYR A CB  1 
ATOM   1257 C CG  . TYR A 1 162 ? -0.529  -8.586  -1.649  1.00 13.59  ? 183 TYR A CG  1 
ATOM   1258 C CD1 . TYR A 1 162 ? -1.472  -7.862  -2.415  1.00 14.12  ? 183 TYR A CD1 1 
ATOM   1259 C CD2 . TYR A 1 162 ? 0.747   -8.042  -1.507  1.00 13.68  ? 183 TYR A CD2 1 
ATOM   1260 C CE1 . TYR A 1 162 ? -1.125  -6.649  -3.022  1.00 13.72  ? 183 TYR A CE1 1 
ATOM   1261 C CE2 . TYR A 1 162 ? 1.084   -6.814  -2.079  1.00 14.16  ? 183 TYR A CE2 1 
ATOM   1262 C CZ  . TYR A 1 162 ? 0.151   -6.133  -2.852  1.00 13.87  ? 183 TYR A CZ  1 
ATOM   1263 O OH  . TYR A 1 162 ? 0.510   -4.944  -3.408  1.00 14.53  ? 183 TYR A OH  1 
ATOM   1264 N N   . LYS A 1 163 ? -0.312  -12.245 -2.749  1.00 13.50  ? 184 LYS A N   1 
ATOM   1265 C CA  . LYS A 1 163 ? 0.236   -12.888 -3.946  1.00 15.30  ? 184 LYS A CA  1 
ATOM   1266 C C   . LYS A 1 163 ? -0.838  -13.549 -4.862  1.00 15.64  ? 184 LYS A C   1 
ATOM   1267 O O   . LYS A 1 163 ? -0.807  -13.395 -6.096  1.00 14.00  ? 184 LYS A O   1 
ATOM   1268 C CB  . LYS A 1 163 ? 1.253   -13.944 -3.560  1.00 15.99  ? 184 LYS A CB  1 
ATOM   1269 C CG  . LYS A 1 163 ? 2.146   -14.271 -4.736  1.00 17.52  ? 184 LYS A CG  1 
ATOM   1270 C CD  . LYS A 1 163 ? 3.065   -15.442 -4.470  1.00 18.38  ? 184 LYS A CD  1 
ATOM   1271 C CE  . LYS A 1 163 ? 4.075   -15.532 -5.608  1.00 18.30  ? 184 LYS A CE  1 
ATOM   1272 N NZ  . LYS A 1 163 ? 4.810   -16.820 -5.455  1.00 19.17  ? 184 LYS A NZ  1 
ATOM   1273 N N   . GLU A 1 164 ? -1.749  -14.301 -4.256  1.00 16.54  ? 185 GLU A N   1 
ATOM   1274 C CA  . GLU A 1 164 ? -2.812  -14.933 -5.010  1.00 20.15  ? 185 GLU A CA  1 
ATOM   1275 C C   . GLU A 1 164 ? -3.806  -13.917 -5.587  1.00 18.64  ? 185 GLU A C   1 
ATOM   1276 O O   . GLU A 1 164 ? -4.180  -14.078 -6.709  1.00 15.91  ? 185 GLU A O   1 
ATOM   1277 C CB  . GLU A 1 164 ? -3.501  -16.085 -4.247  1.00 26.31  ? 185 GLU A CB  1 
ATOM   1278 C CG  . GLU A 1 164 ? -4.351  -15.719 -3.047  1.00 35.66  ? 185 GLU A CG  1 
ATOM   1279 C CD  . GLU A 1 164 ? -4.755  -16.938 -2.192  1.00 44.92  ? 185 GLU A CD  1 
ATOM   1280 O OE1 . GLU A 1 164 ? -4.422  -18.100 -2.556  1.00 54.02  ? 185 GLU A OE1 1 
ATOM   1281 O OE2 . GLU A 1 164 ? -5.399  -16.738 -1.139  1.00 49.95  ? 185 GLU A OE2 1 
ATOM   1282 N N   . ARG A 1 165 ? -4.146  -12.834 -4.880  1.00 18.04  ? 186 ARG A N   1 
ATOM   1283 C CA  . ARG A 1 165 ? -5.001  -11.789 -5.443  1.00 19.13  ? 186 ARG A CA  1 
ATOM   1284 C C   . ARG A 1 165 ? -4.334  -11.046 -6.607  1.00 18.41  ? 186 ARG A C   1 
ATOM   1285 O O   . ARG A 1 165 ? -5.037  -10.546 -7.505  1.00 17.50  ? 186 ARG A O   1 
ATOM   1286 C CB  . ARG A 1 165 ? -5.465  -10.792 -4.348  1.00 21.93  ? 186 ARG A CB  1 
ATOM   1287 C CG  . ARG A 1 165 ? -6.368  -11.410 -3.258  1.00 25.64  ? 186 ARG A CG  1 
ATOM   1288 C CD  . ARG A 1 165 ? -7.815  -11.626 -3.687  1.00 29.40  ? 186 ARG A CD  1 
ATOM   1289 N NE  . ARG A 1 165 ? -8.458  -10.325 -3.948  1.00 35.55  ? 186 ARG A NE  1 
ATOM   1290 C CZ  . ARG A 1 165 ? -9.196  -9.611  -3.083  1.00 37.25  ? 186 ARG A CZ  1 
ATOM   1291 N NH1 . ARG A 1 165 ? -9.474  -10.053 -1.856  1.00 40.94  ? 186 ARG A NH1 1 
ATOM   1292 N NH2 . ARG A 1 165 ? -9.685  -8.433  -3.463  1.00 38.40  ? 186 ARG A NH2 1 
ATOM   1293 N N   . LEU A 1 166 ? -3.000  -10.939 -6.589  1.00 16.62  ? 187 LEU A N   1 
ATOM   1294 C CA  . LEU A 1 166 ? -2.275  -10.347 -7.719  1.00 17.09  ? 187 LEU A CA  1 
ATOM   1295 C C   . LEU A 1 166 ? -2.119  -11.345 -8.858  1.00 16.75  ? 187 LEU A C   1 
ATOM   1296 O O   . LEU A 1 166 ? -1.817  -10.948 -9.951  1.00 17.44  ? 187 LEU A O   1 
ATOM   1297 C CB  . LEU A 1 166 ? -0.912  -9.815  -7.310  1.00 17.19  ? 187 LEU A CB  1 
ATOM   1298 C CG  . LEU A 1 166 ? -0.940  -8.693  -6.280  1.00 17.85  ? 187 LEU A CG  1 
ATOM   1299 C CD1 . LEU A 1 166 ? 0.459   -8.418  -5.776  1.00 19.27  ? 187 LEU A CD1 1 
ATOM   1300 C CD2 . LEU A 1 166 ? -1.539  -7.424  -6.849  1.00 17.37  ? 187 LEU A CD2 1 
ATOM   1301 N N   . GLY A 1 167 ? -2.366  -12.626 -8.609  1.00 17.16  ? 188 GLY A N   1 
ATOM   1302 C CA  . GLY A 1 167 ? -2.246  -13.652 -9.640  1.00 17.68  ? 188 GLY A CA  1 
ATOM   1303 C C   . GLY A 1 167 ? -0.795  -13.979 -9.970  1.00 17.80  ? 188 GLY A C   1 
ATOM   1304 O O   . GLY A 1 167 ? -0.515  -14.435 -11.058 1.00 16.39  ? 188 GLY A O   1 
ATOM   1305 N N   . LEU A 1 168 ? 0.139   -13.756 -9.040  1.00 17.41  ? 189 LEU A N   1 
ATOM   1306 C CA  . LEU A 1 168 ? 1.549   -14.029 -9.341  1.00 17.47  ? 189 LEU A CA  1 
ATOM   1307 C C   . LEU A 1 168 ? 1.823   -15.521 -9.285  1.00 17.91  ? 189 LEU A C   1 
ATOM   1308 O O   . LEU A 1 168 ? 1.466   -16.145 -8.324  1.00 18.19  ? 189 LEU A O   1 
ATOM   1309 C CB  . LEU A 1 168 ? 2.463   -13.265 -8.410  1.00 17.89  ? 189 LEU A CB  1 
ATOM   1310 C CG  . LEU A 1 168 ? 2.368   -11.748 -8.564  1.00 18.64  ? 189 LEU A CG  1 
ATOM   1311 C CD1 . LEU A 1 168 ? 3.098   -11.080 -7.408  1.00 20.08  ? 189 LEU A CD1 1 
ATOM   1312 C CD2 . LEU A 1 168 ? 2.966   -11.316 -9.897  1.00 19.13  ? 189 LEU A CD2 1 
ATOM   1313 N N   . PRO A 1 169 ? 2.449   -16.095 -10.330 1.00 17.88  ? 190 PRO A N   1 
ATOM   1314 C CA  . PRO A 1 169 ? 2.691   -17.527 -10.383 1.00 16.95  ? 190 PRO A CA  1 
ATOM   1315 C C   . PRO A 1 169 ? 3.890   -17.945 -9.498  1.00 17.43  ? 190 PRO A C   1 
ATOM   1316 O O   . PRO A 1 169 ? 4.637   -17.081 -9.021  1.00 15.48  ? 190 PRO A O   1 
ATOM   1317 C CB  . PRO A 1 169 ? 3.028   -17.751 -11.862 1.00 17.40  ? 190 PRO A CB  1 
ATOM   1318 C CG  . PRO A 1 169 ? 3.785   -16.510 -12.233 1.00 17.15  ? 190 PRO A CG  1 
ATOM   1319 C CD  . PRO A 1 169 ? 3.031   -15.411 -11.500 1.00 17.68  ? 190 PRO A CD  1 
ATOM   1320 N N   . PRO A 1 170 ? 4.074   -19.266 -9.283  1.00 18.08  ? 191 PRO A N   1 
ATOM   1321 C CA  . PRO A 1 170 ? 5.160   -19.763 -8.403  1.00 17.87  ? 191 PRO A CA  1 
ATOM   1322 C C   . PRO A 1 170 ? 6.591   -19.412 -8.873  1.00 17.73  ? 191 PRO A C   1 
ATOM   1323 O O   . PRO A 1 170 ? 7.491   -19.334 -8.045  1.00 16.41  ? 191 PRO A O   1 
ATOM   1324 C CB  . PRO A 1 170 ? 4.966   -21.282 -8.400  1.00 18.39  ? 191 PRO A CB  1 
ATOM   1325 C CG  . PRO A 1 170 ? 3.573   -21.528 -8.914  1.00 19.10  ? 191 PRO A CG  1 
ATOM   1326 C CD  . PRO A 1 170 ? 3.136   -20.338 -9.702  1.00 18.56  ? 191 PRO A CD  1 
ATOM   1327 N N   . LYS A 1 171 ? 6.797   -19.155 -10.159 1.00 16.56  ? 192 LYS A N   1 
ATOM   1328 C CA  . LYS A 1 171 ? 8.125   -18.782 -10.636 1.00 18.31  ? 192 LYS A CA  1 
ATOM   1329 C C   . LYS A 1 171 ? 8.597   -17.398 -10.156 1.00 17.25  ? 192 LYS A C   1 
ATOM   1330 O O   . LYS A 1 171 ? 9.729   -17.052 -10.381 1.00 17.38  ? 192 LYS A O   1 
ATOM   1331 C CB  . LYS A 1 171 ? 8.215   -18.884 -12.165 1.00 21.03  ? 192 LYS A CB  1 
ATOM   1332 C CG  . LYS A 1 171 ? 7.314   -17.918 -12.918 1.00 23.67  ? 192 LYS A CG  1 
ATOM   1333 C CD  . LYS A 1 171 ? 7.479   -18.034 -14.431 1.00 28.64  ? 192 LYS A CD  1 
ATOM   1334 C CE  . LYS A 1 171 ? 6.177   -17.673 -15.145 1.00 34.10  ? 192 LYS A CE  1 
ATOM   1335 N NZ  . LYS A 1 171 ? 6.406   -17.215 -16.552 1.00 39.52  ? 192 LYS A NZ  1 
ATOM   1336 N N   . ILE A 1 172 ? 7.724   -16.636 -9.497  1.00 17.06  ? 193 ILE A N   1 
ATOM   1337 C CA  . ILE A 1 172 ? 8.035   -15.327 -8.939  1.00 17.99  ? 193 ILE A CA  1 
ATOM   1338 C C   . ILE A 1 172 ? 7.902   -15.480 -7.431  1.00 18.09  ? 193 ILE A C   1 
ATOM   1339 O O   . ILE A 1 172 ? 6.927   -16.097 -6.962  1.00 18.56  ? 193 ILE A O   1 
ATOM   1340 C CB  . ILE A 1 172 ? 6.991   -14.288 -9.423  1.00 19.61  ? 193 ILE A CB  1 
ATOM   1341 C CG1 . ILE A 1 172 ? 7.085   -14.092 -10.954 1.00 21.14  ? 193 ILE A CG1 1 
ATOM   1342 C CG2 . ILE A 1 172 ? 7.085   -12.943 -8.665  1.00 20.54  ? 193 ILE A CG2 1 
ATOM   1343 C CD1 . ILE A 1 172 ? 8.424   -13.604 -11.429 1.00 21.85  ? 193 ILE A CD1 1 
ATOM   1344 N N   . VAL A 1 173 ? 8.838   -14.923 -6.665  1.00 15.41  ? 194 VAL A N   1 
ATOM   1345 C CA  . VAL A 1 173 ? 8.611   -14.818 -5.235  1.00 15.66  ? 194 VAL A CA  1 
ATOM   1346 C C   . VAL A 1 173 ? 8.586   -13.342 -4.901  1.00 14.45  ? 194 VAL A C   1 
ATOM   1347 O O   . VAL A 1 173 ? 9.202   -12.537 -5.605  1.00 13.27  ? 194 VAL A O   1 
ATOM   1348 C CB  . VAL A 1 173 ? 9.661   -15.545 -4.345  1.00 16.87  ? 194 VAL A CB  1 
ATOM   1349 C CG1 . VAL A 1 173 ? 9.441   -17.039 -4.369  1.00 18.13  ? 194 VAL A CG1 1 
ATOM   1350 C CG2 . VAL A 1 173 ? 11.094  -15.194 -4.718  1.00 17.34  ? 194 VAL A CG2 1 
ATOM   1351 N N   . ILE A 1 174 ? 7.878   -13.000 -3.832  1.00 13.71  ? 195 ILE A N   1 
ATOM   1352 C CA  . ILE A 1 174 ? 7.869   -11.638 -3.317  1.00 13.04  ? 195 ILE A CA  1 
ATOM   1353 C C   . ILE A 1 174 ? 8.454   -11.680 -1.927  1.00 12.42  ? 195 ILE A C   1 
ATOM   1354 O O   . ILE A 1 174 ? 8.323   -12.692 -1.226  1.00 11.86  ? 195 ILE A O   1 
ATOM   1355 C CB  . ILE A 1 174 ? 6.469   -10.979 -3.310  1.00 13.85  ? 195 ILE A CB  1 
ATOM   1356 C CG1 . ILE A 1 174 ? 5.458   -11.772 -2.488  1.00 14.80  ? 195 ILE A CG1 1 
ATOM   1357 C CG2 . ILE A 1 174 ? 5.997   -10.785 -4.739  1.00 14.69  ? 195 ILE A CG2 1 
ATOM   1358 C CD1 . ILE A 1 174 ? 4.137   -11.067 -2.268  1.00 15.69  ? 195 ILE A CD1 1 
ATOM   1359 N N   . GLY A 1 175 ? 9.102   -10.588 -1.535  1.00 11.50  ? 196 GLY A N   1 
ATOM   1360 C CA  . GLY A 1 175 ? 9.766   -10.495 -0.244  1.00 11.50  ? 196 GLY A CA  1 
ATOM   1361 C C   . GLY A 1 175 ? 9.062   -9.521  0.681   1.00 11.11  ? 196 GLY A C   1 
ATOM   1362 O O   . GLY A 1 175 ? 8.441   -8.563  0.229   1.00 10.44  ? 196 GLY A O   1 
ATOM   1363 N N   . TYR A 1 176 ? 9.220   -9.772  1.974   1.00 11.19  ? 197 TYR A N   1 
ATOM   1364 C CA  . TYR A 1 176 ? 8.817   -8.882  3.055   1.00 11.08  ? 197 TYR A CA  1 
ATOM   1365 C C   . TYR A 1 176 ? 10.063  -8.352  3.766   1.00 11.41  ? 197 TYR A C   1 
ATOM   1366 O O   . TYR A 1 176 ? 10.953  -9.144  4.160   1.00 11.48  ? 197 TYR A O   1 
ATOM   1367 C CB  . TYR A 1 176 ? 7.944   -9.674  4.039   1.00 11.19  ? 197 TYR A CB  1 
ATOM   1368 C CG  . TYR A 1 176 ? 7.400   -8.860  5.187   1.00 10.95  ? 197 TYR A CG  1 
ATOM   1369 C CD1 . TYR A 1 176 ? 8.170   -8.629  6.318   1.00 11.17  ? 197 TYR A CD1 1 
ATOM   1370 C CD2 . TYR A 1 176 ? 6.137   -8.312  5.136   1.00 11.20  ? 197 TYR A CD2 1 
ATOM   1371 C CE1 . TYR A 1 176 ? 7.671   -7.870  7.383   1.00 11.78  ? 197 TYR A CE1 1 
ATOM   1372 C CE2 . TYR A 1 176 ? 5.626   -7.535  6.178   1.00 11.33  ? 197 TYR A CE2 1 
ATOM   1373 C CZ  . TYR A 1 176 ? 6.396   -7.328  7.302   1.00 11.50  ? 197 TYR A CZ  1 
ATOM   1374 O OH  . TYR A 1 176 ? 5.916   -6.597  8.345   1.00 11.89  ? 197 TYR A OH  1 
ATOM   1375 N N   . GLN A 1 177 ? 10.167  -7.029  3.903   1.00 11.76  ? 198 GLN A N   1 
ATOM   1376 C CA  . GLN A 1 177 ? 11.296  -6.410  4.595   1.00 12.11  ? 198 GLN A CA  1 
ATOM   1377 C C   . GLN A 1 177 ? 10.787  -5.517  5.718   1.00 11.82  ? 198 GLN A C   1 
ATOM   1378 O O   . GLN A 1 177 ? 9.758   -4.814  5.591   1.00 11.03  ? 198 GLN A O   1 
ATOM   1379 C CB  . GLN A 1 177 ? 12.187  -5.527  3.696   1.00 13.71  ? 198 GLN A CB  1 
ATOM   1380 C CG  . GLN A 1 177 ? 12.678  -6.161  2.419   1.00 14.98  ? 198 GLN A CG  1 
ATOM   1381 C CD  . GLN A 1 177 ? 11.636  -6.063  1.344   1.00 17.20  ? 198 GLN A CD  1 
ATOM   1382 O OE1 . GLN A 1 177 ? 11.056  -4.989  1.125   1.00 18.12  ? 198 GLN A OE1 1 
ATOM   1383 N NE2 . GLN A 1 177 ? 11.356  -7.194  0.670   1.00 18.89  ? 198 GLN A NE2 1 
ATOM   1384 N N   . SER A 1 178 ? 11.536  -5.551  6.795   1.00 11.02  ? 199 SER A N   1 
ATOM   1385 C CA  . SER A 1 178 ? 11.332  -4.688  7.938   1.00 11.88  ? 199 SER A CA  1 
ATOM   1386 C C   . SER A 1 178 ? 11.611  -3.245  7.516   1.00 10.72  ? 199 SER A C   1 
ATOM   1387 O O   . SER A 1 178 ? 12.563  -2.995  6.804   1.00 9.70   ? 199 SER A O   1 
ATOM   1388 C CB  . SER A 1 178 ? 12.302  -5.122  9.083   1.00 12.86  ? 199 SER A CB  1 
ATOM   1389 O OG  . SER A 1 178 ? 12.795  -4.028  9.767   1.00 14.66  ? 199 SER A OG  1 
ATOM   1390 N N   . HIS A 1 179 ? 10.791  -2.300  7.972   1.00 10.87  ? 200 HIS A N   1 
ATOM   1391 C CA  . HIS A 1 179 ? 11.061  -0.883  7.711   1.00 10.72  ? 200 HIS A CA  1 
ATOM   1392 C C   . HIS A 1 179 ? 12.438  -0.459  8.240   1.00 10.88  ? 200 HIS A C   1 
ATOM   1393 O O   . HIS A 1 179 ? 13.201  0.232   7.555   1.00 10.09  ? 200 HIS A O   1 
ATOM   1394 C CB  . HIS A 1 179 ? 10.010  0.024   8.333   1.00 10.63  ? 200 HIS A CB  1 
ATOM   1395 C CG  . HIS A 1 179 ? 8.657   -0.138  7.743   1.00 10.75  ? 200 HIS A CG  1 
ATOM   1396 N ND1 . HIS A 1 179 ? 8.424   -0.098  6.392   1.00 10.50  ? 200 HIS A ND1 1 
ATOM   1397 C CD2 . HIS A 1 179 ? 7.445   -0.309  8.329   1.00 10.92  ? 200 HIS A CD2 1 
ATOM   1398 C CE1 . HIS A 1 179 ? 7.135   -0.289  6.160   1.00 10.85  ? 200 HIS A CE1 1 
ATOM   1399 N NE2 . HIS A 1 179 ? 6.513   -0.384  7.321   1.00 10.95  ? 200 HIS A NE2 1 
ATOM   1400 N N   . ALA A 1 180 ? 12.762  -0.897  9.451   1.00 11.30  ? 201 ALA A N   1 
ATOM   1401 C CA  . ALA A 1 180 ? 14.034  -0.506  10.065  1.00 11.79  ? 201 ALA A CA  1 
ATOM   1402 C C   . ALA A 1 180 ? 15.208  -1.066  9.273   1.00 12.07  ? 201 ALA A C   1 
ATOM   1403 O O   . ALA A 1 180 ? 16.203  -0.351  9.022   1.00 11.60  ? 201 ALA A O   1 
ATOM   1404 C CB  . ALA A 1 180 ? 14.090  -0.962  11.536  1.00 12.21  ? 201 ALA A CB  1 
ATOM   1405 N N   . ASP A 1 181 ? 15.082  -2.317  8.841   1.00 12.20  ? 202 ASP A N   1 
ATOM   1406 C CA  . ASP A 1 181 ? 16.123  -2.947  8.037   1.00 13.42  ? 202 ASP A CA  1 
ATOM   1407 C C   . ASP A 1 181 ? 16.351  -2.147  6.754   1.00 13.66  ? 202 ASP A C   1 
ATOM   1408 O O   . ASP A 1 181 ? 17.478  -1.888  6.378   1.00 13.56  ? 202 ASP A O   1 
ATOM   1409 C CB  . ASP A 1 181 ? 15.770  -4.410  7.684   1.00 14.21  ? 202 ASP A CB  1 
ATOM   1410 C CG  . ASP A 1 181 ? 15.873  -5.350  8.873   1.00 16.13  ? 202 ASP A CG  1 
ATOM   1411 O OD1 . ASP A 1 181 ? 16.122  -4.889  10.024  1.00 16.95  ? 202 ASP A OD1 1 
ATOM   1412 O OD2 . ASP A 1 181 ? 15.653  -6.570  8.672   1.00 17.68  ? 202 ASP A OD2 1 
ATOM   1413 N N   . THR A 1 182 ? 15.267  -1.783  6.072   1.00 13.75  ? 203 THR A N   1 
ATOM   1414 C CA  . THR A 1 182 ? 15.349  -1.062  4.814   1.00 14.30  ? 203 THR A CA  1 
ATOM   1415 C C   . THR A 1 182 ? 15.970  0.333   5.038   1.00 14.66  ? 203 THR A C   1 
ATOM   1416 O O   . THR A 1 182 ? 16.765  0.788   4.208   1.00 13.70  ? 203 THR A O   1 
ATOM   1417 C CB  . THR A 1 182 ? 13.954  -0.888  4.170   1.00 15.00  ? 203 THR A CB  1 
ATOM   1418 O OG1 . THR A 1 182 ? 13.391  -2.168  3.864   1.00 15.81  ? 203 THR A OG1 1 
ATOM   1419 C CG2 . THR A 1 182 ? 14.020  -0.044  2.865   1.00 15.88  ? 203 THR A CG2 1 
ATOM   1420 N N   . ALA A 1 183 ? 15.620  0.985   6.150   1.00 13.66  ? 204 ALA A N   1 
ATOM   1421 C CA  . ALA A 1 183 ? 16.180  2.299   6.446   1.00 14.39  ? 204 ALA A CA  1 
ATOM   1422 C C   . ALA A 1 183 ? 17.683  2.212   6.698   1.00 14.96  ? 204 ALA A C   1 
ATOM   1423 O O   . ALA A 1 183 ? 18.375  3.155   6.451   1.00 15.67  ? 204 ALA A O   1 
ATOM   1424 C CB  . ALA A 1 183 ? 15.469  2.960   7.627   1.00 13.78  ? 204 ALA A CB  1 
ATOM   1425 N N   . THR A 1 184 ? 18.210  1.095   7.183   1.00 16.91  ? 205 THR A N   1 
ATOM   1426 C CA  . THR A 1 184 ? 19.653  1.008   7.384   1.00 19.29  ? 205 THR A CA  1 
ATOM   1427 C C   . THR A 1 184 ? 20.424  0.931   6.046   1.00 23.21  ? 205 THR A C   1 
ATOM   1428 O O   . THR A 1 184 ? 21.581  1.302   6.017   1.00 21.26  ? 205 THR A O   1 
ATOM   1429 C CB  . THR A 1 184 ? 20.074  -0.189  8.231   1.00 19.61  ? 205 THR A CB  1 
ATOM   1430 O OG1 . THR A 1 184 ? 19.791  -1.378  7.506   1.00 22.54  ? 205 THR A OG1 1 
ATOM   1431 C CG2 . THR A 1 184 ? 19.338  -0.219  9.538   1.00 19.08  ? 205 THR A CG2 1 
ATOM   1432 N N   . LYS A 1 185 ? 19.789  0.434   4.972   1.00 27.30  ? 206 LYS A N   1 
ATOM   1433 C CA  . LYS A 1 185 ? 20.398  0.303   3.616   1.00 32.66  ? 206 LYS A CA  1 
ATOM   1434 C C   . LYS A 1 185 ? 19.559  -0.654  2.749   1.00 38.16  ? 206 LYS A C   1 
ATOM   1435 O O   . LYS A 1 185 ? 19.027  -1.662  3.260   1.00 39.15  ? 206 LYS A O   1 
ATOM   1436 C CB  . LYS A 1 185 ? 21.831  -0.242  3.655   1.00 36.34  ? 206 LYS A CB  1 
ATOM   1437 C CG  . LYS A 1 185 ? 21.942  -1.569  4.390   1.00 41.21  ? 206 LYS A CG  1 
ATOM   1438 C CD  . LYS A 1 185 ? 23.370  -2.025  4.557   1.00 43.86  ? 206 LYS A CD  1 
ATOM   1439 C CE  . LYS A 1 185 ? 23.413  -3.165  5.553   1.00 46.27  ? 206 LYS A CE  1 
ATOM   1440 N NZ  . LYS A 1 185 ? 22.685  -4.361  5.052   1.00 48.88  ? 206 LYS A NZ  1 
ATOM   1441 N N   . THR A 1 190 ? 18.740  -4.923  0.843   1.00 24.37  ? 211 THR A N   1 
ATOM   1442 C CA  . THR A 1 190 ? 17.919  -5.240  2.055   1.00 26.76  ? 211 THR A CA  1 
ATOM   1443 C C   . THR A 1 190 ? 17.425  -6.710  2.203   1.00 25.97  ? 211 THR A C   1 
ATOM   1444 O O   . THR A 1 190 ? 16.736  -7.249  1.344   1.00 26.78  ? 211 THR A O   1 
ATOM   1445 C CB  . THR A 1 190 ? 16.675  -4.308  2.172   1.00 27.35  ? 211 THR A CB  1 
ATOM   1446 O OG1 . THR A 1 190 ? 17.065  -2.931  2.067   1.00 29.37  ? 211 THR A OG1 1 
ATOM   1447 C CG2 . THR A 1 190 ? 16.004  -4.488  3.472   1.00 26.75  ? 211 THR A CG2 1 
ATOM   1448 N N   . LYS A 1 191 ? 17.740  -7.310  3.344   1.00 25.98  ? 212 LYS A N   1 
ATOM   1449 C CA  . LYS A 1 191 ? 17.315  -8.675  3.674   1.00 25.35  ? 212 LYS A CA  1 
ATOM   1450 C C   . LYS A 1 191 ? 15.781  -8.874  3.747   1.00 22.18  ? 212 LYS A C   1 
ATOM   1451 O O   . LYS A 1 191 ? 15.040  -8.044  4.269   1.00 20.64  ? 212 LYS A O   1 
ATOM   1452 C CB  . LYS A 1 191 ? 17.952  -9.106  4.986   1.00 26.51  ? 212 LYS A CB  1 
ATOM   1453 N N   . ASN A 1 192 ? 15.328  -9.986  3.188   1.00 18.99  ? 213 ASN A N   1 
ATOM   1454 C CA  . ASN A 1 192 ? 13.955  -10.399 3.292   1.00 18.03  ? 213 ASN A CA  1 
ATOM   1455 C C   . ASN A 1 192 ? 13.776  -11.180 4.588   1.00 19.09  ? 213 ASN A C   1 
ATOM   1456 O O   . ASN A 1 192 ? 14.558  -12.077 4.876   1.00 19.00  ? 213 ASN A O   1 
ATOM   1457 C CB  . ASN A 1 192 ? 13.596  -11.278 2.115   1.00 17.80  ? 213 ASN A CB  1 
ATOM   1458 C CG  . ASN A 1 192 ? 13.452  -10.504 0.817   1.00 17.59  ? 213 ASN A CG  1 
ATOM   1459 O OD1 . ASN A 1 192 ? 12.894  -9.400  0.770   1.00 17.73  ? 213 ASN A OD1 1 
ATOM   1460 N ND2 . ASN A 1 192 ? 13.898  -11.111 -0.258  1.00 17.96  ? 213 ASN A ND2 1 
ATOM   1461 N N   . ARG A 1 193 ? 12.776  -10.818 5.382   1.00 17.77  ? 214 ARG A N   1 
ATOM   1462 C CA  . ARG A 1 193 ? 12.429  -11.572 6.582   1.00 18.35  ? 214 ARG A CA  1 
ATOM   1463 C C   . ARG A 1 193 ? 11.575  -12.778 6.203   1.00 17.77  ? 214 ARG A C   1 
ATOM   1464 O O   . ARG A 1 193 ? 11.526  -13.759 6.939   1.00 18.19  ? 214 ARG A O   1 
ATOM   1465 C CB  . ARG A 1 193 ? 11.608  -10.726 7.539   1.00 20.13  ? 214 ARG A CB  1 
ATOM   1466 C CG  . ARG A 1 193 ? 12.315  -9.504  8.063   1.00 24.10  ? 214 ARG A CG  1 
ATOM   1467 C CD  . ARG A 1 193 ? 13.267  -9.827  9.160   1.00 24.61  ? 214 ARG A CD  1 
ATOM   1468 N NE  . ARG A 1 193 ? 13.749  -8.585  9.788   1.00 26.97  ? 214 ARG A NE  1 
ATOM   1469 C CZ  . ARG A 1 193 ? 13.469  -8.186  11.017  1.00 26.40  ? 214 ARG A CZ  1 
ATOM   1470 N NH1 . ARG A 1 193 ? 12.655  -8.880  11.794  1.00 26.98  ? 214 ARG A NH1 1 
ATOM   1471 N NH2 . ARG A 1 193 ? 13.997  -7.066  11.466  1.00 27.33  ? 214 ARG A NH2 1 
ATOM   1472 N N   . PHE A 1 194 ? 10.822  -12.651 5.114   1.00 15.26  ? 215 PHE A N   1 
ATOM   1473 C CA  . PHE A 1 194 ? 9.948   -13.696 4.630   1.00 14.78  ? 215 PHE A CA  1 
ATOM   1474 C C   . PHE A 1 194 ? 9.913   -13.585 3.135   1.00 15.02  ? 215 PHE A C   1 
ATOM   1475 O O   . PHE A 1 194 ? 10.160  -12.506 2.571   1.00 12.90  ? 215 PHE A O   1 
ATOM   1476 C CB  . PHE A 1 194 ? 8.508   -13.526 5.098   1.00 15.02  ? 215 PHE A CB  1 
ATOM   1477 C CG  . PHE A 1 194 ? 8.334   -13.416 6.569   1.00 15.37  ? 215 PHE A CG  1 
ATOM   1478 C CD1 . PHE A 1 194 ? 8.408   -12.172 7.191   1.00 16.31  ? 215 PHE A CD1 1 
ATOM   1479 C CD2 . PHE A 1 194 ? 8.015   -14.532 7.332   1.00 15.74  ? 215 PHE A CD2 1 
ATOM   1480 C CE1 . PHE A 1 194 ? 8.234   -12.047 8.571   1.00 17.01  ? 215 PHE A CE1 1 
ATOM   1481 C CE2 . PHE A 1 194 ? 7.850   -14.417 8.700   1.00 16.59  ? 215 PHE A CE2 1 
ATOM   1482 C CZ  . PHE A 1 194 ? 7.959   -13.186 9.324   1.00 17.19  ? 215 PHE A CZ  1 
ATOM   1483 N N   . VAL A 1 195 ? 9.556   -14.690 2.503   1.00 13.96  ? 216 VAL A N   1 
ATOM   1484 C CA  . VAL A 1 195 ? 9.440   -14.757 1.089   1.00 16.46  ? 216 VAL A CA  1 
ATOM   1485 C C   . VAL A 1 195 ? 8.269   -15.688 0.823   1.00 17.27  ? 216 VAL A C   1 
ATOM   1486 O O   . VAL A 1 195 ? 8.145   -16.686 1.512   1.00 18.17  ? 216 VAL A O   1 
ATOM   1487 C CB  . VAL A 1 195 ? 10.719  -15.391 0.515   1.00 18.58  ? 216 VAL A CB  1 
ATOM   1488 C CG1 . VAL A 1 195 ? 10.531  -15.805 -0.902  1.00 19.20  ? 216 VAL A CG1 1 
ATOM   1489 C CG2 . VAL A 1 195 ? 11.892  -14.424 0.624   1.00 19.58  ? 216 VAL A CG2 1 
ATOM   1490 N N   . VAL A 1 196 ? 7.427   -15.364 -0.148  1.00 17.76  ? 217 VAL A N   1 
ATOM   1491 C CA  . VAL A 1 196 ? 6.365   -16.270 -0.593  1.00 20.22  ? 217 VAL A CA  1 
ATOM   1492 C C   . VAL A 1 196 ? 6.165   -16.186 -2.100  1.00 20.89  ? 217 VAL A C   1 
ATOM   1493 O O   . VAL A 1 196 ? 6.455   -15.175 -2.757  1.00 19.84  ? 217 VAL A O   1 
ATOM   1494 C CB  . VAL A 1 196 ? 4.999   -16.021 0.095   1.00 19.91  ? 217 VAL A CB  1 
ATOM   1495 C CG1 . VAL A 1 196 ? 5.148   -16.187 1.588   1.00 22.42  ? 217 VAL A CG1 1 
ATOM   1496 C CG2 . VAL A 1 196 ? 4.425   -14.674 -0.235  1.00 20.49  ? 217 VAL A CG2 1 
ATOM   1497 O OXT . VAL A 1 196 ? 5.665   -17.157 -2.677  1.00 20.52  ? 217 VAL A OXT 1 
HETATM 1498 C C1  . GOL B 2 .   ? 9.217   2.354   3.653   1.00 21.13  ? 301 GOL A C1  1 
HETATM 1499 O O1  . GOL B 2 .   ? 9.556   3.551   2.973   1.00 22.03  ? 301 GOL A O1  1 
HETATM 1500 C C2  . GOL B 2 .   ? 10.502  1.698   4.086   1.00 20.15  ? 301 GOL A C2  1 
HETATM 1501 O O2  . GOL B 2 .   ? 10.264  0.347   4.447   1.00 18.84  ? 301 GOL A O2  1 
HETATM 1502 C C3  . GOL B 2 .   ? 11.055  2.448   5.298   1.00 20.24  ? 301 GOL A C3  1 
HETATM 1503 O O3  . GOL B 2 .   ? 12.394  2.036   5.613   1.00 18.28  ? 301 GOL A O3  1 
HETATM 1504 C C1  . GOL C 2 .   ? 7.175   -9.118  -7.967  1.00 29.08  ? 302 GOL A C1  1 
HETATM 1505 O O1  . GOL C 2 .   ? 7.882   -8.032  -7.380  1.00 26.59  ? 302 GOL A O1  1 
HETATM 1506 C C2  . GOL C 2 .   ? 7.242   -9.138  -9.502  1.00 32.38  ? 302 GOL A C2  1 
HETATM 1507 O O2  . GOL C 2 .   ? 6.510   -8.045  -10.016 1.00 34.22  ? 302 GOL A O2  1 
HETATM 1508 C C3  . GOL C 2 .   ? 8.606   -8.957  -10.129 1.00 36.95  ? 302 GOL A C3  1 
HETATM 1509 O O3  . GOL C 2 .   ? 9.675   -9.718  -9.562  1.00 43.03  ? 302 GOL A O3  1 
HETATM 1510 C C1  . GOL D 2 .   ? 4.347   7.656   0.729   1.00 35.64  ? 303 GOL A C1  1 
HETATM 1511 O O1  . GOL D 2 .   ? 4.684   8.930   0.233   1.00 30.07  ? 303 GOL A O1  1 
HETATM 1512 C C2  . GOL D 2 .   ? 4.542   7.690   2.229   1.00 34.47  ? 303 GOL A C2  1 
HETATM 1513 O O2  . GOL D 2 .   ? 5.542   8.674   2.552   1.00 38.38  ? 303 GOL A O2  1 
HETATM 1514 C C3  . GOL D 2 .   ? 5.015   6.317   2.648   1.00 32.79  ? 303 GOL A C3  1 
HETATM 1515 O O3  . GOL D 2 .   ? 6.285   6.052   2.013   1.00 31.14  ? 303 GOL A O3  1 
HETATM 1516 O O   . HOH E 3 .   ? -2.398  -16.465 14.836  1.00 26.70  ? 401 HOH A O   1 
HETATM 1517 O O   . HOH E 3 .   ? -0.736  5.053   14.972  1.00 18.55  ? 402 HOH A O   1 
HETATM 1518 O O   . HOH E 3 .   ? 8.085   -19.181 2.132   1.00 30.18  ? 403 HOH A O   1 
HETATM 1519 O O   . HOH E 3 .   ? 12.523  -2.880  1.339   1.00 21.00  ? 404 HOH A O   1 
HETATM 1520 O O   . HOH E 3 .   ? -10.659 -9.600  7.942   1.00 31.08  ? 405 HOH A O   1 
HETATM 1521 O O   . HOH E 3 .   ? 10.807  -2.240  4.140   1.00 19.31  ? 406 HOH A O   1 
HETATM 1522 O O   . HOH E 3 .   ? -15.472 10.789  -9.062  1.00 29.39  ? 407 HOH A O   1 
HETATM 1523 O O   . HOH E 3 .   ? -8.720  1.352   -12.978 1.00 19.19  ? 408 HOH A O   1 
HETATM 1524 O O   . HOH E 3 .   ? -19.538 6.176   -5.873  1.00 20.93  ? 409 HOH A O   1 
HETATM 1525 O O   . HOH E 3 .   ? 11.278  10.412  8.021   1.00 42.80  ? 410 HOH A O   1 
HETATM 1526 O O   . HOH E 3 .   ? -3.815  1.376   -17.059 1.00 29.71  ? 411 HOH A O   1 
HETATM 1527 O O   . HOH E 3 .   ? 2.368   -7.662  10.991  1.00 10.59  ? 412 HOH A O   1 
HETATM 1528 O O   . HOH E 3 .   ? -0.243  8.514   14.533  1.00 30.99  ? 413 HOH A O   1 
HETATM 1529 O O   . HOH E 3 .   ? -8.070  17.329  -0.965  1.00 36.92  ? 414 HOH A O   1 
HETATM 1530 O O   . HOH E 3 .   ? -3.468  4.029   -9.985  1.00 19.39  ? 415 HOH A O   1 
HETATM 1531 O O   . HOH E 3 .   ? -4.968  1.794   -10.380 1.00 15.10  ? 416 HOH A O   1 
HETATM 1532 O O   . HOH E 3 .   ? 9.686   -8.561  -3.523  1.00 28.07  ? 417 HOH A O   1 
HETATM 1533 O O   . HOH E 3 .   ? -7.699  -8.973  12.114  1.00 27.07  ? 418 HOH A O   1 
HETATM 1534 O O   . HOH E 3 .   ? -14.695 -3.251  4.630   1.00 12.35  ? 419 HOH A O   1 
HETATM 1535 O O   . HOH E 3 .   ? 7.357   4.045   0.621   1.00 21.07  ? 420 HOH A O   1 
HETATM 1536 O O   . HOH E 3 .   ? 3.880   -4.545  17.698  1.00 29.85  ? 421 HOH A O   1 
HETATM 1537 O O   . HOH E 3 .   ? -3.345  8.725   7.859   1.00 27.45  ? 422 HOH A O   1 
HETATM 1538 O O   . HOH E 3 .   ? -11.892 6.807   12.519  1.00 30.28  ? 423 HOH A O   1 
HETATM 1539 O O   . HOH E 3 .   ? -7.684  6.582   -10.647 1.00 12.67  ? 424 HOH A O   1 
HETATM 1540 O O   . HOH E 3 .   ? 5.850   0.941   -2.166  1.00 11.28  ? 425 HOH A O   1 
HETATM 1541 O O   . HOH E 3 .   ? 13.898  -7.146  6.535   1.00 14.91  ? 426 HOH A O   1 
HETATM 1542 O O   . HOH E 3 .   ? -7.647  -11.195 -7.716  1.00 36.73  ? 427 HOH A O   1 
HETATM 1543 O O   . HOH E 3 .   ? -11.988 -1.412  5.561   1.00 11.46  ? 428 HOH A O   1 
HETATM 1544 O O   . HOH E 3 .   ? 9.637   -9.567  -6.003  1.00 33.80  ? 429 HOH A O   1 
HETATM 1545 O O   . HOH E 3 .   ? -1.578  -7.039  15.673  1.00 44.99  ? 430 HOH A O   1 
HETATM 1546 O O   . HOH E 3 .   ? -19.471 8.554   5.452   1.00 37.76  ? 431 HOH A O   1 
HETATM 1547 O O   . HOH E 3 .   ? -0.615  -0.018  -15.547 1.00 14.15  ? 432 HOH A O   1 
HETATM 1548 O O   . HOH E 3 .   ? 0.678   13.430  -13.786 1.00 36.17  ? 433 HOH A O   1 
HETATM 1549 O O   . HOH E 3 .   ? 12.091  4.871   -4.187  1.00 38.77  ? 434 HOH A O   1 
HETATM 1550 O O   . HOH E 3 .   ? 9.823   2.420   -1.628  1.00 17.92  ? 435 HOH A O   1 
HETATM 1551 O O   . HOH E 3 .   ? 10.026  -7.464  -12.275 1.00 31.99  ? 436 HOH A O   1 
HETATM 1552 O O   . HOH E 3 .   ? -14.865 10.355  -1.905  1.00 22.01  ? 437 HOH A O   1 
HETATM 1553 O O   . HOH E 3 .   ? 12.448  -1.494  -16.973 1.00 36.90  ? 438 HOH A O   1 
HETATM 1554 O O   . HOH E 3 .   ? 14.608  -7.327  -0.403  1.00 29.97  ? 439 HOH A O   1 
HETATM 1555 O O   . HOH E 3 .   ? -7.307  -4.392  -10.669 1.00 25.16  ? 440 HOH A O   1 
HETATM 1556 O O   . HOH E 3 .   ? -5.931  -17.753 11.620  1.00 33.17  ? 441 HOH A O   1 
HETATM 1557 O O   . HOH E 3 .   ? 4.039   -0.805  8.631   1.00 8.97   ? 442 HOH A O   1 
HETATM 1558 O O   . HOH E 3 .   ? -1.559  -11.132 -12.701 1.00 28.77  ? 443 HOH A O   1 
HETATM 1559 O O   . HOH E 3 .   ? 4.394   -4.190  -21.145 1.00 16.41  ? 444 HOH A O   1 
HETATM 1560 O O   . HOH E 3 .   ? 10.619  -1.960  11.475  1.00 10.91  ? 445 HOH A O   1 
HETATM 1561 O O   . HOH E 3 .   ? 8.676   8.464   -0.940  1.00 29.19  ? 446 HOH A O   1 
HETATM 1562 O O   . HOH E 3 .   ? 9.735   8.684   7.023   1.00 33.71  ? 447 HOH A O   1 
HETATM 1563 O O   . HOH E 3 .   ? 6.466   1.366   0.498   1.00 12.35  ? 448 HOH A O   1 
HETATM 1564 O O   . HOH E 3 .   ? -11.082 -11.785 4.906   1.00 21.78  ? 449 HOH A O   1 
HETATM 1565 O O   . HOH E 3 .   ? 8.274   0.648   -13.569 1.00 29.44  ? 450 HOH A O   1 
HETATM 1566 O O   . HOH E 3 .   ? -5.117  8.880   -15.132 1.00 17.29  ? 451 HOH A O   1 
HETATM 1567 O O   . HOH E 3 .   ? -8.579  -3.862  10.262  1.00 27.73  ? 452 HOH A O   1 
HETATM 1568 O O   . HOH E 3 .   ? 1.584   -3.388  16.491  1.00 36.00  ? 453 HOH A O   1 
HETATM 1569 O O   . HOH E 3 .   ? -11.393 -6.930  9.495   1.00 30.22  ? 454 HOH A O   1 
HETATM 1570 O O   . HOH E 3 .   ? 2.799   -21.305 14.284  1.00 26.76  ? 455 HOH A O   1 
HETATM 1571 O O   . HOH E 3 .   ? -16.670 8.411   3.506   1.00 15.46  ? 456 HOH A O   1 
HETATM 1572 O O   . HOH E 3 .   ? 4.929   -1.069  14.904  1.00 19.74  ? 457 HOH A O   1 
HETATM 1573 O O   . HOH E 3 .   ? 2.657   12.080  -16.904 1.00 49.75  ? 458 HOH A O   1 
HETATM 1574 O O   . HOH E 3 .   ? 11.176  -1.482  -9.062  1.00 23.25  ? 459 HOH A O   1 
HETATM 1575 O O   . HOH E 3 .   ? 3.037   7.520   16.363  1.00 18.22  ? 460 HOH A O   1 
HETATM 1576 O O   . HOH E 3 .   ? -9.796  -1.455  13.304  1.00 43.19  ? 461 HOH A O   1 
HETATM 1577 O O   . HOH E 3 .   ? -15.349 10.607  1.895   1.00 34.44  ? 462 HOH A O   1 
HETATM 1578 O O   . HOH E 3 .   ? -14.631 9.361   6.132   1.00 27.79  ? 463 HOH A O   1 
HETATM 1579 O O   . HOH E 3 .   ? 12.759  1.288   -1.119  1.00 28.71  ? 464 HOH A O   1 
HETATM 1580 O O   . HOH E 3 .   ? 1.823   9.219   -0.267  1.00 18.95  ? 465 HOH A O   1 
HETATM 1581 O O   . HOH E 3 .   ? -23.749 4.262   5.635   1.00 30.34  ? 466 HOH A O   1 
HETATM 1582 O O   . HOH E 3 .   ? -13.042 -0.569  12.751  1.00 39.21  ? 467 HOH A O   1 
HETATM 1583 O O   . HOH E 3 .   ? -5.412  5.989   -9.052  1.00 11.30  ? 468 HOH A O   1 
HETATM 1584 O O   . HOH E 3 .   ? -11.474 14.051  3.944   1.00 32.80  ? 469 HOH A O   1 
HETATM 1585 O O   . HOH E 3 .   ? 8.242   6.623   5.924   1.00 20.85  ? 470 HOH A O   1 
HETATM 1586 O O   . HOH E 3 .   ? -4.724  5.822   -6.263  1.00 15.75  ? 471 HOH A O   1 
HETATM 1587 O O   . HOH E 3 .   ? 2.123   13.662  -11.412 1.00 26.69  ? 472 HOH A O   1 
HETATM 1588 O O   . HOH E 3 .   ? 17.050  -11.927 1.770   1.00 41.80  ? 473 HOH A O   1 
HETATM 1589 O O   . HOH E 3 .   ? -4.502  9.607   10.104  1.00 33.12  ? 474 HOH A O   1 
HETATM 1590 O O   . HOH E 3 .   ? 9.570   -17.088 4.238   0.50 19.95  ? 475 HOH A O   1 
HETATM 1591 O O   . HOH E 3 .   ? 1.014   -13.442 13.780  1.00 21.85  ? 476 HOH A O   1 
HETATM 1592 O O   . HOH E 3 .   ? 15.542  -13.597 -0.157  1.00 23.66  ? 477 HOH A O   1 
HETATM 1593 O O   . HOH E 3 .   ? -16.488 -2.350  -4.466  1.00 36.10  ? 478 HOH A O   1 
HETATM 1594 O O   . HOH E 3 .   ? 5.119   -15.697 15.246  1.00 28.59  ? 479 HOH A O   1 
HETATM 1595 O O   . HOH E 3 .   ? -7.202  -5.431  4.857   1.00 23.56  ? 480 HOH A O   1 
HETATM 1596 O O   . HOH E 3 .   ? -2.159  -2.358  -15.115 1.00 15.24  ? 481 HOH A O   1 
HETATM 1597 O O   . HOH E 3 .   ? -1.640  -18.731 4.843   1.00 34.95  ? 482 HOH A O   1 
HETATM 1598 O O   . HOH E 3 .   ? 11.353  -6.029  -10.936 1.00 35.30  ? 483 HOH A O   1 
HETATM 1599 O O   . HOH E 3 .   ? 12.312  8.794   -10.105 1.00 31.52  ? 484 HOH A O   1 
HETATM 1600 O O   . HOH E 3 .   ? -1.423  -1.819  14.932  1.00 42.84  ? 485 HOH A O   1 
HETATM 1601 O O   . HOH E 3 .   ? 9.939   7.113   -15.376 1.00 45.97  ? 486 HOH A O   1 
HETATM 1602 O O   . HOH E 3 .   ? -7.304  -3.927  6.717   1.00 24.02  ? 487 HOH A O   1 
HETATM 1603 O O   . HOH E 3 .   ? 2.389   -18.528 -6.524  1.00 34.06  ? 488 HOH A O   1 
HETATM 1604 O O   . HOH E 3 .   ? 14.138  6.423   -9.614  1.00 31.71  ? 489 HOH A O   1 
HETATM 1605 O O   . HOH E 3 .   ? -7.252  -1.843  12.742  1.00 34.84  ? 490 HOH A O   1 
HETATM 1606 O O   . HOH E 3 .   ? 8.412   -22.110 15.802  1.00 47.72  ? 491 HOH A O   1 
HETATM 1607 O O   . HOH E 3 .   ? -4.144  11.687  9.242   1.00 27.57  ? 492 HOH A O   1 
HETATM 1608 O O   . HOH E 3 .   ? -2.445  -1.573  12.384  1.00 43.78  ? 493 HOH A O   1 
HETATM 1609 O O   . HOH E 3 .   ? -6.811  -16.357 9.247   1.00 28.16  ? 494 HOH A O   1 
HETATM 1610 O O   . HOH E 3 .   ? 12.056  6.230   -2.604  1.00 36.83  ? 495 HOH A O   1 
HETATM 1611 O O   . HOH E 3 .   ? 12.642  0.398   -14.841 1.00 37.79  ? 496 HOH A O   1 
HETATM 1612 O O   . HOH E 3 .   ? -9.414  16.240  3.120   1.00 52.23  ? 497 HOH A O   1 
HETATM 1613 O O   . HOH E 3 .   ? -6.949  -0.728  -13.582 1.00 30.79  ? 498 HOH A O   1 
HETATM 1614 O O   . HOH E 3 .   ? -0.324  -12.577 16.014  1.00 47.75  ? 499 HOH A O   1 
HETATM 1615 O O   . HOH E 3 .   ? -7.807  -3.361  -13.302 1.00 38.79  ? 500 HOH A O   1 
HETATM 1616 O O   . HOH E 3 .   ? 10.423  13.211  9.816   0.50 39.90  ? 501 HOH A O   1 
# 
loop_
_pdbx_poly_seq_scheme.asym_id 
_pdbx_poly_seq_scheme.entity_id 
_pdbx_poly_seq_scheme.seq_id 
_pdbx_poly_seq_scheme.mon_id 
_pdbx_poly_seq_scheme.ndb_seq_num 
_pdbx_poly_seq_scheme.pdb_seq_num 
_pdbx_poly_seq_scheme.auth_seq_num 
_pdbx_poly_seq_scheme.pdb_mon_id 
_pdbx_poly_seq_scheme.auth_mon_id 
_pdbx_poly_seq_scheme.pdb_strand_id 
_pdbx_poly_seq_scheme.pdb_ins_code 
_pdbx_poly_seq_scheme.hetero 
A 1 1   MET 1   22  ?   ?   ?   A . n 
A 1 2   GLU 2   23  ?   ?   ?   A . n 
A 1 3   SER 3   24  ?   ?   ?   A . n 
A 1 4   ASN 4   25  ?   ?   ?   A . n 
A 1 5   GLN 5   26  ?   ?   ?   A . n 
A 1 6   GLU 6   27  ?   ?   ?   A . n 
A 1 7   VAL 7   28  ?   ?   ?   A . n 
A 1 8   ALA 8   29  ?   ?   ?   A . n 
A 1 9   ASN 9   30  ?   ?   ?   A . n 
A 1 10  PRO 10  31  ?   ?   ?   A . n 
A 1 11  GLU 11  32  32  GLU GLU A . n 
A 1 12  HIS 12  33  33  HIS HIS A . n 
A 1 13  TYR 13  34  34  TYR TYR A . n 
A 1 14  ILE 14  35  35  ILE ILE A . n 
A 1 15  LYS 15  36  36  LYS LYS A . n 
A 1 16  HIS 16  37  37  HIS HIS A . n 
A 1 17  PRO 17  38  38  PRO PRO A . n 
A 1 18  LEU 18  39  39  LEU LEU A . n 
A 1 19  GLN 19  40  40  GLN GLN A . n 
A 1 20  ASN 20  41  41  ASN ASN A . n 
A 1 21  ARG 21  42  42  ARG ARG A . n 
A 1 22  TRP 22  43  43  TRP TRP A . n 
A 1 23  ALA 23  44  44  ALA ALA A . n 
A 1 24  LEU 24  45  45  LEU LEU A . n 
A 1 25  TRP 25  46  46  TRP TRP A . n 
A 1 26  PHE 26  47  47  PHE PHE A . n 
A 1 27  PHE 27  48  48  PHE PHE A . n 
A 1 28  LYS 28  49  49  LYS LYS A . n 
A 1 29  ASN 29  50  50  ASN ASN A . n 
A 1 30  ASP 30  51  51  ASP ASP A . n 
A 1 31  LYS 31  52  52  LYS LYS A . n 
A 1 32  SER 32  53  53  SER SER A . n 
A 1 33  LYS 33  54  54  LYS LYS A . n 
A 1 34  THR 34  55  55  THR THR A . n 
A 1 35  TRP 35  56  56  TRP TRP A . n 
A 1 36  GLN 36  57  57  GLN GLN A . n 
A 1 37  ALA 37  58  58  ALA ALA A . n 
A 1 38  ASN 38  59  59  ASN ASN A . n 
A 1 39  LEU 39  60  60  LEU LEU A . n 
A 1 40  ARG 40  61  61  ARG ARG A . n 
A 1 41  LEU 41  62  62  LEU LEU A . n 
A 1 42  ILE 42  63  63  ILE ILE A . n 
A 1 43  SER 43  64  64  SER SER A . n 
A 1 44  LYS 44  65  65  LYS LYS A . n 
A 1 45  PHE 45  66  66  PHE PHE A . n 
A 1 46  ASP 46  67  67  ASP ASP A . n 
A 1 47  THR 47  68  68  THR THR A . n 
A 1 48  VAL 48  69  69  VAL VAL A . n 
A 1 49  GLU 49  70  70  GLU GLU A . n 
A 1 50  ASP 50  71  71  ASP ASP A . n 
A 1 51  PHE 51  72  72  PHE PHE A . n 
A 1 52  TRP 52  73  73  TRP TRP A . n 
A 1 53  ALA 53  74  74  ALA ALA A . n 
A 1 54  LEU 54  75  75  LEU LEU A . n 
A 1 55  TYR 55  76  76  TYR TYR A . n 
A 1 56  ASN 56  77  77  ASN ASN A . n 
A 1 57  HIS 57  78  78  HIS HIS A . n 
A 1 58  ILE 58  79  79  ILE ILE A . n 
A 1 59  GLN 59  80  80  GLN GLN A . n 
A 1 60  LEU 60  81  81  LEU LEU A . n 
A 1 61  SER 61  82  82  SER SER A . n 
A 1 62  SER 62  83  83  SER SER A . n 
A 1 63  ASN 63  84  84  ASN ASN A . n 
A 1 64  LEU 64  85  85  LEU LEU A . n 
A 1 65  MET 65  86  86  MET MET A . n 
A 1 66  PRO 66  87  87  PRO PRO A . n 
A 1 67  GLY 67  88  88  GLY GLY A . n 
A 1 68  CYS 68  89  89  CYS CYS A . n 
A 1 69  ASP 69  90  90  ASP ASP A . n 
A 1 70  TYR 70  91  91  TYR TYR A . n 
A 1 71  SER 71  92  92  SER SER A . n 
A 1 72  LEU 72  93  93  LEU LEU A . n 
A 1 73  PHE 73  94  94  PHE PHE A . n 
A 1 74  LYS 74  95  95  LYS LYS A . n 
A 1 75  ASP 75  96  96  ASP ASP A . n 
A 1 76  GLY 76  97  97  GLY GLY A . n 
A 1 77  ILE 77  98  98  ILE ILE A . n 
A 1 78  GLU 78  99  99  GLU GLU A . n 
A 1 79  PRO 79  100 100 PRO PRO A . n 
A 1 80  MET 80  101 101 MET MET A . n 
A 1 81  TRP 81  102 102 TRP TRP A . n 
A 1 82  GLU 82  103 103 GLU GLU A . n 
A 1 83  ASP 83  104 104 ASP ASP A . n 
A 1 84  ALA 84  105 105 ALA ALA A . n 
A 1 85  ALA 85  106 106 ALA ALA A . n 
A 1 86  ASN 86  107 107 ASN ASN A . n 
A 1 87  ALA 87  108 108 ALA ALA A . n 
A 1 88  ARG 88  109 109 ARG ARG A . n 
A 1 89  GLY 89  110 110 GLY GLY A . n 
A 1 90  GLY 90  111 111 GLY GLY A . n 
A 1 91  ARG 91  112 112 ARG ARG A . n 
A 1 92  TRP 92  113 113 TRP TRP A . n 
A 1 93  LEU 93  114 114 LEU LEU A . n 
A 1 94  ILE 94  115 115 ILE ILE A . n 
A 1 95  THR 95  116 116 THR THR A . n 
A 1 96  LEU 96  117 117 LEU LEU A . n 
A 1 97  ASN 97  118 118 ASN ASN A . n 
A 1 98  LYS 98  119 119 LYS LYS A . n 
A 1 99  GLN 99  120 120 GLN GLN A . n 
A 1 100 GLN 100 121 121 GLN GLN A . n 
A 1 101 ARG 101 122 122 ARG ARG A . n 
A 1 102 ARG 102 123 123 ARG ARG A . n 
A 1 103 SER 103 124 124 SER SER A . n 
A 1 104 ASP 104 125 125 ASP ASP A . n 
A 1 105 LEU 105 126 126 LEU LEU A . n 
A 1 106 ASP 106 127 127 ASP ASP A . n 
A 1 107 ARG 107 128 128 ARG ARG A . n 
A 1 108 PHE 108 129 129 PHE PHE A . n 
A 1 109 TRP 109 130 130 TRP TRP A . n 
A 1 110 LEU 110 131 131 LEU LEU A . n 
A 1 111 GLU 111 132 132 GLU GLU A . n 
A 1 112 THR 112 133 133 THR THR A . n 
A 1 113 LEU 113 134 134 LEU LEU A . n 
A 1 114 LEU 114 135 135 LEU LEU A . n 
A 1 115 CYS 115 136 136 CYS CYS A . n 
A 1 116 LEU 116 137 137 LEU LEU A . n 
A 1 117 ILE 117 138 138 ILE ILE A . n 
A 1 118 GLY 118 139 139 GLY GLY A . n 
A 1 119 GLU 119 140 140 GLU GLU A . n 
A 1 120 SER 120 141 141 SER SER A . n 
A 1 121 PHE 121 142 142 PHE PHE A . n 
A 1 122 ASP 122 143 143 ASP ASP A . n 
A 1 123 ASP 123 144 144 ASP ASP A . n 
A 1 124 TYR 124 145 145 TYR TYR A . n 
A 1 125 SER 125 146 146 SER SER A . n 
A 1 126 ASP 126 147 147 ASP ASP A . n 
A 1 127 ASP 127 148 148 ASP ASP A . n 
A 1 128 VAL 128 149 149 VAL VAL A . n 
A 1 129 CYS 129 150 150 CYS CYS A . n 
A 1 130 GLY 130 151 151 GLY GLY A . n 
A 1 131 ALA 131 152 152 ALA ALA A . n 
A 1 132 VAL 132 153 153 VAL VAL A . n 
A 1 133 VAL 133 154 154 VAL VAL A . n 
A 1 134 ASN 134 155 155 ASN ASN A . n 
A 1 135 VAL 135 156 156 VAL VAL A . n 
A 1 136 ARG 136 157 157 ARG ARG A . n 
A 1 137 ALA 137 158 158 ALA ALA A . n 
A 1 138 LYS 138 159 159 LYS LYS A . n 
A 1 139 GLY 139 160 160 GLY GLY A . n 
A 1 140 ASP 140 161 161 ASP ASP A . n 
A 1 141 LYS 141 162 162 LYS LYS A . n 
A 1 142 ILE 142 163 163 ILE ILE A . n 
A 1 143 ALA 143 164 164 ALA ALA A . n 
A 1 144 ILE 144 165 165 ILE ILE A . n 
A 1 145 TRP 145 166 166 TRP TRP A . n 
A 1 146 THR 146 167 167 THR THR A . n 
A 1 147 THR 147 168 168 THR THR A . n 
A 1 148 GLU 148 169 169 GLU GLU A . n 
A 1 149 CYS 149 170 170 CYS CYS A . n 
A 1 150 GLU 150 171 171 GLU GLU A . n 
A 1 151 ASN 151 172 172 ASN ASN A . n 
A 1 152 ARG 152 173 173 ARG ARG A . n 
A 1 153 GLU 153 174 174 GLU GLU A . n 
A 1 154 ALA 154 175 175 ALA ALA A . n 
A 1 155 VAL 155 176 176 VAL VAL A . n 
A 1 156 THR 156 177 177 THR THR A . n 
A 1 157 HIS 157 178 178 HIS HIS A . n 
A 1 158 ILE 158 179 179 ILE ILE A . n 
A 1 159 GLY 159 180 180 GLY GLY A . n 
A 1 160 ARG 160 181 181 ARG ARG A . n 
A 1 161 VAL 161 182 182 VAL VAL A . n 
A 1 162 TYR 162 183 183 TYR TYR A . n 
A 1 163 LYS 163 184 184 LYS LYS A . n 
A 1 164 GLU 164 185 185 GLU GLU A . n 
A 1 165 ARG 165 186 186 ARG ARG A . n 
A 1 166 LEU 166 187 187 LEU LEU A . n 
A 1 167 GLY 167 188 188 GLY GLY A . n 
A 1 168 LEU 168 189 189 LEU LEU A . n 
A 1 169 PRO 169 190 190 PRO PRO A . n 
A 1 170 PRO 170 191 191 PRO PRO A . n 
A 1 171 LYS 171 192 192 LYS LYS A . n 
A 1 172 ILE 172 193 193 ILE ILE A . n 
A 1 173 VAL 173 194 194 VAL VAL A . n 
A 1 174 ILE 174 195 195 ILE ILE A . n 
A 1 175 GLY 175 196 196 GLY GLY A . n 
A 1 176 TYR 176 197 197 TYR TYR A . n 
A 1 177 GLN 177 198 198 GLN GLN A . n 
A 1 178 SER 178 199 199 SER SER A . n 
A 1 179 HIS 179 200 200 HIS HIS A . n 
A 1 180 ALA 180 201 201 ALA ALA A . n 
A 1 181 ASP 181 202 202 ASP ASP A . n 
A 1 182 THR 182 203 203 THR THR A . n 
A 1 183 ALA 183 204 204 ALA ALA A . n 
A 1 184 THR 184 205 205 THR THR A . n 
A 1 185 LYS 185 206 206 LYS LYS A . n 
A 1 186 SER 186 207 ?   ?   ?   A . n 
A 1 187 GLY 187 208 ?   ?   ?   A . n 
A 1 188 SER 188 209 ?   ?   ?   A . n 
A 1 189 THR 189 210 ?   ?   ?   A . n 
A 1 190 THR 190 211 211 THR THR A . n 
A 1 191 LYS 191 212 212 LYS ALA A . n 
A 1 192 ASN 192 213 213 ASN ASN A . n 
A 1 193 ARG 193 214 214 ARG ARG A . n 
A 1 194 PHE 194 215 215 PHE PHE A . n 
A 1 195 VAL 195 216 216 VAL VAL A . n 
A 1 196 VAL 196 217 217 VAL VAL A . n 
# 
loop_
_pdbx_nonpoly_scheme.asym_id 
_pdbx_nonpoly_scheme.entity_id 
_pdbx_nonpoly_scheme.mon_id 
_pdbx_nonpoly_scheme.ndb_seq_num 
_pdbx_nonpoly_scheme.pdb_seq_num 
_pdbx_nonpoly_scheme.auth_seq_num 
_pdbx_nonpoly_scheme.pdb_mon_id 
_pdbx_nonpoly_scheme.auth_mon_id 
_pdbx_nonpoly_scheme.pdb_strand_id 
_pdbx_nonpoly_scheme.pdb_ins_code 
B 2 GOL 1   301 1   GOL GOL A . 
C 2 GOL 1   302 2   GOL GOL A . 
D 2 GOL 1   303 3   GOL GOL A . 
E 3 HOH 1   401 70  HOH HOH A . 
E 3 HOH 2   402 47  HOH HOH A . 
E 3 HOH 3   403 109 HOH HOH A . 
E 3 HOH 4   404 65  HOH HOH A . 
E 3 HOH 5   405 68  HOH HOH A . 
E 3 HOH 6   406 25  HOH HOH A . 
E 3 HOH 7   407 50  HOH HOH A . 
E 3 HOH 8   408 7   HOH HOH A . 
E 3 HOH 9   409 30  HOH HOH A . 
E 3 HOH 10  410 107 HOH HOH A . 
E 3 HOH 11  411 84  HOH HOH A . 
E 3 HOH 12  412 9   HOH HOH A . 
E 3 HOH 13  413 53  HOH HOH A . 
E 3 HOH 14  414 71  HOH HOH A . 
E 3 HOH 15  415 103 HOH HOH A . 
E 3 HOH 16  416 2   HOH HOH A . 
E 3 HOH 17  417 13  HOH HOH A . 
E 3 HOH 18  418 12  HOH HOH A . 
E 3 HOH 19  419 17  HOH HOH A . 
E 3 HOH 20  420 67  HOH HOH A . 
E 3 HOH 21  421 57  HOH HOH A . 
E 3 HOH 22  422 27  HOH HOH A . 
E 3 HOH 23  423 61  HOH HOH A . 
E 3 HOH 24  424 8   HOH HOH A . 
E 3 HOH 25  425 4   HOH HOH A . 
E 3 HOH 26  426 24  HOH HOH A . 
E 3 HOH 27  427 37  HOH HOH A . 
E 3 HOH 28  428 11  HOH HOH A . 
E 3 HOH 29  429 88  HOH HOH A . 
E 3 HOH 30  430 97  HOH HOH A . 
E 3 HOH 31  431 69  HOH HOH A . 
E 3 HOH 32  432 19  HOH HOH A . 
E 3 HOH 33  433 63  HOH HOH A . 
E 3 HOH 34  434 119 HOH HOH A . 
E 3 HOH 35  435 21  HOH HOH A . 
E 3 HOH 36  436 64  HOH HOH A . 
E 3 HOH 37  437 49  HOH HOH A . 
E 3 HOH 38  438 94  HOH HOH A . 
E 3 HOH 39  439 52  HOH HOH A . 
E 3 HOH 40  440 76  HOH HOH A . 
E 3 HOH 41  441 83  HOH HOH A . 
E 3 HOH 42  442 5   HOH HOH A . 
E 3 HOH 43  443 60  HOH HOH A . 
E 3 HOH 44  444 20  HOH HOH A . 
E 3 HOH 45  445 15  HOH HOH A . 
E 3 HOH 46  446 41  HOH HOH A . 
E 3 HOH 47  447 115 HOH HOH A . 
E 3 HOH 48  448 31  HOH HOH A . 
E 3 HOH 49  449 46  HOH HOH A . 
E 3 HOH 50  450 80  HOH HOH A . 
E 3 HOH 51  451 28  HOH HOH A . 
E 3 HOH 52  452 51  HOH HOH A . 
E 3 HOH 53  453 82  HOH HOH A . 
E 3 HOH 54  454 40  HOH HOH A . 
E 3 HOH 55  455 3   HOH HOH A . 
E 3 HOH 56  456 14  HOH HOH A . 
E 3 HOH 57  457 35  HOH HOH A . 
E 3 HOH 58  458 74  HOH HOH A . 
E 3 HOH 59  459 36  HOH HOH A . 
E 3 HOH 60  460 29  HOH HOH A . 
E 3 HOH 61  461 87  HOH HOH A . 
E 3 HOH 62  462 48  HOH HOH A . 
E 3 HOH 63  463 102 HOH HOH A . 
E 3 HOH 64  464 44  HOH HOH A . 
E 3 HOH 65  465 66  HOH HOH A . 
E 3 HOH 66  466 42  HOH HOH A . 
E 3 HOH 67  467 62  HOH HOH A . 
E 3 HOH 68  468 18  HOH HOH A . 
E 3 HOH 69  469 58  HOH HOH A . 
E 3 HOH 70  470 106 HOH HOH A . 
E 3 HOH 71  471 23  HOH HOH A . 
E 3 HOH 72  472 86  HOH HOH A . 
E 3 HOH 73  473 32  HOH HOH A . 
E 3 HOH 74  474 104 HOH HOH A . 
E 3 HOH 75  475 112 HOH HOH A . 
E 3 HOH 76  476 33  HOH HOH A . 
E 3 HOH 77  477 43  HOH HOH A . 
E 3 HOH 78  478 72  HOH HOH A . 
E 3 HOH 79  479 54  HOH HOH A . 
E 3 HOH 80  480 59  HOH HOH A . 
E 3 HOH 81  481 6   HOH HOH A . 
E 3 HOH 82  482 16  HOH HOH A . 
E 3 HOH 83  483 39  HOH HOH A . 
E 3 HOH 84  484 98  HOH HOH A . 
E 3 HOH 85  485 75  HOH HOH A . 
E 3 HOH 86  486 89  HOH HOH A . 
E 3 HOH 87  487 85  HOH HOH A . 
E 3 HOH 88  488 90  HOH HOH A . 
E 3 HOH 89  489 56  HOH HOH A . 
E 3 HOH 90  490 38  HOH HOH A . 
E 3 HOH 91  491 73  HOH HOH A . 
E 3 HOH 92  492 105 HOH HOH A . 
E 3 HOH 93  493 113 HOH HOH A . 
E 3 HOH 94  494 45  HOH HOH A . 
E 3 HOH 95  495 120 HOH HOH A . 
E 3 HOH 96  496 100 HOH HOH A . 
E 3 HOH 97  497 92  HOH HOH A . 
E 3 HOH 98  498 101 HOH HOH A . 
E 3 HOH 99  499 77  HOH HOH A . 
E 3 HOH 100 500 99  HOH HOH A . 
E 3 HOH 101 501 117 HOH HOH A . 
# 
_pdbx_struct_assembly.id                   1 
_pdbx_struct_assembly.details              author_and_software_defined_assembly 
_pdbx_struct_assembly.method_details       PISA 
_pdbx_struct_assembly.oligomeric_details   monomeric 
_pdbx_struct_assembly.oligomeric_count     1 
# 
_pdbx_struct_assembly_gen.assembly_id       1 
_pdbx_struct_assembly_gen.oper_expression   1 
_pdbx_struct_assembly_gen.asym_id_list      A,B,C,D,E 
# 
loop_
_pdbx_struct_assembly_prop.biol_id 
_pdbx_struct_assembly_prop.type 
_pdbx_struct_assembly_prop.value 
_pdbx_struct_assembly_prop.details 
1 'ABSA (A^2)' 270  ? 
1 MORE         -1   ? 
1 'SSA (A^2)'  9960 ? 
# 
_pdbx_struct_oper_list.id                   1 
_pdbx_struct_oper_list.type                 'identity operation' 
_pdbx_struct_oper_list.name                 1_555 
_pdbx_struct_oper_list.symmetry_operation   x,y,z 
_pdbx_struct_oper_list.matrix[1][1]         1.0000000000 
_pdbx_struct_oper_list.matrix[1][2]         0.0000000000 
_pdbx_struct_oper_list.matrix[1][3]         0.0000000000 
_pdbx_struct_oper_list.vector[1]            0.0000000000 
_pdbx_struct_oper_list.matrix[2][1]         0.0000000000 
_pdbx_struct_oper_list.matrix[2][2]         1.0000000000 
_pdbx_struct_oper_list.matrix[2][3]         0.0000000000 
_pdbx_struct_oper_list.vector[2]            0.0000000000 
_pdbx_struct_oper_list.matrix[3][1]         0.0000000000 
_pdbx_struct_oper_list.matrix[3][2]         0.0000000000 
_pdbx_struct_oper_list.matrix[3][3]         1.0000000000 
_pdbx_struct_oper_list.vector[3]            0.0000000000 
# 
loop_
_pdbx_struct_special_symmetry.id 
_pdbx_struct_special_symmetry.PDB_model_num 
_pdbx_struct_special_symmetry.auth_asym_id 
_pdbx_struct_special_symmetry.auth_comp_id 
_pdbx_struct_special_symmetry.auth_seq_id 
_pdbx_struct_special_symmetry.PDB_ins_code 
_pdbx_struct_special_symmetry.label_asym_id 
_pdbx_struct_special_symmetry.label_comp_id 
_pdbx_struct_special_symmetry.label_seq_id 
1 1 A HOH 475 ? E HOH . 
2 1 A HOH 501 ? E HOH . 
# 
loop_
_pdbx_audit_revision_history.ordinal 
_pdbx_audit_revision_history.data_content_type 
_pdbx_audit_revision_history.major_revision 
_pdbx_audit_revision_history.minor_revision 
_pdbx_audit_revision_history.revision_date 
1 'Structure model' 1 0 2016-10-19 
2 'Structure model' 1 1 2017-02-01 
3 'Structure model' 1 2 2023-11-08 
# 
_pdbx_audit_revision_details.ordinal             1 
_pdbx_audit_revision_details.revision_ordinal    1 
_pdbx_audit_revision_details.data_content_type   'Structure model' 
_pdbx_audit_revision_details.provider            repository 
_pdbx_audit_revision_details.type                'Initial release' 
_pdbx_audit_revision_details.description         ? 
_pdbx_audit_revision_details.details             ? 
# 
loop_
_pdbx_audit_revision_group.ordinal 
_pdbx_audit_revision_group.revision_ordinal 
_pdbx_audit_revision_group.data_content_type 
_pdbx_audit_revision_group.group 
1 2 'Structure model' 'Database references'    
2 3 'Structure model' 'Data collection'        
3 3 'Structure model' 'Database references'    
4 3 'Structure model' 'Refinement description' 
# 
loop_
_pdbx_audit_revision_category.ordinal 
_pdbx_audit_revision_category.revision_ordinal 
_pdbx_audit_revision_category.data_content_type 
_pdbx_audit_revision_category.category 
1 3 'Structure model' chem_comp_atom                
2 3 'Structure model' chem_comp_bond                
3 3 'Structure model' database_2                    
4 3 'Structure model' pdbx_initial_refinement_model 
# 
loop_
_pdbx_audit_revision_item.ordinal 
_pdbx_audit_revision_item.revision_ordinal 
_pdbx_audit_revision_item.data_content_type 
_pdbx_audit_revision_item.item 
1 3 'Structure model' '_database_2.pdbx_DOI'                
2 3 'Structure model' '_database_2.pdbx_database_accession' 
# 
loop_
_software.citation_id 
_software.classification 
_software.compiler_name 
_software.compiler_version 
_software.contact_author 
_software.contact_author_email 
_software.date 
_software.description 
_software.dependencies 
_software.hardware 
_software.language 
_software.location 
_software.mods 
_software.name 
_software.os 
_software.os_version 
_software.type 
_software.version 
_software.pdbx_ordinal 
? refinement       ? ? ? ? ? ? ? ? ? ? ? REFMAC   ? ? ? 5.8.0135 1 
? 'data reduction' ? ? ? ? ? ? ? ? ? ? ? HKL-2000 ? ? ? .        2 
? 'data scaling'   ? ? ? ? ? ? ? ? ? ? ? HKL-2000 ? ? ? .        3 
? phasing          ? ? ? ? ? ? ? ? ? ? ? PHASER   ? ? ? .        4 
# 
_pdbx_validate_close_contact.id               1 
_pdbx_validate_close_contact.PDB_model_num    1 
_pdbx_validate_close_contact.auth_atom_id_1   O 
_pdbx_validate_close_contact.auth_asym_id_1   A 
_pdbx_validate_close_contact.auth_comp_id_1   HOH 
_pdbx_validate_close_contact.auth_seq_id_1    434 
_pdbx_validate_close_contact.PDB_ins_code_1   ? 
_pdbx_validate_close_contact.label_alt_id_1   ? 
_pdbx_validate_close_contact.auth_atom_id_2   O 
_pdbx_validate_close_contact.auth_asym_id_2   A 
_pdbx_validate_close_contact.auth_comp_id_2   HOH 
_pdbx_validate_close_contact.auth_seq_id_2    495 
_pdbx_validate_close_contact.PDB_ins_code_2   ? 
_pdbx_validate_close_contact.label_alt_id_2   ? 
_pdbx_validate_close_contact.dist             2.09 
# 
loop_
_pdbx_validate_torsion.id 
_pdbx_validate_torsion.PDB_model_num 
_pdbx_validate_torsion.auth_comp_id 
_pdbx_validate_torsion.auth_asym_id 
_pdbx_validate_torsion.auth_seq_id 
_pdbx_validate_torsion.PDB_ins_code 
_pdbx_validate_torsion.label_alt_id 
_pdbx_validate_torsion.phi 
_pdbx_validate_torsion.psi 
1 1 ASP A 51  ? ? -165.39 -151.80 
2 1 THR A 55  ? ? 77.27   -66.69  
3 1 TRP A 56  ? ? -105.52 77.17   
4 1 GLN A 57  ? ? 160.63  -60.25  
5 1 ASP A 67  ? ? -144.29 23.75   
6 1 ASP A 143 ? ? 59.58   -126.34 
# 
loop_
_pdbx_unobs_or_zero_occ_atoms.id 
_pdbx_unobs_or_zero_occ_atoms.PDB_model_num 
_pdbx_unobs_or_zero_occ_atoms.polymer_flag 
_pdbx_unobs_or_zero_occ_atoms.occupancy_flag 
_pdbx_unobs_or_zero_occ_atoms.auth_asym_id 
_pdbx_unobs_or_zero_occ_atoms.auth_comp_id 
_pdbx_unobs_or_zero_occ_atoms.auth_seq_id 
_pdbx_unobs_or_zero_occ_atoms.PDB_ins_code 
_pdbx_unobs_or_zero_occ_atoms.auth_atom_id 
_pdbx_unobs_or_zero_occ_atoms.label_alt_id 
_pdbx_unobs_or_zero_occ_atoms.label_asym_id 
_pdbx_unobs_or_zero_occ_atoms.label_comp_id 
_pdbx_unobs_or_zero_occ_atoms.label_seq_id 
_pdbx_unobs_or_zero_occ_atoms.label_atom_id 
1 1 Y 1 A LYS 212 ? CG ? A LYS 191 CG 
2 1 Y 1 A LYS 212 ? CD ? A LYS 191 CD 
3 1 Y 1 A LYS 212 ? CE ? A LYS 191 CE 
4 1 Y 1 A LYS 212 ? NZ ? A LYS 191 NZ 
# 
loop_
_pdbx_unobs_or_zero_occ_residues.id 
_pdbx_unobs_or_zero_occ_residues.PDB_model_num 
_pdbx_unobs_or_zero_occ_residues.polymer_flag 
_pdbx_unobs_or_zero_occ_residues.occupancy_flag 
_pdbx_unobs_or_zero_occ_residues.auth_asym_id 
_pdbx_unobs_or_zero_occ_residues.auth_comp_id 
_pdbx_unobs_or_zero_occ_residues.auth_seq_id 
_pdbx_unobs_or_zero_occ_residues.PDB_ins_code 
_pdbx_unobs_or_zero_occ_residues.label_asym_id 
_pdbx_unobs_or_zero_occ_residues.label_comp_id 
_pdbx_unobs_or_zero_occ_residues.label_seq_id 
1  1 Y 1 A MET 22  ? A MET 1   
2  1 Y 1 A GLU 23  ? A GLU 2   
3  1 Y 1 A SER 24  ? A SER 3   
4  1 Y 1 A ASN 25  ? A ASN 4   
5  1 Y 1 A GLN 26  ? A GLN 5   
6  1 Y 1 A GLU 27  ? A GLU 6   
7  1 Y 1 A VAL 28  ? A VAL 7   
8  1 Y 1 A ALA 29  ? A ALA 8   
9  1 Y 1 A ASN 30  ? A ASN 9   
10 1 Y 1 A PRO 31  ? A PRO 10  
11 1 Y 1 A SER 207 ? A SER 186 
12 1 Y 1 A GLY 208 ? A GLY 187 
13 1 Y 1 A SER 209 ? A SER 188 
14 1 Y 1 A THR 210 ? A THR 189 
# 
loop_
_chem_comp_atom.comp_id 
_chem_comp_atom.atom_id 
_chem_comp_atom.type_symbol 
_chem_comp_atom.pdbx_aromatic_flag 
_chem_comp_atom.pdbx_stereo_config 
_chem_comp_atom.pdbx_ordinal 
ALA N    N N N 1   
ALA CA   C N S 2   
ALA C    C N N 3   
ALA O    O N N 4   
ALA CB   C N N 5   
ALA OXT  O N N 6   
ALA H    H N N 7   
ALA H2   H N N 8   
ALA HA   H N N 9   
ALA HB1  H N N 10  
ALA HB2  H N N 11  
ALA HB3  H N N 12  
ALA HXT  H N N 13  
ARG N    N N N 14  
ARG CA   C N S 15  
ARG C    C N N 16  
ARG O    O N N 17  
ARG CB   C N N 18  
ARG CG   C N N 19  
ARG CD   C N N 20  
ARG NE   N N N 21  
ARG CZ   C N N 22  
ARG NH1  N N N 23  
ARG NH2  N N N 24  
ARG OXT  O N N 25  
ARG H    H N N 26  
ARG H2   H N N 27  
ARG HA   H N N 28  
ARG HB2  H N N 29  
ARG HB3  H N N 30  
ARG HG2  H N N 31  
ARG HG3  H N N 32  
ARG HD2  H N N 33  
ARG HD3  H N N 34  
ARG HE   H N N 35  
ARG HH11 H N N 36  
ARG HH12 H N N 37  
ARG HH21 H N N 38  
ARG HH22 H N N 39  
ARG HXT  H N N 40  
ASN N    N N N 41  
ASN CA   C N S 42  
ASN C    C N N 43  
ASN O    O N N 44  
ASN CB   C N N 45  
ASN CG   C N N 46  
ASN OD1  O N N 47  
ASN ND2  N N N 48  
ASN OXT  O N N 49  
ASN H    H N N 50  
ASN H2   H N N 51  
ASN HA   H N N 52  
ASN HB2  H N N 53  
ASN HB3  H N N 54  
ASN HD21 H N N 55  
ASN HD22 H N N 56  
ASN HXT  H N N 57  
ASP N    N N N 58  
ASP CA   C N S 59  
ASP C    C N N 60  
ASP O    O N N 61  
ASP CB   C N N 62  
ASP CG   C N N 63  
ASP OD1  O N N 64  
ASP OD2  O N N 65  
ASP OXT  O N N 66  
ASP H    H N N 67  
ASP H2   H N N 68  
ASP HA   H N N 69  
ASP HB2  H N N 70  
ASP HB3  H N N 71  
ASP HD2  H N N 72  
ASP HXT  H N N 73  
CYS N    N N N 74  
CYS CA   C N R 75  
CYS C    C N N 76  
CYS O    O N N 77  
CYS CB   C N N 78  
CYS SG   S N N 79  
CYS OXT  O N N 80  
CYS H    H N N 81  
CYS H2   H N N 82  
CYS HA   H N N 83  
CYS HB2  H N N 84  
CYS HB3  H N N 85  
CYS HG   H N N 86  
CYS HXT  H N N 87  
GLN N    N N N 88  
GLN CA   C N S 89  
GLN C    C N N 90  
GLN O    O N N 91  
GLN CB   C N N 92  
GLN CG   C N N 93  
GLN CD   C N N 94  
GLN OE1  O N N 95  
GLN NE2  N N N 96  
GLN OXT  O N N 97  
GLN H    H N N 98  
GLN H2   H N N 99  
GLN HA   H N N 100 
GLN HB2  H N N 101 
GLN HB3  H N N 102 
GLN HG2  H N N 103 
GLN HG3  H N N 104 
GLN HE21 H N N 105 
GLN HE22 H N N 106 
GLN HXT  H N N 107 
GLU N    N N N 108 
GLU CA   C N S 109 
GLU C    C N N 110 
GLU O    O N N 111 
GLU CB   C N N 112 
GLU CG   C N N 113 
GLU CD   C N N 114 
GLU OE1  O N N 115 
GLU OE2  O N N 116 
GLU OXT  O N N 117 
GLU H    H N N 118 
GLU H2   H N N 119 
GLU HA   H N N 120 
GLU HB2  H N N 121 
GLU HB3  H N N 122 
GLU HG2  H N N 123 
GLU HG3  H N N 124 
GLU HE2  H N N 125 
GLU HXT  H N N 126 
GLY N    N N N 127 
GLY CA   C N N 128 
GLY C    C N N 129 
GLY O    O N N 130 
GLY OXT  O N N 131 
GLY H    H N N 132 
GLY H2   H N N 133 
GLY HA2  H N N 134 
GLY HA3  H N N 135 
GLY HXT  H N N 136 
GOL C1   C N N 137 
GOL O1   O N N 138 
GOL C2   C N N 139 
GOL O2   O N N 140 
GOL C3   C N N 141 
GOL O3   O N N 142 
GOL H11  H N N 143 
GOL H12  H N N 144 
GOL HO1  H N N 145 
GOL H2   H N N 146 
GOL HO2  H N N 147 
GOL H31  H N N 148 
GOL H32  H N N 149 
GOL HO3  H N N 150 
HIS N    N N N 151 
HIS CA   C N S 152 
HIS C    C N N 153 
HIS O    O N N 154 
HIS CB   C N N 155 
HIS CG   C Y N 156 
HIS ND1  N Y N 157 
HIS CD2  C Y N 158 
HIS CE1  C Y N 159 
HIS NE2  N Y N 160 
HIS OXT  O N N 161 
HIS H    H N N 162 
HIS H2   H N N 163 
HIS HA   H N N 164 
HIS HB2  H N N 165 
HIS HB3  H N N 166 
HIS HD1  H N N 167 
HIS HD2  H N N 168 
HIS HE1  H N N 169 
HIS HE2  H N N 170 
HIS HXT  H N N 171 
HOH O    O N N 172 
HOH H1   H N N 173 
HOH H2   H N N 174 
ILE N    N N N 175 
ILE CA   C N S 176 
ILE C    C N N 177 
ILE O    O N N 178 
ILE CB   C N S 179 
ILE CG1  C N N 180 
ILE CG2  C N N 181 
ILE CD1  C N N 182 
ILE OXT  O N N 183 
ILE H    H N N 184 
ILE H2   H N N 185 
ILE HA   H N N 186 
ILE HB   H N N 187 
ILE HG12 H N N 188 
ILE HG13 H N N 189 
ILE HG21 H N N 190 
ILE HG22 H N N 191 
ILE HG23 H N N 192 
ILE HD11 H N N 193 
ILE HD12 H N N 194 
ILE HD13 H N N 195 
ILE HXT  H N N 196 
LEU N    N N N 197 
LEU CA   C N S 198 
LEU C    C N N 199 
LEU O    O N N 200 
LEU CB   C N N 201 
LEU CG   C N N 202 
LEU CD1  C N N 203 
LEU CD2  C N N 204 
LEU OXT  O N N 205 
LEU H    H N N 206 
LEU H2   H N N 207 
LEU HA   H N N 208 
LEU HB2  H N N 209 
LEU HB3  H N N 210 
LEU HG   H N N 211 
LEU HD11 H N N 212 
LEU HD12 H N N 213 
LEU HD13 H N N 214 
LEU HD21 H N N 215 
LEU HD22 H N N 216 
LEU HD23 H N N 217 
LEU HXT  H N N 218 
LYS N    N N N 219 
LYS CA   C N S 220 
LYS C    C N N 221 
LYS O    O N N 222 
LYS CB   C N N 223 
LYS CG   C N N 224 
LYS CD   C N N 225 
LYS CE   C N N 226 
LYS NZ   N N N 227 
LYS OXT  O N N 228 
LYS H    H N N 229 
LYS H2   H N N 230 
LYS HA   H N N 231 
LYS HB2  H N N 232 
LYS HB3  H N N 233 
LYS HG2  H N N 234 
LYS HG3  H N N 235 
LYS HD2  H N N 236 
LYS HD3  H N N 237 
LYS HE2  H N N 238 
LYS HE3  H N N 239 
LYS HZ1  H N N 240 
LYS HZ2  H N N 241 
LYS HZ3  H N N 242 
LYS HXT  H N N 243 
MET N    N N N 244 
MET CA   C N S 245 
MET C    C N N 246 
MET O    O N N 247 
MET CB   C N N 248 
MET CG   C N N 249 
MET SD   S N N 250 
MET CE   C N N 251 
MET OXT  O N N 252 
MET H    H N N 253 
MET H2   H N N 254 
MET HA   H N N 255 
MET HB2  H N N 256 
MET HB3  H N N 257 
MET HG2  H N N 258 
MET HG3  H N N 259 
MET HE1  H N N 260 
MET HE2  H N N 261 
MET HE3  H N N 262 
MET HXT  H N N 263 
PHE N    N N N 264 
PHE CA   C N S 265 
PHE C    C N N 266 
PHE O    O N N 267 
PHE CB   C N N 268 
PHE CG   C Y N 269 
PHE CD1  C Y N 270 
PHE CD2  C Y N 271 
PHE CE1  C Y N 272 
PHE CE2  C Y N 273 
PHE CZ   C Y N 274 
PHE OXT  O N N 275 
PHE H    H N N 276 
PHE H2   H N N 277 
PHE HA   H N N 278 
PHE HB2  H N N 279 
PHE HB3  H N N 280 
PHE HD1  H N N 281 
PHE HD2  H N N 282 
PHE HE1  H N N 283 
PHE HE2  H N N 284 
PHE HZ   H N N 285 
PHE HXT  H N N 286 
PRO N    N N N 287 
PRO CA   C N S 288 
PRO C    C N N 289 
PRO O    O N N 290 
PRO CB   C N N 291 
PRO CG   C N N 292 
PRO CD   C N N 293 
PRO OXT  O N N 294 
PRO H    H N N 295 
PRO HA   H N N 296 
PRO HB2  H N N 297 
PRO HB3  H N N 298 
PRO HG2  H N N 299 
PRO HG3  H N N 300 
PRO HD2  H N N 301 
PRO HD3  H N N 302 
PRO HXT  H N N 303 
SER N    N N N 304 
SER CA   C N S 305 
SER C    C N N 306 
SER O    O N N 307 
SER CB   C N N 308 
SER OG   O N N 309 
SER OXT  O N N 310 
SER H    H N N 311 
SER H2   H N N 312 
SER HA   H N N 313 
SER HB2  H N N 314 
SER HB3  H N N 315 
SER HG   H N N 316 
SER HXT  H N N 317 
THR N    N N N 318 
THR CA   C N S 319 
THR C    C N N 320 
THR O    O N N 321 
THR CB   C N R 322 
THR OG1  O N N 323 
THR CG2  C N N 324 
THR OXT  O N N 325 
THR H    H N N 326 
THR H2   H N N 327 
THR HA   H N N 328 
THR HB   H N N 329 
THR HG1  H N N 330 
THR HG21 H N N 331 
THR HG22 H N N 332 
THR HG23 H N N 333 
THR HXT  H N N 334 
TRP N    N N N 335 
TRP CA   C N S 336 
TRP C    C N N 337 
TRP O    O N N 338 
TRP CB   C N N 339 
TRP CG   C Y N 340 
TRP CD1  C Y N 341 
TRP CD2  C Y N 342 
TRP NE1  N Y N 343 
TRP CE2  C Y N 344 
TRP CE3  C Y N 345 
TRP CZ2  C Y N 346 
TRP CZ3  C Y N 347 
TRP CH2  C Y N 348 
TRP OXT  O N N 349 
TRP H    H N N 350 
TRP H2   H N N 351 
TRP HA   H N N 352 
TRP HB2  H N N 353 
TRP HB3  H N N 354 
TRP HD1  H N N 355 
TRP HE1  H N N 356 
TRP HE3  H N N 357 
TRP HZ2  H N N 358 
TRP HZ3  H N N 359 
TRP HH2  H N N 360 
TRP HXT  H N N 361 
TYR N    N N N 362 
TYR CA   C N S 363 
TYR C    C N N 364 
TYR O    O N N 365 
TYR CB   C N N 366 
TYR CG   C Y N 367 
TYR CD1  C Y N 368 
TYR CD2  C Y N 369 
TYR CE1  C Y N 370 
TYR CE2  C Y N 371 
TYR CZ   C Y N 372 
TYR OH   O N N 373 
TYR OXT  O N N 374 
TYR H    H N N 375 
TYR H2   H N N 376 
TYR HA   H N N 377 
TYR HB2  H N N 378 
TYR HB3  H N N 379 
TYR HD1  H N N 380 
TYR HD2  H N N 381 
TYR HE1  H N N 382 
TYR HE2  H N N 383 
TYR HH   H N N 384 
TYR HXT  H N N 385 
VAL N    N N N 386 
VAL CA   C N S 387 
VAL C    C N N 388 
VAL O    O N N 389 
VAL CB   C N N 390 
VAL CG1  C N N 391 
VAL CG2  C N N 392 
VAL OXT  O N N 393 
VAL H    H N N 394 
VAL H2   H N N 395 
VAL HA   H N N 396 
VAL HB   H N N 397 
VAL HG11 H N N 398 
VAL HG12 H N N 399 
VAL HG13 H N N 400 
VAL HG21 H N N 401 
VAL HG22 H N N 402 
VAL HG23 H N N 403 
VAL HXT  H N N 404 
# 
loop_
_chem_comp_bond.comp_id 
_chem_comp_bond.atom_id_1 
_chem_comp_bond.atom_id_2 
_chem_comp_bond.value_order 
_chem_comp_bond.pdbx_aromatic_flag 
_chem_comp_bond.pdbx_stereo_config 
_chem_comp_bond.pdbx_ordinal 
ALA N   CA   sing N N 1   
ALA N   H    sing N N 2   
ALA N   H2   sing N N 3   
ALA CA  C    sing N N 4   
ALA CA  CB   sing N N 5   
ALA CA  HA   sing N N 6   
ALA C   O    doub N N 7   
ALA C   OXT  sing N N 8   
ALA CB  HB1  sing N N 9   
ALA CB  HB2  sing N N 10  
ALA CB  HB3  sing N N 11  
ALA OXT HXT  sing N N 12  
ARG N   CA   sing N N 13  
ARG N   H    sing N N 14  
ARG N   H2   sing N N 15  
ARG CA  C    sing N N 16  
ARG CA  CB   sing N N 17  
ARG CA  HA   sing N N 18  
ARG C   O    doub N N 19  
ARG C   OXT  sing N N 20  
ARG CB  CG   sing N N 21  
ARG CB  HB2  sing N N 22  
ARG CB  HB3  sing N N 23  
ARG CG  CD   sing N N 24  
ARG CG  HG2  sing N N 25  
ARG CG  HG3  sing N N 26  
ARG CD  NE   sing N N 27  
ARG CD  HD2  sing N N 28  
ARG CD  HD3  sing N N 29  
ARG NE  CZ   sing N N 30  
ARG NE  HE   sing N N 31  
ARG CZ  NH1  sing N N 32  
ARG CZ  NH2  doub N N 33  
ARG NH1 HH11 sing N N 34  
ARG NH1 HH12 sing N N 35  
ARG NH2 HH21 sing N N 36  
ARG NH2 HH22 sing N N 37  
ARG OXT HXT  sing N N 38  
ASN N   CA   sing N N 39  
ASN N   H    sing N N 40  
ASN N   H2   sing N N 41  
ASN CA  C    sing N N 42  
ASN CA  CB   sing N N 43  
ASN CA  HA   sing N N 44  
ASN C   O    doub N N 45  
ASN C   OXT  sing N N 46  
ASN CB  CG   sing N N 47  
ASN CB  HB2  sing N N 48  
ASN CB  HB3  sing N N 49  
ASN CG  OD1  doub N N 50  
ASN CG  ND2  sing N N 51  
ASN ND2 HD21 sing N N 52  
ASN ND2 HD22 sing N N 53  
ASN OXT HXT  sing N N 54  
ASP N   CA   sing N N 55  
ASP N   H    sing N N 56  
ASP N   H2   sing N N 57  
ASP CA  C    sing N N 58  
ASP CA  CB   sing N N 59  
ASP CA  HA   sing N N 60  
ASP C   O    doub N N 61  
ASP C   OXT  sing N N 62  
ASP CB  CG   sing N N 63  
ASP CB  HB2  sing N N 64  
ASP CB  HB3  sing N N 65  
ASP CG  OD1  doub N N 66  
ASP CG  OD2  sing N N 67  
ASP OD2 HD2  sing N N 68  
ASP OXT HXT  sing N N 69  
CYS N   CA   sing N N 70  
CYS N   H    sing N N 71  
CYS N   H2   sing N N 72  
CYS CA  C    sing N N 73  
CYS CA  CB   sing N N 74  
CYS CA  HA   sing N N 75  
CYS C   O    doub N N 76  
CYS C   OXT  sing N N 77  
CYS CB  SG   sing N N 78  
CYS CB  HB2  sing N N 79  
CYS CB  HB3  sing N N 80  
CYS SG  HG   sing N N 81  
CYS OXT HXT  sing N N 82  
GLN N   CA   sing N N 83  
GLN N   H    sing N N 84  
GLN N   H2   sing N N 85  
GLN CA  C    sing N N 86  
GLN CA  CB   sing N N 87  
GLN CA  HA   sing N N 88  
GLN C   O    doub N N 89  
GLN C   OXT  sing N N 90  
GLN CB  CG   sing N N 91  
GLN CB  HB2  sing N N 92  
GLN CB  HB3  sing N N 93  
GLN CG  CD   sing N N 94  
GLN CG  HG2  sing N N 95  
GLN CG  HG3  sing N N 96  
GLN CD  OE1  doub N N 97  
GLN CD  NE2  sing N N 98  
GLN NE2 HE21 sing N N 99  
GLN NE2 HE22 sing N N 100 
GLN OXT HXT  sing N N 101 
GLU N   CA   sing N N 102 
GLU N   H    sing N N 103 
GLU N   H2   sing N N 104 
GLU CA  C    sing N N 105 
GLU CA  CB   sing N N 106 
GLU CA  HA   sing N N 107 
GLU C   O    doub N N 108 
GLU C   OXT  sing N N 109 
GLU CB  CG   sing N N 110 
GLU CB  HB2  sing N N 111 
GLU CB  HB3  sing N N 112 
GLU CG  CD   sing N N 113 
GLU CG  HG2  sing N N 114 
GLU CG  HG3  sing N N 115 
GLU CD  OE1  doub N N 116 
GLU CD  OE2  sing N N 117 
GLU OE2 HE2  sing N N 118 
GLU OXT HXT  sing N N 119 
GLY N   CA   sing N N 120 
GLY N   H    sing N N 121 
GLY N   H2   sing N N 122 
GLY CA  C    sing N N 123 
GLY CA  HA2  sing N N 124 
GLY CA  HA3  sing N N 125 
GLY C   O    doub N N 126 
GLY C   OXT  sing N N 127 
GLY OXT HXT  sing N N 128 
GOL C1  O1   sing N N 129 
GOL C1  C2   sing N N 130 
GOL C1  H11  sing N N 131 
GOL C1  H12  sing N N 132 
GOL O1  HO1  sing N N 133 
GOL C2  O2   sing N N 134 
GOL C2  C3   sing N N 135 
GOL C2  H2   sing N N 136 
GOL O2  HO2  sing N N 137 
GOL C3  O3   sing N N 138 
GOL C3  H31  sing N N 139 
GOL C3  H32  sing N N 140 
GOL O3  HO3  sing N N 141 
HIS N   CA   sing N N 142 
HIS N   H    sing N N 143 
HIS N   H2   sing N N 144 
HIS CA  C    sing N N 145 
HIS CA  CB   sing N N 146 
HIS CA  HA   sing N N 147 
HIS C   O    doub N N 148 
HIS C   OXT  sing N N 149 
HIS CB  CG   sing N N 150 
HIS CB  HB2  sing N N 151 
HIS CB  HB3  sing N N 152 
HIS CG  ND1  sing Y N 153 
HIS CG  CD2  doub Y N 154 
HIS ND1 CE1  doub Y N 155 
HIS ND1 HD1  sing N N 156 
HIS CD2 NE2  sing Y N 157 
HIS CD2 HD2  sing N N 158 
HIS CE1 NE2  sing Y N 159 
HIS CE1 HE1  sing N N 160 
HIS NE2 HE2  sing N N 161 
HIS OXT HXT  sing N N 162 
HOH O   H1   sing N N 163 
HOH O   H2   sing N N 164 
ILE N   CA   sing N N 165 
ILE N   H    sing N N 166 
ILE N   H2   sing N N 167 
ILE CA  C    sing N N 168 
ILE CA  CB   sing N N 169 
ILE CA  HA   sing N N 170 
ILE C   O    doub N N 171 
ILE C   OXT  sing N N 172 
ILE CB  CG1  sing N N 173 
ILE CB  CG2  sing N N 174 
ILE CB  HB   sing N N 175 
ILE CG1 CD1  sing N N 176 
ILE CG1 HG12 sing N N 177 
ILE CG1 HG13 sing N N 178 
ILE CG2 HG21 sing N N 179 
ILE CG2 HG22 sing N N 180 
ILE CG2 HG23 sing N N 181 
ILE CD1 HD11 sing N N 182 
ILE CD1 HD12 sing N N 183 
ILE CD1 HD13 sing N N 184 
ILE OXT HXT  sing N N 185 
LEU N   CA   sing N N 186 
LEU N   H    sing N N 187 
LEU N   H2   sing N N 188 
LEU CA  C    sing N N 189 
LEU CA  CB   sing N N 190 
LEU CA  HA   sing N N 191 
LEU C   O    doub N N 192 
LEU C   OXT  sing N N 193 
LEU CB  CG   sing N N 194 
LEU CB  HB2  sing N N 195 
LEU CB  HB3  sing N N 196 
LEU CG  CD1  sing N N 197 
LEU CG  CD2  sing N N 198 
LEU CG  HG   sing N N 199 
LEU CD1 HD11 sing N N 200 
LEU CD1 HD12 sing N N 201 
LEU CD1 HD13 sing N N 202 
LEU CD2 HD21 sing N N 203 
LEU CD2 HD22 sing N N 204 
LEU CD2 HD23 sing N N 205 
LEU OXT HXT  sing N N 206 
LYS N   CA   sing N N 207 
LYS N   H    sing N N 208 
LYS N   H2   sing N N 209 
LYS CA  C    sing N N 210 
LYS CA  CB   sing N N 211 
LYS CA  HA   sing N N 212 
LYS C   O    doub N N 213 
LYS C   OXT  sing N N 214 
LYS CB  CG   sing N N 215 
LYS CB  HB2  sing N N 216 
LYS CB  HB3  sing N N 217 
LYS CG  CD   sing N N 218 
LYS CG  HG2  sing N N 219 
LYS CG  HG3  sing N N 220 
LYS CD  CE   sing N N 221 
LYS CD  HD2  sing N N 222 
LYS CD  HD3  sing N N 223 
LYS CE  NZ   sing N N 224 
LYS CE  HE2  sing N N 225 
LYS CE  HE3  sing N N 226 
LYS NZ  HZ1  sing N N 227 
LYS NZ  HZ2  sing N N 228 
LYS NZ  HZ3  sing N N 229 
LYS OXT HXT  sing N N 230 
MET N   CA   sing N N 231 
MET N   H    sing N N 232 
MET N   H2   sing N N 233 
MET CA  C    sing N N 234 
MET CA  CB   sing N N 235 
MET CA  HA   sing N N 236 
MET C   O    doub N N 237 
MET C   OXT  sing N N 238 
MET CB  CG   sing N N 239 
MET CB  HB2  sing N N 240 
MET CB  HB3  sing N N 241 
MET CG  SD   sing N N 242 
MET CG  HG2  sing N N 243 
MET CG  HG3  sing N N 244 
MET SD  CE   sing N N 245 
MET CE  HE1  sing N N 246 
MET CE  HE2  sing N N 247 
MET CE  HE3  sing N N 248 
MET OXT HXT  sing N N 249 
PHE N   CA   sing N N 250 
PHE N   H    sing N N 251 
PHE N   H2   sing N N 252 
PHE CA  C    sing N N 253 
PHE CA  CB   sing N N 254 
PHE CA  HA   sing N N 255 
PHE C   O    doub N N 256 
PHE C   OXT  sing N N 257 
PHE CB  CG   sing N N 258 
PHE CB  HB2  sing N N 259 
PHE CB  HB3  sing N N 260 
PHE CG  CD1  doub Y N 261 
PHE CG  CD2  sing Y N 262 
PHE CD1 CE1  sing Y N 263 
PHE CD1 HD1  sing N N 264 
PHE CD2 CE2  doub Y N 265 
PHE CD2 HD2  sing N N 266 
PHE CE1 CZ   doub Y N 267 
PHE CE1 HE1  sing N N 268 
PHE CE2 CZ   sing Y N 269 
PHE CE2 HE2  sing N N 270 
PHE CZ  HZ   sing N N 271 
PHE OXT HXT  sing N N 272 
PRO N   CA   sing N N 273 
PRO N   CD   sing N N 274 
PRO N   H    sing N N 275 
PRO CA  C    sing N N 276 
PRO CA  CB   sing N N 277 
PRO CA  HA   sing N N 278 
PRO C   O    doub N N 279 
PRO C   OXT  sing N N 280 
PRO CB  CG   sing N N 281 
PRO CB  HB2  sing N N 282 
PRO CB  HB3  sing N N 283 
PRO CG  CD   sing N N 284 
PRO CG  HG2  sing N N 285 
PRO CG  HG3  sing N N 286 
PRO CD  HD2  sing N N 287 
PRO CD  HD3  sing N N 288 
PRO OXT HXT  sing N N 289 
SER N   CA   sing N N 290 
SER N   H    sing N N 291 
SER N   H2   sing N N 292 
SER CA  C    sing N N 293 
SER CA  CB   sing N N 294 
SER CA  HA   sing N N 295 
SER C   O    doub N N 296 
SER C   OXT  sing N N 297 
SER CB  OG   sing N N 298 
SER CB  HB2  sing N N 299 
SER CB  HB3  sing N N 300 
SER OG  HG   sing N N 301 
SER OXT HXT  sing N N 302 
THR N   CA   sing N N 303 
THR N   H    sing N N 304 
THR N   H2   sing N N 305 
THR CA  C    sing N N 306 
THR CA  CB   sing N N 307 
THR CA  HA   sing N N 308 
THR C   O    doub N N 309 
THR C   OXT  sing N N 310 
THR CB  OG1  sing N N 311 
THR CB  CG2  sing N N 312 
THR CB  HB   sing N N 313 
THR OG1 HG1  sing N N 314 
THR CG2 HG21 sing N N 315 
THR CG2 HG22 sing N N 316 
THR CG2 HG23 sing N N 317 
THR OXT HXT  sing N N 318 
TRP N   CA   sing N N 319 
TRP N   H    sing N N 320 
TRP N   H2   sing N N 321 
TRP CA  C    sing N N 322 
TRP CA  CB   sing N N 323 
TRP CA  HA   sing N N 324 
TRP C   O    doub N N 325 
TRP C   OXT  sing N N 326 
TRP CB  CG   sing N N 327 
TRP CB  HB2  sing N N 328 
TRP CB  HB3  sing N N 329 
TRP CG  CD1  doub Y N 330 
TRP CG  CD2  sing Y N 331 
TRP CD1 NE1  sing Y N 332 
TRP CD1 HD1  sing N N 333 
TRP CD2 CE2  doub Y N 334 
TRP CD2 CE3  sing Y N 335 
TRP NE1 CE2  sing Y N 336 
TRP NE1 HE1  sing N N 337 
TRP CE2 CZ2  sing Y N 338 
TRP CE3 CZ3  doub Y N 339 
TRP CE3 HE3  sing N N 340 
TRP CZ2 CH2  doub Y N 341 
TRP CZ2 HZ2  sing N N 342 
TRP CZ3 CH2  sing Y N 343 
TRP CZ3 HZ3  sing N N 344 
TRP CH2 HH2  sing N N 345 
TRP OXT HXT  sing N N 346 
TYR N   CA   sing N N 347 
TYR N   H    sing N N 348 
TYR N   H2   sing N N 349 
TYR CA  C    sing N N 350 
TYR CA  CB   sing N N 351 
TYR CA  HA   sing N N 352 
TYR C   O    doub N N 353 
TYR C   OXT  sing N N 354 
TYR CB  CG   sing N N 355 
TYR CB  HB2  sing N N 356 
TYR CB  HB3  sing N N 357 
TYR CG  CD1  doub Y N 358 
TYR CG  CD2  sing Y N 359 
TYR CD1 CE1  sing Y N 360 
TYR CD1 HD1  sing N N 361 
TYR CD2 CE2  doub Y N 362 
TYR CD2 HD2  sing N N 363 
TYR CE1 CZ   doub Y N 364 
TYR CE1 HE1  sing N N 365 
TYR CE2 CZ   sing Y N 366 
TYR CE2 HE2  sing N N 367 
TYR CZ  OH   sing N N 368 
TYR OH  HH   sing N N 369 
TYR OXT HXT  sing N N 370 
VAL N   CA   sing N N 371 
VAL N   H    sing N N 372 
VAL N   H2   sing N N 373 
VAL CA  C    sing N N 374 
VAL CA  CB   sing N N 375 
VAL CA  HA   sing N N 376 
VAL C   O    doub N N 377 
VAL C   OXT  sing N N 378 
VAL CB  CG1  sing N N 379 
VAL CB  CG2  sing N N 380 
VAL CB  HB   sing N N 381 
VAL CG1 HG11 sing N N 382 
VAL CG1 HG12 sing N N 383 
VAL CG1 HG13 sing N N 384 
VAL CG2 HG21 sing N N 385 
VAL CG2 HG22 sing N N 386 
VAL CG2 HG23 sing N N 387 
VAL OXT HXT  sing N N 388 
# 
loop_
_pdbx_entity_nonpoly.entity_id 
_pdbx_entity_nonpoly.name 
_pdbx_entity_nonpoly.comp_id 
2 GLYCEROL GOL 
3 water    HOH 
# 
_pdbx_initial_refinement_model.id               1 
_pdbx_initial_refinement_model.entity_id_list   ? 
_pdbx_initial_refinement_model.type             'experimental model' 
_pdbx_initial_refinement_model.source_name      PDB 
_pdbx_initial_refinement_model.accession_code   2W97 
_pdbx_initial_refinement_model.details          ? 
# 
